data_4D99
#
_entry.id   4D99
#
_cell.length_a   66.564
_cell.length_b   165.492
_cell.length_c   68.876
_cell.angle_alpha   90.00
_cell.angle_beta   119.34
_cell.angle_gamma   90.00
#
_symmetry.space_group_name_H-M   'P 1 21 1'
#
loop_
_entity.id
_entity.type
_entity.pdbx_description
1 polymer 'D-cysteine desulfhydrase'
2 non-polymer BENZAMIDINE
3 non-polymer SERINE
4 non-polymer 'SODIUM ION'
5 water water
#
_entity_poly.entity_id   1
_entity_poly.type   'polypeptide(L)'
_entity_poly.pdbx_seq_one_letter_code
;MRGSHHHHHHGMASMPLHHLTRFPRLEFIGAPTPLEYLPRLSDYLGREIYIKRDDVTPIAMGGN(LLP)LRKLEFLVADA
LREGADTLITAGAIQSNHVRQTAAVAAKLGLHCVALLENPIGTTAENYLTNGNRLLLDLFNTQIEMCDALTDPDAQLQTL
ATRIEAQGFRPYVIPVGGSSALGAMGYVESALEIAQQCEEVVGLSSVVVASGSAGTHAGLAVGLEHLMPDVELIGVTVSR
SVAEQKPKVIALQQAIAGQLALTATADIHLWDDYFAPGYGVPNDAGMEAVKLLASLEGVLLDPVYTGKAMAGLIDGISQK
RFNDDGPILFIHTGGAPALFAYHPHV
;
_entity_poly.pdbx_strand_id   A,B,C,D
#
# COMPACT_ATOMS: atom_id res chain seq x y z
N MET A 15 -19.83 -27.74 -34.93
CA MET A 15 -20.12 -28.98 -34.15
C MET A 15 -18.87 -29.66 -33.56
N PRO A 16 -17.76 -29.74 -34.34
CA PRO A 16 -16.63 -30.57 -33.89
C PRO A 16 -16.07 -30.19 -32.52
N LEU A 17 -16.22 -28.92 -32.14
CA LEU A 17 -15.66 -28.41 -30.89
C LEU A 17 -16.63 -28.44 -29.70
N HIS A 18 -17.70 -29.21 -29.80
CA HIS A 18 -18.77 -29.21 -28.78
C HIS A 18 -18.35 -29.68 -27.40
N HIS A 19 -17.30 -30.51 -27.32
CA HIS A 19 -16.77 -30.97 -26.03
C HIS A 19 -16.21 -29.86 -25.16
N LEU A 20 -16.05 -28.67 -25.74
CA LEU A 20 -15.62 -27.49 -24.98
C LEU A 20 -16.60 -27.14 -23.86
N THR A 21 -17.90 -27.32 -24.14
CA THR A 21 -18.96 -27.06 -23.17
C THR A 21 -18.77 -27.82 -21.86
N ARG A 22 -18.08 -28.96 -21.95
CA ARG A 22 -17.82 -29.82 -20.79
C ARG A 22 -16.97 -29.16 -19.71
N PHE A 23 -16.10 -28.25 -20.11
CA PHE A 23 -15.22 -27.57 -19.15
C PHE A 23 -15.91 -26.39 -18.48
N PRO A 24 -15.92 -26.36 -17.13
CA PRO A 24 -16.45 -25.17 -16.46
C PRO A 24 -15.56 -23.97 -16.78
N ARG A 25 -16.17 -22.80 -16.88
CA ARG A 25 -15.46 -21.60 -17.25
C ARG A 25 -16.12 -20.37 -16.63
N LEU A 26 -15.29 -19.40 -16.25
CA LEU A 26 -15.80 -18.14 -15.74
C LEU A 26 -15.98 -17.16 -16.89
N GLU A 27 -16.76 -16.12 -16.64
CA GLU A 27 -17.00 -15.09 -17.64
C GLU A 27 -16.17 -13.86 -17.26
N PHE A 28 -15.03 -13.69 -17.91
CA PHE A 28 -14.17 -12.52 -17.72
C PHE A 28 -14.23 -11.60 -18.92
N ILE A 29 -14.47 -12.18 -20.09
CA ILE A 29 -14.45 -11.43 -21.34
C ILE A 29 -15.82 -10.84 -21.67
N GLY A 30 -16.84 -11.70 -21.71
CA GLY A 30 -18.17 -11.29 -22.14
C GLY A 30 -18.30 -11.45 -23.64
N ALA A 31 -18.60 -10.35 -24.32
CA ALA A 31 -18.78 -10.34 -25.77
C ALA A 31 -17.54 -10.81 -26.55
N PRO A 32 -17.72 -11.32 -27.78
CA PRO A 32 -16.56 -11.57 -28.63
C PRO A 32 -15.77 -10.28 -28.79
N THR A 33 -14.45 -10.36 -28.69
CA THR A 33 -13.60 -9.19 -28.88
C THR A 33 -13.65 -8.75 -30.34
N PRO A 34 -13.42 -7.45 -30.62
CA PRO A 34 -13.54 -6.99 -32.01
C PRO A 34 -12.57 -7.67 -32.97
N LEU A 35 -13.02 -7.80 -34.21
CA LEU A 35 -12.17 -8.22 -35.33
C LEU A 35 -12.29 -7.12 -36.37
N GLU A 36 -11.21 -6.36 -36.55
CA GLU A 36 -11.24 -5.11 -37.31
C GLU A 36 -10.34 -5.18 -38.54
N TYR A 37 -10.76 -4.48 -39.60
CA TYR A 37 -9.91 -4.29 -40.78
C TYR A 37 -8.92 -3.18 -40.45
N LEU A 38 -7.72 -3.27 -41.00
CA LEU A 38 -6.73 -2.20 -40.81
C LEU A 38 -6.40 -1.51 -42.13
N PRO A 39 -7.23 -0.51 -42.53
CA PRO A 39 -7.12 0.05 -43.88
C PRO A 39 -5.83 0.81 -44.16
N ARG A 40 -5.30 1.52 -43.17
CA ARG A 40 -4.07 2.29 -43.37
C ARG A 40 -2.85 1.36 -43.39
N LEU A 41 -2.78 0.42 -42.45
CA LEU A 41 -1.71 -0.58 -42.47
C LEU A 41 -1.75 -1.42 -43.76
N SER A 42 -2.96 -1.80 -44.18
CA SER A 42 -3.16 -2.58 -45.41
C SER A 42 -2.68 -1.82 -46.65
N ASP A 43 -3.04 -0.55 -46.71
CA ASP A 43 -2.56 0.34 -47.77
C ASP A 43 -1.03 0.39 -47.83
N TYR A 44 -0.37 0.47 -46.67
CA TYR A 44 1.09 0.57 -46.63
C TYR A 44 1.77 -0.74 -47.04
N LEU A 45 1.21 -1.87 -46.59
CA LEU A 45 1.83 -3.18 -46.77
C LEU A 45 1.48 -3.85 -48.09
N GLY A 46 0.41 -3.37 -48.72
CA GLY A 46 -0.04 -3.88 -50.01
C GLY A 46 -0.81 -5.17 -49.96
N ARG A 47 -1.49 -5.40 -48.84
CA ARG A 47 -2.10 -6.69 -48.51
C ARG A 47 -3.20 -6.39 -47.49
N GLU A 48 -4.32 -7.11 -47.55
CA GLU A 48 -5.40 -6.93 -46.58
C GLU A 48 -5.02 -7.48 -45.19
N ILE A 49 -4.94 -6.59 -44.21
CA ILE A 49 -4.64 -6.97 -42.83
C ILE A 49 -5.84 -6.73 -41.93
N TYR A 50 -6.24 -7.78 -41.21
CA TYR A 50 -7.25 -7.66 -40.16
C TYR A 50 -6.60 -7.92 -38.81
N ILE A 51 -7.28 -7.52 -37.73
CA ILE A 51 -6.74 -7.64 -36.38
C ILE A 51 -7.81 -8.16 -35.41
N LYS A 52 -7.45 -9.18 -34.63
CA LYS A 52 -8.31 -9.73 -33.61
C LYS A 52 -7.89 -9.10 -32.30
N ARG A 53 -8.79 -8.32 -31.71
CA ARG A 53 -8.45 -7.45 -30.61
C ARG A 53 -8.59 -8.09 -29.24
N ASP A 54 -7.77 -9.11 -28.98
CA ASP A 54 -7.76 -9.72 -27.66
C ASP A 54 -7.03 -8.86 -26.65
N ASP A 55 -6.57 -7.70 -27.10
CA ASP A 55 -5.99 -6.70 -26.20
C ASP A 55 -7.07 -5.85 -25.52
N VAL A 56 -8.30 -5.97 -25.98
CA VAL A 56 -9.39 -5.17 -25.42
C VAL A 56 -10.28 -6.06 -24.58
N THR A 57 -9.91 -6.20 -23.32
CA THR A 57 -10.73 -6.95 -22.38
C THR A 57 -11.04 -6.03 -21.19
N PRO A 58 -12.10 -6.33 -20.43
CA PRO A 58 -12.49 -5.46 -19.32
C PRO A 58 -11.53 -5.53 -18.13
N ILE A 59 -10.80 -6.64 -18.00
CA ILE A 59 -9.97 -6.83 -16.81
C ILE A 59 -8.53 -6.32 -16.92
N ALA A 60 -8.22 -5.35 -16.07
CA ALA A 60 -6.86 -4.81 -15.86
C ALA A 60 -5.98 -4.75 -17.11
N MET A 61 -6.46 -3.99 -18.10
CA MET A 61 -5.73 -3.66 -19.33
C MET A 61 -5.63 -4.78 -20.35
N GLY A 62 -6.33 -5.87 -20.10
CA GLY A 62 -6.57 -6.91 -21.11
C GLY A 62 -5.42 -7.81 -21.48
N GLY A 63 -5.67 -8.67 -22.47
CA GLY A 63 -4.64 -9.55 -22.99
C GLY A 63 -5.16 -10.96 -23.23
N ASN A 64 -4.37 -11.74 -23.95
CA ASN A 64 -4.71 -13.12 -24.26
C ASN A 64 -4.85 -14.02 -23.03
N LEU A 66 -6.19 -13.64 -20.27
CA LEU A 66 -7.54 -13.66 -19.71
C LEU A 66 -8.43 -14.79 -20.24
N ARG A 67 -8.28 -15.16 -21.51
CA ARG A 67 -9.05 -16.29 -22.08
C ARG A 67 -8.67 -17.63 -21.41
N LYS A 68 -7.39 -17.80 -21.12
CA LYS A 68 -6.90 -19.00 -20.44
C LYS A 68 -7.38 -19.05 -19.00
N LEU A 69 -7.40 -17.88 -18.34
CA LEU A 69 -7.74 -17.77 -16.94
C LEU A 69 -9.19 -18.14 -16.64
N GLU A 70 -10.09 -17.83 -17.59
CA GLU A 70 -11.50 -18.26 -17.53
C GLU A 70 -11.64 -19.76 -17.23
N PHE A 71 -10.77 -20.56 -17.84
CA PHE A 71 -10.79 -22.01 -17.65
C PHE A 71 -9.99 -22.41 -16.41
N LEU A 72 -8.80 -21.87 -16.27
CA LEU A 72 -7.91 -22.20 -15.14
C LEU A 72 -8.51 -21.85 -13.78
N VAL A 73 -9.05 -20.65 -13.65
CA VAL A 73 -9.59 -20.19 -12.37
C VAL A 73 -10.92 -20.89 -12.03
N ALA A 74 -11.68 -21.27 -13.06
CA ALA A 74 -12.88 -22.08 -12.84
C ALA A 74 -12.48 -23.42 -12.24
N ASP A 75 -11.37 -23.96 -12.74
CA ASP A 75 -10.81 -25.22 -12.26
C ASP A 75 -10.33 -25.11 -10.81
N ALA A 76 -9.70 -23.97 -10.50
CA ALA A 76 -9.25 -23.67 -9.15
C ALA A 76 -10.42 -23.62 -8.17
N LEU A 77 -11.49 -22.93 -8.56
CA LEU A 77 -12.71 -22.84 -7.74
C LEU A 77 -13.34 -24.22 -7.51
N ARG A 78 -13.52 -24.97 -8.59
CA ARG A 78 -14.02 -26.35 -8.48
C ARG A 78 -13.21 -27.15 -7.46
N GLU A 79 -11.90 -26.91 -7.42
CA GLU A 79 -11.00 -27.58 -6.47
C GLU A 79 -11.04 -27.02 -5.04
N GLY A 80 -11.77 -25.94 -4.82
CA GLY A 80 -11.81 -25.30 -3.50
C GLY A 80 -10.56 -24.50 -3.14
N ALA A 81 -9.76 -24.16 -4.15
CA ALA A 81 -8.57 -23.34 -3.97
C ALA A 81 -8.90 -21.91 -3.58
N ASP A 82 -8.01 -21.30 -2.79
CA ASP A 82 -8.21 -19.92 -2.31
C ASP A 82 -7.00 -19.05 -2.67
N THR A 83 -6.04 -19.66 -3.37
CA THR A 83 -4.79 -19.00 -3.68
C THR A 83 -4.31 -19.40 -5.08
N LEU A 84 -4.03 -18.41 -5.90
CA LEU A 84 -3.44 -18.65 -7.21
C LEU A 84 -1.94 -18.41 -7.16
N ILE A 85 -1.18 -19.39 -7.61
CA ILE A 85 0.26 -19.25 -7.68
C ILE A 85 0.70 -19.41 -9.11
N THR A 86 1.54 -18.48 -9.55
CA THR A 86 2.09 -18.51 -10.89
C THR A 86 3.49 -17.89 -10.94
N ALA A 87 4.08 -17.89 -12.13
CA ALA A 87 5.44 -17.41 -12.33
C ALA A 87 5.57 -16.60 -13.61
N GLY A 88 6.63 -15.80 -13.72
CA GLY A 88 6.90 -15.04 -14.94
C GLY A 88 7.99 -14.01 -14.76
N ALA A 89 8.26 -13.27 -15.83
CA ALA A 89 9.17 -12.14 -15.79
C ALA A 89 8.54 -11.07 -14.93
N ILE A 90 9.36 -10.14 -14.43
CA ILE A 90 8.86 -9.00 -13.67
C ILE A 90 7.78 -8.27 -14.47
N GLN A 91 7.98 -8.16 -15.78
CA GLN A 91 7.03 -7.46 -16.65
C GLN A 91 5.99 -8.35 -17.34
N SER A 92 5.79 -9.54 -16.79
CA SER A 92 4.85 -10.52 -17.32
C SER A 92 3.40 -10.01 -17.34
N ASN A 93 2.74 -10.13 -18.49
CA ASN A 93 1.33 -9.79 -18.60
C ASN A 93 0.48 -10.85 -17.94
N HIS A 94 0.91 -12.10 -18.04
CA HIS A 94 0.22 -13.21 -17.38
C HIS A 94 0.08 -12.99 -15.91
N VAL A 95 1.18 -12.65 -15.24
CA VAL A 95 1.17 -12.44 -13.79
C VAL A 95 0.18 -11.31 -13.44
N ARG A 96 0.25 -10.21 -14.19
CA ARG A 96 -0.61 -9.04 -13.99
C ARG A 96 -2.10 -9.39 -14.12
N GLN A 97 -2.44 -10.18 -15.14
CA GLN A 97 -3.84 -10.61 -15.36
C GLN A 97 -4.30 -11.64 -14.31
N THR A 98 -3.40 -12.55 -13.93
CA THR A 98 -3.67 -13.52 -12.86
C THR A 98 -3.96 -12.80 -11.54
N ALA A 99 -3.12 -11.81 -11.22
CA ALA A 99 -3.28 -11.01 -10.01
C ALA A 99 -4.56 -10.19 -10.01
N ALA A 100 -4.91 -9.62 -11.16
CA ALA A 100 -6.13 -8.84 -11.29
C ALA A 100 -7.35 -9.73 -11.02
N VAL A 101 -7.35 -10.90 -11.65
CA VAL A 101 -8.42 -11.89 -11.49
C VAL A 101 -8.54 -12.38 -10.04
N ALA A 102 -7.40 -12.64 -9.41
CA ALA A 102 -7.35 -13.05 -8.01
C ALA A 102 -7.97 -11.97 -7.11
N ALA A 103 -7.58 -10.71 -7.32
CA ALA A 103 -8.15 -9.60 -6.58
C ALA A 103 -9.67 -9.59 -6.74
N LYS A 104 -10.13 -9.58 -7.98
CA LYS A 104 -11.57 -9.55 -8.33
C LYS A 104 -12.38 -10.65 -7.65
N LEU A 105 -11.79 -11.82 -7.50
CA LEU A 105 -12.51 -12.95 -6.92
C LEU A 105 -12.25 -13.14 -5.43
N GLY A 106 -11.41 -12.28 -4.85
CA GLY A 106 -11.01 -12.42 -3.45
C GLY A 106 -10.13 -13.63 -3.19
N LEU A 107 -9.36 -14.03 -4.19
CA LEU A 107 -8.36 -15.08 -4.02
C LEU A 107 -7.02 -14.45 -3.68
N HIS A 108 -6.21 -15.15 -2.87
CA HIS A 108 -4.82 -14.74 -2.66
C HIS A 108 -4.04 -15.04 -3.92
N CYS A 109 -2.92 -14.32 -4.10
CA CYS A 109 -2.07 -14.52 -5.27
C CYS A 109 -0.58 -14.40 -4.89
N VAL A 110 0.18 -15.42 -5.27
CA VAL A 110 1.63 -15.43 -5.05
C VAL A 110 2.33 -15.56 -6.40
N ALA A 111 3.28 -14.67 -6.65
CA ALA A 111 3.97 -14.64 -7.93
C ALA A 111 5.46 -14.81 -7.76
N LEU A 112 5.98 -15.78 -8.47
CA LEU A 112 7.41 -16.00 -8.54
C LEU A 112 7.93 -15.24 -9.76
N LEU A 113 8.73 -14.20 -9.51
CA LEU A 113 9.21 -13.35 -10.60
C LEU A 113 10.72 -13.48 -10.83
N GLU A 114 11.11 -13.32 -12.10
CA GLU A 114 12.52 -13.25 -12.48
C GLU A 114 12.81 -12.00 -13.31
N ASN A 115 14.06 -11.59 -13.32
CA ASN A 115 14.53 -10.57 -14.24
C ASN A 115 15.18 -11.28 -15.42
N PRO A 116 14.46 -11.38 -16.55
CA PRO A 116 14.98 -12.19 -17.65
C PRO A 116 16.14 -11.53 -18.43
N ILE A 117 16.32 -10.22 -18.27
CA ILE A 117 17.27 -9.49 -19.11
C ILE A 117 18.41 -8.83 -18.34
N GLY A 118 18.42 -9.01 -17.02
CA GLY A 118 19.49 -8.47 -16.16
C GLY A 118 19.58 -6.96 -16.16
N THR A 119 18.45 -6.29 -16.38
CA THR A 119 18.39 -4.83 -16.40
C THR A 119 18.35 -4.26 -14.99
N THR A 120 18.89 -3.05 -14.84
CA THR A 120 18.75 -2.29 -13.61
C THR A 120 17.90 -1.04 -13.84
N ALA A 121 17.30 -0.94 -15.03
CA ALA A 121 16.43 0.20 -15.34
C ALA A 121 15.25 0.26 -14.36
N GLU A 122 15.06 1.42 -13.72
CA GLU A 122 14.05 1.54 -12.67
C GLU A 122 12.60 1.37 -13.16
N ASN A 123 12.32 1.80 -14.40
CA ASN A 123 10.98 1.60 -14.94
C ASN A 123 10.67 0.12 -15.22
N TYR A 124 11.69 -0.65 -15.60
CA TYR A 124 11.50 -2.07 -15.77
C TYR A 124 11.31 -2.75 -14.43
N LEU A 125 12.11 -2.35 -13.44
CA LEU A 125 12.01 -2.95 -12.11
C LEU A 125 10.72 -2.60 -11.37
N THR A 126 10.16 -1.41 -11.63
CA THR A 126 9.07 -0.91 -10.78
C THR A 126 7.82 -0.37 -11.47
N ASN A 127 7.91 -0.07 -12.77
CA ASN A 127 6.77 0.52 -13.49
C ASN A 127 5.98 -0.56 -14.26
N GLY A 128 5.03 -0.14 -15.09
CA GLY A 128 4.27 -1.04 -15.94
C GLY A 128 3.52 -2.11 -15.17
N ASN A 129 3.64 -3.35 -15.66
CA ASN A 129 2.97 -4.50 -15.07
C ASN A 129 3.33 -4.71 -13.59
N ARG A 130 4.60 -4.55 -13.27
CA ARG A 130 5.10 -4.69 -11.89
C ARG A 130 4.43 -3.72 -10.92
N LEU A 131 4.22 -2.49 -11.37
CA LEU A 131 3.48 -1.49 -10.61
C LEU A 131 2.09 -1.99 -10.27
N LEU A 132 1.39 -2.52 -11.28
CA LEU A 132 0.01 -3.00 -11.11
C LEU A 132 -0.08 -4.15 -10.11
N LEU A 133 0.95 -4.99 -10.07
CA LEU A 133 0.99 -6.09 -9.13
C LEU A 133 0.80 -5.64 -7.67
N ASP A 134 1.44 -4.53 -7.29
CA ASP A 134 1.31 -4.01 -5.93
C ASP A 134 -0.09 -3.50 -5.67
N LEU A 135 -0.72 -2.93 -6.71
CA LEU A 135 -2.10 -2.48 -6.58
C LEU A 135 -3.05 -3.63 -6.30
N PHE A 136 -2.74 -4.80 -6.84
CA PHE A 136 -3.53 -6.01 -6.59
C PHE A 136 -3.15 -6.79 -5.33
N ASN A 137 -2.28 -6.24 -4.50
CA ASN A 137 -1.80 -6.93 -3.29
C ASN A 137 -1.21 -8.30 -3.58
N THR A 138 -0.48 -8.41 -4.69
CA THR A 138 0.17 -9.67 -5.02
C THR A 138 1.33 -9.88 -4.06
N GLN A 139 1.43 -11.08 -3.48
CA GLN A 139 2.62 -11.43 -2.75
C GLN A 139 3.70 -11.79 -3.77
N ILE A 140 4.85 -11.12 -3.68
CA ILE A 140 5.91 -11.25 -4.67
C ILE A 140 7.09 -12.05 -4.11
N GLU A 141 7.50 -13.07 -4.85
CA GLU A 141 8.63 -13.88 -4.48
C GLU A 141 9.63 -13.74 -5.63
N MET A 142 10.78 -13.12 -5.36
CA MET A 142 11.81 -13.02 -6.38
C MET A 142 12.60 -14.31 -6.49
N CYS A 143 13.16 -14.58 -7.66
CA CYS A 143 14.13 -15.65 -7.84
C CYS A 143 15.18 -15.24 -8.86
N ASP A 144 16.35 -15.85 -8.76
CA ASP A 144 17.48 -15.56 -9.62
C ASP A 144 17.17 -15.83 -11.08
N ALA A 145 16.50 -16.96 -11.34
CA ALA A 145 16.10 -17.37 -12.68
C ALA A 145 15.09 -18.48 -12.59
N LEU A 146 14.08 -18.44 -13.48
CA LEU A 146 13.16 -19.57 -13.62
C LEU A 146 13.82 -20.66 -14.45
N THR A 147 14.75 -21.39 -13.82
CA THR A 147 15.46 -22.51 -14.47
C THR A 147 14.58 -23.75 -14.62
N ASP A 148 13.74 -24.00 -13.63
CA ASP A 148 12.78 -25.10 -13.67
C ASP A 148 11.44 -24.63 -13.09
N PRO A 149 10.65 -23.89 -13.90
CA PRO A 149 9.44 -23.20 -13.41
C PRO A 149 8.45 -24.11 -12.71
N ASP A 150 8.19 -25.29 -13.27
CA ASP A 150 7.24 -26.23 -12.67
C ASP A 150 7.68 -26.70 -11.28
N ALA A 151 8.98 -26.97 -11.15
CA ALA A 151 9.56 -27.43 -9.88
C ALA A 151 9.58 -26.31 -8.84
N GLN A 152 9.97 -25.11 -9.29
CA GLN A 152 10.06 -23.94 -8.43
C GLN A 152 8.67 -23.48 -7.97
N LEU A 153 7.68 -23.60 -8.85
CA LEU A 153 6.28 -23.31 -8.51
C LEU A 153 5.76 -24.29 -7.45
N GLN A 154 6.11 -25.57 -7.62
CA GLN A 154 5.72 -26.61 -6.68
C GLN A 154 6.30 -26.35 -5.27
N THR A 155 7.60 -26.09 -5.22
CA THR A 155 8.29 -25.80 -3.96
C THR A 155 7.64 -24.62 -3.23
N LEU A 156 7.28 -23.59 -4.00
CA LEU A 156 6.61 -22.43 -3.46
C LEU A 156 5.20 -22.78 -2.96
N ALA A 157 4.49 -23.62 -3.71
CA ALA A 157 3.15 -24.10 -3.29
C ALA A 157 3.18 -24.87 -1.98
N THR A 158 4.25 -25.62 -1.74
CA THR A 158 4.42 -26.35 -0.47
C THR A 158 4.55 -25.40 0.74
N ARG A 159 5.37 -24.35 0.61
CA ARG A 159 5.46 -23.32 1.65
C ARG A 159 4.11 -22.68 1.92
N ILE A 160 3.43 -22.29 0.84
CA ILE A 160 2.13 -21.62 0.91
C ILE A 160 1.09 -22.51 1.57
N GLU A 161 1.13 -23.79 1.25
CA GLU A 161 0.23 -24.78 1.82
C GLU A 161 0.46 -24.96 3.34
N ALA A 162 1.72 -24.90 3.77
CA ALA A 162 2.07 -24.99 5.20
C ALA A 162 1.46 -23.86 6.03
N GLN A 163 1.19 -22.72 5.38
CA GLN A 163 0.53 -21.60 6.04
C GLN A 163 -0.97 -21.85 6.17
N GLY A 164 -1.46 -22.92 5.52
CA GLY A 164 -2.87 -23.26 5.59
C GLY A 164 -3.67 -22.82 4.38
N PHE A 165 -3.02 -22.12 3.45
CA PHE A 165 -3.64 -21.71 2.19
C PHE A 165 -3.92 -22.95 1.32
N ARG A 166 -4.88 -22.83 0.42
CA ARG A 166 -5.20 -23.89 -0.53
C ARG A 166 -4.84 -23.43 -1.94
N PRO A 167 -3.59 -23.69 -2.36
CA PRO A 167 -3.04 -23.10 -3.58
C PRO A 167 -3.44 -23.82 -4.87
N TYR A 168 -3.57 -23.06 -5.96
CA TYR A 168 -3.72 -23.63 -7.29
C TYR A 168 -2.58 -23.09 -8.15
N VAL A 169 -1.73 -24.00 -8.60
CA VAL A 169 -0.57 -23.63 -9.39
C VAL A 169 -0.94 -23.45 -10.86
N ILE A 170 -0.65 -22.26 -11.39
CA ILE A 170 -0.82 -21.97 -12.81
C ILE A 170 0.57 -21.88 -13.44
N PRO A 171 0.85 -22.74 -14.43
CA PRO A 171 2.16 -22.70 -15.10
C PRO A 171 2.41 -21.37 -15.83
N VAL A 172 3.67 -21.11 -16.14
CA VAL A 172 4.09 -19.94 -16.89
C VAL A 172 3.14 -19.75 -18.09
N GLY A 173 2.69 -18.51 -18.27
CA GLY A 173 1.82 -18.14 -19.38
C GLY A 173 0.41 -18.69 -19.33
N GLY A 174 0.07 -19.43 -18.27
CA GLY A 174 -1.20 -20.15 -18.20
C GLY A 174 -1.31 -21.27 -19.24
N SER A 175 -0.17 -21.67 -19.80
CA SER A 175 -0.17 -22.64 -20.87
C SER A 175 -0.17 -24.12 -20.43
N SER A 176 -1.35 -24.56 -20.02
CA SER A 176 -1.65 -25.99 -19.93
C SER A 176 -2.70 -26.26 -21.01
N ALA A 177 -2.99 -27.52 -21.26
CA ALA A 177 -4.04 -27.88 -22.23
C ALA A 177 -5.38 -27.23 -21.86
N LEU A 178 -5.69 -27.18 -20.56
CA LEU A 178 -6.91 -26.55 -20.08
C LEU A 178 -6.90 -25.04 -20.32
N GLY A 179 -5.80 -24.39 -19.96
CA GLY A 179 -5.67 -22.95 -20.22
C GLY A 179 -5.89 -22.67 -21.71
N ALA A 180 -5.31 -23.54 -22.53
CA ALA A 180 -5.34 -23.39 -23.99
C ALA A 180 -6.76 -23.45 -24.61
N MET A 181 -7.71 -24.02 -23.88
CA MET A 181 -9.11 -24.08 -24.35
C MET A 181 -9.69 -22.70 -24.63
N GLY A 182 -9.18 -21.69 -23.92
CA GLY A 182 -9.54 -20.30 -24.19
C GLY A 182 -9.27 -19.90 -25.63
N TYR A 183 -8.17 -20.39 -26.21
CA TYR A 183 -7.85 -20.09 -27.61
C TYR A 183 -8.50 -20.99 -28.66
N VAL A 184 -8.94 -22.18 -28.23
CA VAL A 184 -9.81 -23.01 -29.04
C VAL A 184 -11.12 -22.24 -29.20
N GLU A 185 -11.58 -21.68 -28.09
CA GLU A 185 -12.79 -20.86 -28.03
C GLU A 185 -12.69 -19.61 -28.93
N SER A 186 -11.53 -18.97 -28.90
CA SER A 186 -11.27 -17.76 -29.70
C SER A 186 -11.35 -18.07 -31.20
N ALA A 187 -10.86 -19.24 -31.59
CA ALA A 187 -10.93 -19.70 -32.97
C ALA A 187 -12.38 -19.78 -33.46
N LEU A 188 -13.26 -20.27 -32.58
CA LEU A 188 -14.70 -20.30 -32.86
C LEU A 188 -15.27 -18.89 -33.13
N GLU A 189 -14.86 -17.91 -32.33
CA GLU A 189 -15.23 -16.50 -32.57
C GLU A 189 -14.74 -16.03 -33.93
N ILE A 190 -13.45 -16.27 -34.19
CA ILE A 190 -12.80 -15.86 -35.42
C ILE A 190 -13.52 -16.42 -36.66
N ALA A 191 -13.82 -17.71 -36.65
CA ALA A 191 -14.56 -18.32 -37.76
C ALA A 191 -15.92 -17.65 -37.97
N GLN A 192 -16.65 -17.43 -36.87
CA GLN A 192 -17.96 -16.79 -36.90
C GLN A 192 -17.89 -15.37 -37.47
N GLN A 193 -16.93 -14.59 -36.95
CA GLN A 193 -16.75 -13.20 -37.35
C GLN A 193 -16.29 -13.04 -38.80
N CYS A 194 -15.53 -14.01 -39.31
CA CYS A 194 -15.07 -13.96 -40.69
C CYS A 194 -16.12 -14.46 -41.68
N GLU A 195 -17.04 -15.29 -41.20
CA GLU A 195 -18.07 -15.93 -42.02
C GLU A 195 -18.84 -14.89 -42.88
N GLU A 196 -18.75 -15.07 -44.19
CA GLU A 196 -19.35 -14.15 -45.18
C GLU A 196 -18.63 -12.81 -45.34
N VAL A 197 -17.82 -12.43 -44.35
CA VAL A 197 -17.21 -11.10 -44.30
C VAL A 197 -15.80 -11.04 -44.90
N VAL A 198 -15.02 -12.12 -44.74
CA VAL A 198 -13.68 -12.19 -45.32
C VAL A 198 -13.16 -13.63 -45.40
N GLY A 199 -12.44 -13.93 -46.49
CA GLY A 199 -11.77 -15.21 -46.65
C GLY A 199 -10.29 -15.10 -46.29
N LEU A 200 -9.95 -15.53 -45.08
CA LEU A 200 -8.58 -15.46 -44.58
C LEU A 200 -7.67 -16.44 -45.28
N SER A 201 -6.45 -16.00 -45.58
CA SER A 201 -5.40 -16.91 -46.01
C SER A 201 -4.53 -17.31 -44.84
N SER A 202 -4.20 -16.33 -44.01
CA SER A 202 -3.20 -16.52 -42.96
C SER A 202 -3.58 -15.89 -41.63
N VAL A 203 -3.09 -16.50 -40.55
CA VAL A 203 -3.20 -15.97 -39.20
C VAL A 203 -1.82 -15.91 -38.56
N VAL A 204 -1.54 -14.80 -37.90
CA VAL A 204 -0.26 -14.57 -37.24
C VAL A 204 -0.48 -14.28 -35.76
N VAL A 205 0.26 -14.99 -34.91
CA VAL A 205 0.22 -14.82 -33.45
C VAL A 205 1.62 -15.03 -32.86
N ALA A 206 1.94 -14.28 -31.79
CA ALA A 206 3.18 -14.48 -31.06
C ALA A 206 3.13 -15.87 -30.40
N SER A 207 4.25 -16.57 -30.41
CA SER A 207 4.30 -17.91 -29.85
C SER A 207 5.31 -17.91 -28.69
N GLY A 208 4.78 -17.93 -27.46
CA GLY A 208 5.60 -17.81 -26.25
C GLY A 208 5.58 -19.11 -25.46
N SER A 209 4.78 -19.15 -24.39
CA SER A 209 4.62 -20.39 -23.61
C SER A 209 3.78 -21.42 -24.38
N ALA A 210 3.24 -21.00 -25.52
CA ALA A 210 2.71 -21.89 -26.55
C ALA A 210 1.22 -22.25 -26.46
N GLY A 211 0.55 -21.84 -25.40
CA GLY A 211 -0.87 -22.14 -25.20
C GLY A 211 -1.80 -21.46 -26.19
N THR A 212 -1.52 -20.19 -26.50
CA THR A 212 -2.31 -19.43 -27.49
C THR A 212 -2.20 -20.03 -28.88
N HIS A 213 -0.96 -20.23 -29.34
CA HIS A 213 -0.65 -20.85 -30.63
C HIS A 213 -1.35 -22.19 -30.71
N ALA A 214 -1.19 -23.01 -29.67
CA ALA A 214 -1.74 -24.38 -29.68
C ALA A 214 -3.26 -24.44 -29.73
N GLY A 215 -3.90 -23.59 -28.93
CA GLY A 215 -5.37 -23.57 -28.89
C GLY A 215 -5.95 -23.12 -30.21
N LEU A 216 -5.32 -22.11 -30.81
CA LEU A 216 -5.70 -21.65 -32.16
C LEU A 216 -5.48 -22.72 -33.21
N ALA A 217 -4.36 -23.43 -33.11
CA ALA A 217 -4.04 -24.48 -34.07
C ALA A 217 -5.14 -25.53 -34.10
N VAL A 218 -5.60 -25.95 -32.93
CA VAL A 218 -6.62 -26.99 -32.85
C VAL A 218 -7.95 -26.45 -33.39
N GLY A 219 -8.33 -25.28 -32.91
CA GLY A 219 -9.59 -24.63 -33.34
C GLY A 219 -9.64 -24.37 -34.84
N LEU A 220 -8.58 -23.77 -35.36
CA LEU A 220 -8.51 -23.43 -36.78
C LEU A 220 -8.41 -24.65 -37.70
N GLU A 221 -7.71 -25.70 -37.27
CA GLU A 221 -7.69 -26.95 -38.02
C GLU A 221 -9.10 -27.48 -38.26
N HIS A 222 -9.95 -27.39 -37.25
CA HIS A 222 -11.31 -27.92 -37.37
C HIS A 222 -12.35 -27.00 -37.95
N LEU A 223 -12.13 -25.69 -37.85
CA LEU A 223 -13.10 -24.71 -38.34
C LEU A 223 -12.69 -24.02 -39.64
N MET A 224 -11.39 -23.87 -39.86
CA MET A 224 -10.91 -23.18 -41.04
C MET A 224 -9.66 -23.87 -41.57
N PRO A 225 -9.80 -25.14 -42.04
CA PRO A 225 -8.62 -25.96 -42.34
C PRO A 225 -7.70 -25.43 -43.44
N ASP A 226 -8.22 -24.60 -44.35
CA ASP A 226 -7.42 -24.02 -45.43
C ASP A 226 -6.51 -22.88 -44.95
N VAL A 227 -6.83 -22.30 -43.79
CA VAL A 227 -6.08 -21.15 -43.26
C VAL A 227 -4.69 -21.57 -42.73
N GLU A 228 -3.68 -20.80 -43.11
CA GLU A 228 -2.31 -21.00 -42.61
C GLU A 228 -2.05 -20.23 -41.32
N LEU A 229 -1.86 -20.95 -40.21
CA LEU A 229 -1.52 -20.33 -38.92
C LEU A 229 -0.02 -20.24 -38.70
N ILE A 230 0.51 -19.03 -38.55
CA ILE A 230 1.94 -18.83 -38.27
C ILE A 230 2.16 -18.27 -36.87
N GLY A 231 2.95 -19.00 -36.08
CA GLY A 231 3.50 -18.52 -34.82
C GLY A 231 4.85 -17.86 -35.04
N VAL A 232 4.98 -16.62 -34.55
CA VAL A 232 6.25 -15.91 -34.55
C VAL A 232 6.82 -16.09 -33.14
N THR A 233 7.96 -16.76 -33.02
CA THR A 233 8.52 -16.99 -31.69
C THR A 233 9.03 -15.68 -31.05
N VAL A 234 8.86 -15.58 -29.74
CA VAL A 234 9.31 -14.43 -28.97
C VAL A 234 10.45 -14.78 -28.00
N SER A 235 10.75 -16.08 -27.87
CA SER A 235 11.73 -16.52 -26.88
C SER A 235 12.61 -17.70 -27.25
N ARG A 236 12.33 -18.36 -28.38
CA ARG A 236 12.97 -19.64 -28.73
C ARG A 236 13.10 -19.86 -30.22
N SER A 237 14.02 -20.72 -30.59
CA SER A 237 14.15 -21.15 -31.98
C SER A 237 12.98 -22.07 -32.36
N VAL A 238 12.76 -22.27 -33.65
CA VAL A 238 11.78 -23.24 -34.15
C VAL A 238 11.98 -24.63 -33.52
N ALA A 239 13.23 -25.08 -33.45
CA ALA A 239 13.54 -26.41 -32.92
C ALA A 239 13.18 -26.59 -31.44
N GLU A 240 13.39 -25.55 -30.64
CA GLU A 240 13.03 -25.59 -29.23
C GLU A 240 11.54 -25.39 -29.01
N GLN A 241 10.95 -24.52 -29.81
CA GLN A 241 9.55 -24.16 -29.64
C GLN A 241 8.58 -25.20 -30.18
N LYS A 242 8.89 -25.79 -31.33
CA LYS A 242 7.91 -26.64 -32.03
C LYS A 242 7.37 -27.82 -31.22
N PRO A 243 8.26 -28.57 -30.53
CA PRO A 243 7.77 -29.66 -29.68
C PRO A 243 6.82 -29.18 -28.56
N LYS A 244 7.05 -27.97 -28.05
CA LYS A 244 6.19 -27.44 -26.99
C LYS A 244 4.80 -27.17 -27.54
N VAL A 245 4.72 -26.58 -28.73
CA VAL A 245 3.44 -26.32 -29.35
C VAL A 245 2.72 -27.63 -29.69
N ILE A 246 3.43 -28.56 -30.31
CA ILE A 246 2.87 -29.86 -30.67
C ILE A 246 2.31 -30.64 -29.46
N ALA A 247 3.04 -30.62 -28.35
CA ALA A 247 2.60 -31.31 -27.13
C ALA A 247 1.25 -30.78 -26.65
N LEU A 248 1.10 -29.46 -26.67
CA LEU A 248 -0.14 -28.85 -26.24
C LEU A 248 -1.26 -29.11 -27.22
N GLN A 249 -0.97 -28.95 -28.52
CA GLN A 249 -1.90 -29.27 -29.60
C GLN A 249 -2.52 -30.66 -29.44
N GLN A 250 -1.66 -31.66 -29.24
CA GLN A 250 -2.11 -33.04 -29.09
C GLN A 250 -2.89 -33.24 -27.78
N ALA A 251 -2.42 -32.63 -26.69
CA ALA A 251 -3.11 -32.72 -25.40
C ALA A 251 -4.49 -32.07 -25.47
N ILE A 252 -4.56 -30.89 -26.09
CA ILE A 252 -5.85 -30.22 -26.34
C ILE A 252 -6.80 -31.10 -27.14
N ALA A 253 -6.32 -31.65 -28.26
CA ALA A 253 -7.16 -32.46 -29.15
C ALA A 253 -7.75 -33.66 -28.39
N GLY A 254 -6.90 -34.38 -27.66
CA GLY A 254 -7.31 -35.50 -26.83
C GLY A 254 -8.42 -35.15 -25.87
N GLN A 255 -8.27 -34.02 -25.18
CA GLN A 255 -9.26 -33.52 -24.22
C GLN A 255 -10.61 -33.21 -24.86
N LEU A 256 -10.60 -33.02 -26.16
CA LEU A 256 -11.82 -32.70 -26.91
C LEU A 256 -12.31 -33.87 -27.77
N ALA A 257 -11.67 -35.03 -27.62
CA ALA A 257 -11.96 -36.23 -28.44
C ALA A 257 -11.82 -35.96 -29.94
N LEU A 258 -10.81 -35.17 -30.30
CA LEU A 258 -10.55 -34.83 -31.69
C LEU A 258 -9.16 -35.32 -32.03
N THR A 259 -8.87 -35.47 -33.32
CA THR A 259 -7.47 -35.59 -33.76
C THR A 259 -6.99 -34.20 -34.21
N ALA A 260 -5.68 -34.03 -34.29
CA ALA A 260 -5.10 -32.82 -34.83
C ALA A 260 -3.91 -33.20 -35.68
N THR A 261 -4.10 -33.21 -37.00
CA THR A 261 -3.08 -33.68 -37.91
C THR A 261 -2.30 -32.52 -38.55
N ALA A 262 -2.71 -31.29 -38.28
CA ALA A 262 -2.03 -30.12 -38.85
C ALA A 262 -0.60 -29.99 -38.38
N ASP A 263 0.27 -29.61 -39.32
CA ASP A 263 1.66 -29.27 -39.01
C ASP A 263 1.68 -27.90 -38.36
N ILE A 264 2.55 -27.73 -37.38
CA ILE A 264 2.71 -26.45 -36.70
C ILE A 264 3.75 -25.62 -37.45
N HIS A 265 3.44 -24.34 -37.70
CA HIS A 265 4.39 -23.44 -38.36
C HIS A 265 4.90 -22.34 -37.45
N LEU A 266 6.21 -22.13 -37.49
CA LEU A 266 6.86 -21.15 -36.63
C LEU A 266 7.95 -20.44 -37.40
N TRP A 267 8.06 -19.13 -37.18
CA TRP A 267 9.19 -18.34 -37.66
C TRP A 267 9.96 -17.83 -36.47
N ASP A 268 11.26 -18.06 -36.45
CA ASP A 268 12.07 -17.65 -35.30
C ASP A 268 13.04 -16.51 -35.57
N ASP A 269 12.87 -15.79 -36.67
CA ASP A 269 13.84 -14.78 -37.10
C ASP A 269 13.64 -13.42 -36.45
N TYR A 270 12.66 -13.30 -35.55
CA TYR A 270 12.18 -11.96 -35.17
C TYR A 270 12.30 -11.62 -33.68
N PHE A 271 12.92 -12.49 -32.90
CA PHE A 271 12.98 -12.30 -31.45
C PHE A 271 14.37 -11.91 -30.90
N ALA A 272 15.42 -12.18 -31.67
CA ALA A 272 16.79 -11.88 -31.27
C ALA A 272 16.94 -10.41 -30.85
N PRO A 273 17.78 -10.13 -29.83
CA PRO A 273 18.70 -11.08 -29.17
C PRO A 273 18.11 -11.96 -28.05
N GLY A 274 16.80 -11.93 -27.82
CA GLY A 274 16.23 -12.88 -26.87
C GLY A 274 14.96 -12.42 -26.21
N TYR A 275 14.32 -13.33 -25.48
CA TYR A 275 13.09 -12.99 -24.77
C TYR A 275 13.22 -11.69 -23.98
N GLY A 276 12.28 -10.77 -24.21
CA GLY A 276 12.21 -9.57 -23.41
C GLY A 276 13.24 -8.51 -23.75
N VAL A 277 14.07 -8.75 -24.76
CA VAL A 277 14.96 -7.73 -25.30
C VAL A 277 14.32 -7.09 -26.53
N PRO A 278 14.15 -5.76 -26.52
CA PRO A 278 13.59 -5.08 -27.70
C PRO A 278 14.57 -5.16 -28.86
N ASN A 279 14.04 -5.18 -30.07
CA ASN A 279 14.88 -5.07 -31.25
C ASN A 279 14.35 -4.03 -32.24
N ASP A 280 15.16 -3.68 -33.22
CA ASP A 280 14.84 -2.58 -34.13
C ASP A 280 13.56 -2.82 -34.94
N ALA A 281 13.39 -4.03 -35.45
CA ALA A 281 12.23 -4.34 -36.27
C ALA A 281 10.96 -4.39 -35.42
N GLY A 282 11.11 -4.83 -34.17
CA GLY A 282 10.02 -4.81 -33.20
C GLY A 282 9.57 -3.39 -32.89
N MET A 283 10.54 -2.51 -32.65
CA MET A 283 10.27 -1.09 -32.37
C MET A 283 9.62 -0.38 -33.57
N GLU A 284 10.11 -0.69 -34.76
CA GLU A 284 9.54 -0.10 -35.96
CA GLU A 284 9.56 -0.16 -36.02
C GLU A 284 8.12 -0.60 -36.22
N ALA A 285 7.83 -1.86 -35.86
CA ALA A 285 6.47 -2.40 -35.99
C ALA A 285 5.51 -1.70 -35.02
N VAL A 286 5.96 -1.49 -33.79
CA VAL A 286 5.21 -0.73 -32.78
C VAL A 286 4.90 0.70 -33.29
N LYS A 287 5.91 1.38 -33.81
CA LYS A 287 5.76 2.73 -34.34
C LYS A 287 4.82 2.80 -35.55
N LEU A 288 4.84 1.76 -36.38
CA LEU A 288 4.00 1.72 -37.58
C LEU A 288 2.52 1.54 -37.22
N LEU A 289 2.24 0.62 -36.29
CA LEU A 289 0.86 0.35 -35.88
C LEU A 289 0.26 1.51 -35.10
N ALA A 290 1.07 2.16 -34.28
CA ALA A 290 0.64 3.33 -33.52
C ALA A 290 0.32 4.47 -34.48
N SER A 291 1.24 4.74 -35.39
CA SER A 291 1.14 5.92 -36.26
C SER A 291 0.13 5.78 -37.38
N LEU A 292 -0.08 4.55 -37.86
CA LEU A 292 -1.03 4.30 -38.95
C LEU A 292 -2.43 3.93 -38.48
N GLU A 293 -2.53 3.24 -37.34
CA GLU A 293 -3.82 2.70 -36.90
C GLU A 293 -4.27 3.12 -35.51
N GLY A 294 -3.42 3.88 -34.81
CA GLY A 294 -3.69 4.19 -33.40
C GLY A 294 -3.76 2.96 -32.50
N VAL A 295 -3.06 1.90 -32.92
CA VAL A 295 -3.07 0.63 -32.20
C VAL A 295 -1.77 0.48 -31.43
N LEU A 296 -1.85 0.04 -30.18
CA LEU A 296 -0.66 -0.09 -29.34
C LEU A 296 -0.20 -1.54 -29.25
N LEU A 297 1.00 -1.80 -29.78
CA LEU A 297 1.63 -3.11 -29.64
C LEU A 297 2.59 -3.04 -28.46
N ASP A 298 3.52 -3.99 -28.35
CA ASP A 298 4.46 -3.96 -27.22
C ASP A 298 5.83 -4.49 -27.65
N PRO A 299 6.91 -4.11 -26.94
CA PRO A 299 8.25 -4.49 -27.40
C PRO A 299 8.61 -5.96 -27.22
N VAL A 300 7.89 -6.69 -26.36
CA VAL A 300 8.25 -8.08 -26.03
C VAL A 300 7.59 -9.12 -26.94
N TYR A 301 6.28 -9.00 -27.14
CA TYR A 301 5.51 -9.99 -27.90
C TYR A 301 5.01 -9.50 -29.25
N THR A 302 4.00 -8.62 -29.22
CA THR A 302 3.25 -8.25 -30.42
C THR A 302 4.04 -7.43 -31.42
N GLY A 303 4.92 -6.55 -30.95
CA GLY A 303 5.81 -5.81 -31.83
C GLY A 303 6.74 -6.73 -32.61
N LYS A 304 7.21 -7.79 -31.95
CA LYS A 304 8.03 -8.81 -32.62
C LYS A 304 7.22 -9.68 -33.57
N ALA A 305 6.01 -10.07 -33.18
CA ALA A 305 5.13 -10.85 -34.07
C ALA A 305 4.73 -10.03 -35.31
N MET A 306 4.43 -8.75 -35.11
CA MET A 306 4.07 -7.87 -36.22
C MET A 306 5.27 -7.66 -37.15
N ALA A 307 6.45 -7.48 -36.56
CA ALA A 307 7.66 -7.40 -37.36
C ALA A 307 7.77 -8.64 -38.27
N GLY A 308 7.41 -9.81 -37.74
CA GLY A 308 7.39 -11.05 -38.52
C GLY A 308 6.39 -11.09 -39.67
N LEU A 309 5.16 -10.67 -39.38
CA LEU A 309 4.12 -10.51 -40.39
C LEU A 309 4.61 -9.61 -41.53
N ILE A 310 5.20 -8.48 -41.17
CA ILE A 310 5.64 -7.48 -42.15
C ILE A 310 6.76 -8.05 -43.05
N ASP A 311 7.74 -8.68 -42.44
CA ASP A 311 8.84 -9.29 -43.19
C ASP A 311 8.34 -10.45 -44.05
N GLY A 312 7.35 -11.17 -43.54
CA GLY A 312 6.74 -12.29 -44.23
C GLY A 312 6.08 -11.84 -45.52
N ILE A 313 5.47 -10.66 -45.48
CA ILE A 313 4.89 -10.06 -46.69
C ILE A 313 6.01 -9.62 -47.61
N SER A 314 6.98 -8.89 -47.06
CA SER A 314 8.11 -8.43 -47.85
C SER A 314 8.84 -9.56 -48.58
N GLN A 315 9.04 -10.70 -47.91
CA GLN A 315 9.83 -11.80 -48.47
C GLN A 315 8.96 -12.89 -49.11
N LYS A 316 7.64 -12.71 -49.07
CA LYS A 316 6.69 -13.69 -49.61
C LYS A 316 6.77 -15.05 -48.90
N ARG A 317 6.74 -15.03 -47.58
CA ARG A 317 6.86 -16.25 -46.78
C ARG A 317 5.52 -16.97 -46.61
N PHE A 318 4.41 -16.25 -46.72
CA PHE A 318 3.09 -16.85 -46.55
C PHE A 318 2.73 -17.75 -47.71
N ASN A 319 1.75 -18.64 -47.48
CA ASN A 319 1.23 -19.56 -48.48
C ASN A 319 0.76 -18.90 -49.78
N ASP A 320 0.05 -17.76 -49.67
CA ASP A 320 -0.32 -16.94 -50.83
C ASP A 320 -0.38 -15.43 -50.54
N ASP A 321 -1.16 -14.70 -51.33
CA ASP A 321 -1.23 -13.25 -51.24
C ASP A 321 -2.46 -12.73 -50.52
N GLY A 322 -3.26 -13.63 -49.96
CA GLY A 322 -4.56 -13.28 -49.41
C GLY A 322 -4.52 -12.62 -48.05
N PRO A 323 -5.70 -12.32 -47.49
CA PRO A 323 -5.84 -11.62 -46.21
C PRO A 323 -5.12 -12.30 -45.04
N ILE A 324 -4.54 -11.47 -44.19
CA ILE A 324 -3.87 -11.94 -42.98
C ILE A 324 -4.61 -11.42 -41.76
N LEU A 325 -4.85 -12.29 -40.79
CA LEU A 325 -5.35 -11.89 -39.50
C LEU A 325 -4.24 -11.91 -38.45
N PHE A 326 -3.97 -10.74 -37.87
CA PHE A 326 -3.07 -10.61 -36.72
C PHE A 326 -3.89 -10.73 -35.44
N ILE A 327 -3.44 -11.63 -34.57
CA ILE A 327 -4.05 -11.79 -33.25
C ILE A 327 -3.35 -10.84 -32.31
N HIS A 328 -4.07 -9.82 -31.85
CA HIS A 328 -3.48 -8.92 -30.89
C HIS A 328 -3.67 -9.48 -29.52
N THR A 329 -2.59 -10.05 -28.99
CA THR A 329 -2.56 -10.70 -27.69
C THR A 329 -2.37 -9.75 -26.48
N GLY A 330 -2.10 -8.48 -26.76
CA GLY A 330 -1.99 -7.45 -25.72
C GLY A 330 -0.57 -6.96 -25.51
N GLY A 331 -0.21 -6.72 -24.26
CA GLY A 331 1.18 -6.38 -23.91
C GLY A 331 1.52 -4.93 -23.69
N ALA A 332 0.64 -4.01 -24.09
CA ALA A 332 0.93 -2.58 -24.06
C ALA A 332 1.43 -2.00 -22.72
N PRO A 333 0.96 -2.51 -21.55
CA PRO A 333 1.46 -1.93 -20.31
C PRO A 333 2.99 -1.99 -20.18
N ALA A 334 3.62 -2.90 -20.92
CA ALA A 334 5.08 -3.01 -20.95
C ALA A 334 5.78 -1.81 -21.60
N LEU A 335 5.08 -1.13 -22.50
CA LEU A 335 5.63 0.09 -23.11
C LEU A 335 6.21 1.05 -22.07
N PHE A 336 5.47 1.22 -20.98
CA PHE A 336 5.83 2.15 -19.92
C PHE A 336 6.98 1.67 -19.04
N ALA A 337 7.20 0.35 -19.01
CA ALA A 337 8.29 -0.24 -18.25
C ALA A 337 9.60 -0.24 -19.04
N TYR A 338 9.51 -0.28 -20.36
CA TYR A 338 10.70 -0.33 -21.23
C TYR A 338 11.22 1.05 -21.58
N HIS A 339 10.40 2.06 -21.29
CA HIS A 339 10.74 3.47 -21.51
C HIS A 339 11.50 4.03 -20.33
N PRO A 340 12.58 4.79 -20.58
CA PRO A 340 13.14 5.13 -21.90
C PRO A 340 14.02 4.05 -22.52
N HIS A 341 14.62 3.20 -21.68
CA HIS A 341 15.43 2.07 -22.13
C HIS A 341 15.58 1.09 -21.02
N VAL A 342 16.09 -0.09 -21.36
CA VAL A 342 16.44 -1.09 -20.36
C VAL A 342 17.92 -1.43 -20.46
N HIS B 18 -35.83 10.59 -27.13
CA HIS B 18 -34.53 11.21 -27.51
C HIS B 18 -34.61 11.95 -28.82
N HIS B 19 -34.59 11.20 -29.92
CA HIS B 19 -34.51 11.75 -31.29
C HIS B 19 -33.25 12.58 -31.49
N LEU B 20 -32.14 12.08 -30.95
CA LEU B 20 -30.85 12.78 -30.96
C LEU B 20 -29.98 12.36 -32.15
N THR B 21 -30.45 11.36 -32.90
CA THR B 21 -29.69 10.75 -33.99
C THR B 21 -29.50 11.66 -35.21
N ARG B 22 -29.65 12.97 -35.01
CA ARG B 22 -29.45 13.97 -36.06
C ARG B 22 -27.98 14.18 -36.37
N PHE B 23 -27.15 14.19 -35.33
CA PHE B 23 -25.72 14.49 -35.46
C PHE B 23 -24.94 13.34 -36.09
N PRO B 24 -24.11 13.65 -37.12
CA PRO B 24 -23.23 12.61 -37.66
C PRO B 24 -22.21 12.19 -36.60
N ARG B 25 -21.89 10.91 -36.57
CA ARG B 25 -20.93 10.37 -35.61
C ARG B 25 -20.16 9.23 -36.24
N LEU B 26 -18.92 9.05 -35.81
CA LEU B 26 -18.13 7.89 -36.20
C LEU B 26 -18.31 6.82 -35.13
N GLU B 27 -18.24 5.56 -35.52
CA GLU B 27 -18.33 4.47 -34.56
C GLU B 27 -16.93 4.05 -34.10
N PHE B 28 -16.54 4.53 -32.92
CA PHE B 28 -15.25 4.17 -32.31
C PHE B 28 -15.41 3.08 -31.26
N ILE B 29 -16.59 2.98 -30.67
CA ILE B 29 -16.82 2.08 -29.55
C ILE B 29 -17.50 0.78 -30.00
N GLY B 30 -18.63 0.92 -30.68
CA GLY B 30 -19.43 -0.24 -31.08
C GLY B 30 -20.38 -0.65 -29.97
N ALA B 31 -20.18 -1.84 -29.42
CA ALA B 31 -21.03 -2.36 -28.36
C ALA B 31 -21.11 -1.42 -27.15
N PRO B 32 -22.24 -1.43 -26.43
CA PRO B 32 -22.31 -0.69 -25.16
C PRO B 32 -21.25 -1.20 -24.20
N THR B 33 -20.58 -0.29 -23.50
CA THR B 33 -19.56 -0.67 -22.51
C THR B 33 -20.23 -1.37 -21.31
N PRO B 34 -19.51 -2.32 -20.66
CA PRO B 34 -20.13 -3.08 -19.57
C PRO B 34 -20.65 -2.22 -18.42
N LEU B 35 -21.74 -2.67 -17.81
CA LEU B 35 -22.18 -2.17 -16.51
C LEU B 35 -22.14 -3.37 -15.56
N GLU B 36 -21.33 -3.24 -14.52
CA GLU B 36 -21.01 -4.39 -13.67
C GLU B 36 -21.39 -4.14 -12.22
N TYR B 37 -21.71 -5.23 -11.53
CA TYR B 37 -21.85 -5.20 -10.08
C TYR B 37 -20.48 -5.38 -9.45
N LEU B 38 -20.21 -4.64 -8.38
CA LEU B 38 -18.96 -4.74 -7.64
C LEU B 38 -19.21 -5.38 -6.26
N PRO B 39 -19.27 -6.72 -6.19
CA PRO B 39 -19.72 -7.42 -4.99
C PRO B 39 -18.77 -7.33 -3.78
N ARG B 40 -17.47 -7.16 -4.02
CA ARG B 40 -16.50 -7.07 -2.93
C ARG B 40 -16.45 -5.67 -2.35
N LEU B 41 -16.43 -4.66 -3.21
CA LEU B 41 -16.53 -3.27 -2.76
C LEU B 41 -17.87 -3.04 -2.06
N SER B 42 -18.94 -3.56 -2.65
CA SER B 42 -20.29 -3.45 -2.07
C SER B 42 -20.37 -3.99 -0.66
N ASP B 43 -19.80 -5.19 -0.48
CA ASP B 43 -19.76 -5.87 0.80
C ASP B 43 -18.97 -5.05 1.82
N TYR B 44 -17.80 -4.54 1.40
CA TYR B 44 -16.94 -3.74 2.26
C TYR B 44 -17.58 -2.40 2.66
N LEU B 45 -18.16 -1.70 1.69
CA LEU B 45 -18.77 -0.40 1.93
C LEU B 45 -20.14 -0.50 2.61
N GLY B 46 -20.72 -1.70 2.60
CA GLY B 46 -22.07 -1.93 3.12
C GLY B 46 -23.16 -1.32 2.26
N ARG B 47 -22.86 -1.12 0.98
CA ARG B 47 -23.78 -0.49 0.04
C ARG B 47 -23.63 -1.15 -1.33
N GLU B 48 -24.71 -1.21 -2.11
CA GLU B 48 -24.66 -1.74 -3.47
C GLU B 48 -23.96 -0.77 -4.43
N ILE B 49 -22.81 -1.19 -4.96
CA ILE B 49 -22.07 -0.37 -5.91
C ILE B 49 -22.01 -1.06 -7.26
N TYR B 50 -22.32 -0.31 -8.31
CA TYR B 50 -22.21 -0.75 -9.70
C TYR B 50 -21.22 0.16 -10.42
N ILE B 51 -20.69 -0.31 -11.54
CA ILE B 51 -19.72 0.49 -12.29
C ILE B 51 -19.98 0.44 -13.79
N LYS B 52 -19.98 1.63 -14.40
CA LYS B 52 -20.05 1.75 -15.84
C LYS B 52 -18.64 1.80 -16.39
N ARG B 53 -18.24 0.73 -17.07
CA ARG B 53 -16.87 0.55 -17.54
C ARG B 53 -16.55 1.29 -18.85
N ASP B 54 -16.62 2.62 -18.82
CA ASP B 54 -16.27 3.44 -19.98
C ASP B 54 -14.75 3.58 -20.16
N ASP B 55 -14.00 2.91 -19.28
CA ASP B 55 -12.55 2.82 -19.39
C ASP B 55 -12.18 1.69 -20.35
N VAL B 56 -13.17 0.89 -20.71
CA VAL B 56 -13.00 -0.24 -21.61
C VAL B 56 -13.60 0.09 -22.96
N THR B 57 -12.82 0.81 -23.76
CA THR B 57 -13.17 1.09 -25.15
C THR B 57 -11.97 0.69 -25.98
N PRO B 58 -12.18 0.34 -27.28
CA PRO B 58 -11.13 -0.36 -28.03
C PRO B 58 -9.92 0.50 -28.45
N ILE B 59 -10.03 1.82 -28.37
CA ILE B 59 -8.98 2.67 -28.91
C ILE B 59 -7.98 3.16 -27.86
N ALA B 60 -6.74 2.76 -28.06
CA ALA B 60 -5.58 3.27 -27.32
C ALA B 60 -5.81 3.44 -25.82
N MET B 61 -6.21 2.35 -25.18
CA MET B 61 -6.35 2.25 -23.71
C MET B 61 -7.58 2.97 -23.16
N GLY B 62 -8.44 3.44 -24.07
CA GLY B 62 -9.81 3.79 -23.73
C GLY B 62 -10.02 5.06 -22.96
N GLY B 63 -11.25 5.26 -22.48
CA GLY B 63 -11.62 6.45 -21.75
C GLY B 63 -12.87 7.13 -22.28
N ASN B 64 -13.39 8.06 -21.49
CA ASN B 64 -14.64 8.79 -21.78
C ASN B 64 -14.58 9.71 -22.99
N LEU B 66 -13.32 9.34 -25.85
CA LEU B 66 -13.65 8.66 -27.11
C LEU B 66 -15.12 8.83 -27.51
N ARG B 67 -16.03 8.76 -26.54
CA ARG B 67 -17.46 9.00 -26.79
C ARG B 67 -17.69 10.39 -27.38
N LYS B 68 -16.92 11.36 -26.90
CA LYS B 68 -17.01 12.75 -27.37
C LYS B 68 -16.46 12.89 -28.77
N LEU B 69 -15.33 12.23 -29.02
CA LEU B 69 -14.63 12.31 -30.30
C LEU B 69 -15.42 11.68 -31.44
N GLU B 70 -16.33 10.77 -31.13
CA GLU B 70 -17.23 10.20 -32.15
C GLU B 70 -17.99 11.32 -32.88
N PHE B 71 -18.43 12.31 -32.13
CA PHE B 71 -19.16 13.43 -32.71
C PHE B 71 -18.22 14.52 -33.23
N LEU B 72 -17.19 14.83 -32.46
CA LEU B 72 -16.26 15.91 -32.81
C LEU B 72 -15.44 15.64 -34.07
N VAL B 73 -14.97 14.40 -34.22
CA VAL B 73 -14.17 14.05 -35.39
C VAL B 73 -15.05 13.84 -36.63
N ALA B 74 -16.31 13.44 -36.43
CA ALA B 74 -17.27 13.34 -37.52
C ALA B 74 -17.50 14.71 -38.11
N ASP B 75 -17.66 15.70 -37.22
CA ASP B 75 -17.79 17.09 -37.61
C ASP B 75 -16.54 17.57 -38.35
N ALA B 76 -15.37 17.24 -37.81
CA ALA B 76 -14.09 17.57 -38.44
C ALA B 76 -14.03 17.08 -39.88
N LEU B 77 -14.45 15.83 -40.11
CA LEU B 77 -14.40 15.22 -41.44
C LEU B 77 -15.36 15.92 -42.42
N ARG B 78 -16.58 16.17 -41.97
CA ARG B 78 -17.56 16.92 -42.75
C ARG B 78 -17.00 18.25 -43.24
N GLU B 79 -16.16 18.87 -42.40
CA GLU B 79 -15.51 20.13 -42.77
C GLU B 79 -14.27 19.95 -43.65
N GLY B 80 -13.92 18.71 -43.95
CA GLY B 80 -12.76 18.41 -44.79
C GLY B 80 -11.43 18.71 -44.13
N ALA B 81 -11.39 18.66 -42.80
CA ALA B 81 -10.15 18.88 -42.07
C ALA B 81 -9.14 17.77 -42.35
N ASP B 82 -7.86 18.09 -42.27
CA ASP B 82 -6.81 17.08 -42.37
C ASP B 82 -5.91 17.06 -41.12
N THR B 83 -6.27 17.91 -40.16
CA THR B 83 -5.52 18.07 -38.90
C THR B 83 -6.48 18.31 -37.73
N LEU B 84 -6.20 17.63 -36.62
CA LEU B 84 -6.89 17.88 -35.36
C LEU B 84 -5.98 18.61 -34.39
N ILE B 85 -6.51 19.68 -33.80
CA ILE B 85 -5.78 20.44 -32.81
C ILE B 85 -6.57 20.49 -31.51
N THR B 86 -5.89 20.16 -30.42
CA THR B 86 -6.47 20.24 -29.07
C THR B 86 -5.40 20.61 -28.04
N ALA B 87 -5.80 20.69 -26.78
CA ALA B 87 -4.90 21.14 -25.71
C ALA B 87 -5.15 20.37 -24.42
N GLY B 88 -4.16 20.42 -23.53
CA GLY B 88 -4.30 19.78 -22.22
C GLY B 88 -2.98 19.72 -21.48
N ALA B 89 -3.00 19.11 -20.30
CA ALA B 89 -1.79 18.82 -19.55
C ALA B 89 -0.94 17.79 -20.29
N ILE B 90 0.35 17.71 -19.94
CA ILE B 90 1.26 16.73 -20.53
C ILE B 90 0.69 15.32 -20.45
N GLN B 91 -0.03 15.03 -19.36
CA GLN B 91 -0.59 13.71 -19.16
C GLN B 91 -2.07 13.62 -19.51
N SER B 92 -2.55 14.52 -20.36
CA SER B 92 -3.96 14.57 -20.73
C SER B 92 -4.41 13.25 -21.37
N ASN B 93 -5.50 12.68 -20.86
CA ASN B 93 -6.10 11.51 -21.49
C ASN B 93 -6.77 11.89 -22.79
N HIS B 94 -7.41 13.07 -22.78
CA HIS B 94 -8.07 13.61 -23.98
C HIS B 94 -7.16 13.79 -25.15
N VAL B 95 -5.97 14.35 -24.91
CA VAL B 95 -4.99 14.55 -25.98
C VAL B 95 -4.52 13.21 -26.56
N ARG B 96 -4.28 12.24 -25.67
CA ARG B 96 -3.84 10.90 -26.11
C ARG B 96 -4.90 10.22 -26.96
N GLN B 97 -6.15 10.26 -26.50
CA GLN B 97 -7.26 9.69 -27.27
C GLN B 97 -7.48 10.41 -28.61
N THR B 98 -7.31 11.73 -28.62
CA THR B 98 -7.43 12.51 -29.86
C THR B 98 -6.29 12.16 -30.83
N ALA B 99 -5.08 12.01 -30.30
CA ALA B 99 -3.91 11.64 -31.09
C ALA B 99 -4.09 10.26 -31.73
N ALA B 100 -4.65 9.33 -30.98
CA ALA B 100 -4.85 7.97 -31.45
C ALA B 100 -5.89 7.93 -32.58
N VAL B 101 -7.00 8.63 -32.38
CA VAL B 101 -8.05 8.76 -33.41
C VAL B 101 -7.52 9.42 -34.69
N ALA B 102 -6.75 10.49 -34.55
CA ALA B 102 -6.10 11.14 -35.70
C ALA B 102 -5.24 10.12 -36.46
N ALA B 103 -4.42 9.38 -35.72
CA ALA B 103 -3.52 8.37 -36.32
C ALA B 103 -4.34 7.39 -37.14
N LYS B 104 -5.37 6.83 -36.49
CA LYS B 104 -6.26 5.85 -37.10
C LYS B 104 -6.86 6.34 -38.42
N LEU B 105 -7.18 7.63 -38.47
CA LEU B 105 -7.91 8.19 -39.61
C LEU B 105 -7.02 8.89 -40.64
N GLY B 106 -5.71 8.82 -40.45
CA GLY B 106 -4.76 9.48 -41.35
C GLY B 106 -4.75 11.00 -41.25
N LEU B 107 -5.17 11.51 -40.10
CA LEU B 107 -5.15 12.94 -39.83
C LEU B 107 -3.92 13.32 -39.03
N HIS B 108 -3.36 14.49 -39.32
CA HIS B 108 -2.33 15.09 -38.48
C HIS B 108 -2.90 15.39 -37.12
N CYS B 109 -2.03 15.46 -36.12
CA CYS B 109 -2.44 15.90 -34.79
C CYS B 109 -1.43 16.87 -34.21
N VAL B 110 -1.95 18.00 -33.72
CA VAL B 110 -1.14 18.98 -33.04
C VAL B 110 -1.71 19.16 -31.62
N ALA B 111 -0.82 19.07 -30.64
CA ALA B 111 -1.25 19.19 -29.26
C ALA B 111 -0.51 20.33 -28.56
N LEU B 112 -1.29 21.21 -27.96
CA LEU B 112 -0.75 22.28 -27.15
C LEU B 112 -0.75 21.82 -25.69
N LEU B 113 0.45 21.67 -25.13
CA LEU B 113 0.61 21.01 -23.84
C LEU B 113 1.16 21.93 -22.74
N GLU B 114 0.65 21.75 -21.53
CA GLU B 114 1.18 22.45 -20.36
C GLU B 114 1.57 21.49 -19.23
N ASN B 115 2.42 21.99 -18.33
CA ASN B 115 2.78 21.29 -17.12
C ASN B 115 2.07 21.97 -15.96
N PRO B 116 0.88 21.46 -15.58
CA PRO B 116 0.03 22.18 -14.63
C PRO B 116 0.49 22.09 -13.17
N ILE B 117 1.58 21.36 -12.92
CA ILE B 117 2.00 21.10 -11.54
C ILE B 117 3.46 21.46 -11.26
N GLY B 118 4.15 21.94 -12.30
CA GLY B 118 5.52 22.40 -12.20
C GLY B 118 6.52 21.31 -11.82
N THR B 119 6.22 20.06 -12.17
CA THR B 119 7.10 18.95 -11.86
C THR B 119 8.23 18.79 -12.88
N THR B 120 9.36 18.27 -12.42
CA THR B 120 10.44 17.85 -13.32
C THR B 120 10.62 16.32 -13.27
N ALA B 121 9.69 15.61 -12.62
CA ALA B 121 9.75 14.15 -12.52
C ALA B 121 9.69 13.49 -13.90
N GLU B 122 10.66 12.63 -14.18
CA GLU B 122 10.85 12.11 -15.53
C GLU B 122 9.66 11.35 -16.10
N ASN B 123 9.00 10.55 -15.27
CA ASN B 123 7.86 9.78 -15.74
C ASN B 123 6.66 10.65 -16.09
N TYR B 124 6.46 11.74 -15.35
CA TYR B 124 5.41 12.70 -15.70
C TYR B 124 5.73 13.35 -17.04
N LEU B 125 6.99 13.77 -17.20
CA LEU B 125 7.42 14.47 -18.41
C LEU B 125 7.44 13.63 -19.69
N THR B 126 7.73 12.32 -19.58
CA THR B 126 8.02 11.52 -20.78
C THR B 126 7.30 10.15 -20.87
N ASN B 127 6.72 9.68 -19.77
CA ASN B 127 6.07 8.38 -19.73
C ASN B 127 4.54 8.53 -19.76
N GLY B 128 3.81 7.44 -19.51
CA GLY B 128 2.35 7.46 -19.50
C GLY B 128 1.73 7.97 -20.79
N ASN B 129 0.74 8.86 -20.68
CA ASN B 129 0.08 9.39 -21.88
C ASN B 129 1.04 10.12 -22.83
N ARG B 130 2.01 10.83 -22.27
CA ARG B 130 3.00 11.55 -23.08
C ARG B 130 3.85 10.66 -23.97
N LEU B 131 4.19 9.47 -23.48
CA LEU B 131 4.93 8.50 -24.28
C LEU B 131 4.10 8.08 -25.50
N LEU B 132 2.81 7.87 -25.27
CA LEU B 132 1.91 7.44 -26.33
C LEU B 132 1.78 8.48 -27.43
N LEU B 133 1.78 9.77 -27.04
CA LEU B 133 1.74 10.86 -28.01
C LEU B 133 2.85 10.71 -29.03
N ASP B 134 4.05 10.39 -28.56
CA ASP B 134 5.18 10.23 -29.46
CA ASP B 134 5.22 10.17 -29.42
C ASP B 134 4.95 9.04 -30.41
N LEU B 135 4.39 7.94 -29.90
CA LEU B 135 4.07 6.79 -30.75
C LEU B 135 3.06 7.15 -31.86
N PHE B 136 2.12 8.04 -31.54
CA PHE B 136 1.11 8.47 -32.51
C PHE B 136 1.59 9.60 -33.42
N ASN B 137 2.87 9.94 -33.33
CA ASN B 137 3.47 11.04 -34.09
C ASN B 137 2.78 12.40 -33.89
N THR B 138 2.39 12.69 -32.66
CA THR B 138 1.76 13.96 -32.32
C THR B 138 2.76 15.11 -32.46
N GLN B 139 2.37 16.17 -33.15
CA GLN B 139 3.17 17.38 -33.15
C GLN B 139 2.92 18.12 -31.84
N ILE B 140 3.99 18.28 -31.06
CA ILE B 140 3.91 18.84 -29.72
C ILE B 140 4.28 20.32 -29.71
N GLU B 141 3.38 21.14 -29.17
CA GLU B 141 3.67 22.54 -28.91
C GLU B 141 3.52 22.82 -27.41
N MET B 142 4.61 23.19 -26.76
CA MET B 142 4.60 23.49 -25.32
C MET B 142 4.22 24.95 -25.07
N CYS B 143 3.45 25.18 -24.00
CA CYS B 143 3.19 26.54 -23.54
C CYS B 143 3.29 26.62 -22.03
N ASP B 144 3.59 27.80 -21.51
CA ASP B 144 3.79 28.01 -20.09
C ASP B 144 2.52 27.73 -19.28
N ALA B 145 1.37 28.17 -19.80
CA ALA B 145 0.10 27.96 -19.13
C ALA B 145 -1.06 28.09 -20.11
N LEU B 146 -2.03 27.19 -20.01
CA LEU B 146 -3.26 27.32 -20.77
C LEU B 146 -4.21 28.27 -20.04
N THR B 147 -3.85 29.56 -20.04
CA THR B 147 -4.64 30.61 -19.37
C THR B 147 -5.90 31.00 -20.16
N ASP B 148 -5.80 30.98 -21.49
CA ASP B 148 -6.96 31.13 -22.36
C ASP B 148 -6.93 30.07 -23.47
N PRO B 149 -7.45 28.86 -23.18
CA PRO B 149 -7.36 27.69 -24.06
C PRO B 149 -7.97 27.94 -25.44
N ASP B 150 -9.24 28.35 -25.47
CA ASP B 150 -9.95 28.63 -26.72
C ASP B 150 -9.19 29.61 -27.62
N ALA B 151 -8.65 30.65 -27.01
CA ALA B 151 -7.87 31.67 -27.73
C ALA B 151 -6.53 31.13 -28.22
N GLN B 152 -5.81 30.47 -27.33
CA GLN B 152 -4.51 29.87 -27.67
C GLN B 152 -4.65 28.81 -28.77
N LEU B 153 -5.75 28.08 -28.75
CA LEU B 153 -6.02 27.06 -29.77
C LEU B 153 -6.32 27.66 -31.14
N GLN B 154 -6.96 28.84 -31.12
CA GLN B 154 -7.26 29.60 -32.34
C GLN B 154 -6.00 30.14 -33.00
N THR B 155 -5.06 30.60 -32.19
CA THR B 155 -3.78 31.13 -32.67
C THR B 155 -2.95 30.03 -33.31
N LEU B 156 -2.91 28.87 -32.65
CA LEU B 156 -2.19 27.71 -33.18
C LEU B 156 -2.81 27.25 -34.49
N ALA B 157 -4.14 27.17 -34.52
CA ALA B 157 -4.89 26.74 -35.70
C ALA B 157 -4.62 27.61 -36.91
N THR B 158 -4.53 28.93 -36.68
CA THR B 158 -4.19 29.90 -37.72
C THR B 158 -2.75 29.70 -38.21
N ARG B 159 -1.82 29.46 -37.28
CA ARG B 159 -0.42 29.19 -37.65
C ARG B 159 -0.30 27.92 -38.49
N ILE B 160 -0.98 26.85 -38.06
CA ILE B 160 -0.96 25.55 -38.76
C ILE B 160 -1.61 25.65 -40.13
N GLU B 161 -2.72 26.39 -40.20
CA GLU B 161 -3.41 26.65 -41.46
C GLU B 161 -2.51 27.39 -42.43
N ALA B 162 -1.73 28.33 -41.91
CA ALA B 162 -0.79 29.13 -42.70
C ALA B 162 0.36 28.28 -43.24
N GLN B 163 0.58 27.10 -42.65
CA GLN B 163 1.58 26.15 -43.11
C GLN B 163 1.07 25.29 -44.28
N GLY B 164 -0.24 25.25 -44.46
CA GLY B 164 -0.84 24.53 -45.58
C GLY B 164 -1.73 23.36 -45.21
N PHE B 165 -2.20 23.34 -43.96
CA PHE B 165 -3.10 22.29 -43.49
C PHE B 165 -4.50 22.85 -43.26
N ARG B 166 -5.47 21.95 -43.13
CA ARG B 166 -6.85 22.32 -42.83
C ARG B 166 -7.18 21.83 -41.43
N PRO B 167 -6.95 22.67 -40.41
CA PRO B 167 -7.11 22.22 -39.03
C PRO B 167 -8.55 22.25 -38.53
N TYR B 168 -8.86 21.39 -37.57
CA TYR B 168 -10.11 21.43 -36.84
C TYR B 168 -9.82 21.46 -35.34
N VAL B 169 -10.37 22.46 -34.67
CA VAL B 169 -10.12 22.67 -33.25
C VAL B 169 -11.10 21.89 -32.39
N ILE B 170 -10.55 21.09 -31.49
CA ILE B 170 -11.30 20.41 -30.45
C ILE B 170 -10.94 21.11 -29.14
N PRO B 171 -11.95 21.61 -28.40
CA PRO B 171 -11.67 22.29 -27.13
C PRO B 171 -11.05 21.35 -26.10
N VAL B 172 -10.47 21.92 -25.05
CA VAL B 172 -9.98 21.16 -23.89
C VAL B 172 -11.07 20.20 -23.40
N GLY B 173 -10.68 18.95 -23.18
CA GLY B 173 -11.57 17.93 -22.67
C GLY B 173 -12.60 17.42 -23.68
N GLY B 174 -12.58 17.99 -24.89
CA GLY B 174 -13.60 17.74 -25.90
C GLY B 174 -14.99 18.19 -25.48
N SER B 175 -15.04 19.08 -24.49
CA SER B 175 -16.30 19.50 -23.88
C SER B 175 -16.93 20.71 -24.54
N SER B 176 -17.55 20.47 -25.70
CA SER B 176 -18.49 21.38 -26.30
C SER B 176 -19.86 20.71 -26.16
N ALA B 177 -20.94 21.42 -26.52
CA ALA B 177 -22.26 20.80 -26.54
C ALA B 177 -22.24 19.58 -27.48
N LEU B 178 -21.56 19.73 -28.61
CA LEU B 178 -21.40 18.63 -29.56
C LEU B 178 -20.68 17.43 -28.95
N GLY B 179 -19.51 17.65 -28.36
CA GLY B 179 -18.73 16.58 -27.71
C GLY B 179 -19.53 15.88 -26.63
N ALA B 180 -20.27 16.66 -25.85
CA ALA B 180 -21.09 16.14 -24.76
C ALA B 180 -22.22 15.20 -25.20
N MET B 181 -22.57 15.21 -26.49
CA MET B 181 -23.56 14.28 -27.03
C MET B 181 -23.17 12.82 -26.75
N GLY B 182 -21.87 12.55 -26.74
CA GLY B 182 -21.36 11.23 -26.41
C GLY B 182 -21.87 10.72 -25.08
N TYR B 183 -22.04 11.61 -24.11
CA TYR B 183 -22.54 11.20 -22.80
C TYR B 183 -24.07 11.16 -22.63
N VAL B 184 -24.79 11.86 -23.50
CA VAL B 184 -26.22 11.66 -23.64
C VAL B 184 -26.46 10.22 -24.09
N GLU B 185 -25.62 9.77 -25.03
CA GLU B 185 -25.63 8.40 -25.55
C GLU B 185 -25.31 7.38 -24.46
N SER B 186 -24.32 7.71 -23.62
CA SER B 186 -23.92 6.85 -22.52
C SER B 186 -25.08 6.58 -21.55
N ALA B 187 -25.87 7.63 -21.27
CA ALA B 187 -27.07 7.53 -20.43
C ALA B 187 -28.10 6.52 -20.94
N LEU B 188 -28.26 6.46 -22.26
CA LEU B 188 -29.16 5.50 -22.91
C LEU B 188 -28.73 4.06 -22.59
N GLU B 189 -27.43 3.79 -22.76
CA GLU B 189 -26.83 2.53 -22.34
C GLU B 189 -27.07 2.27 -20.87
N ILE B 190 -26.86 3.29 -20.04
CA ILE B 190 -27.05 3.16 -18.59
C ILE B 190 -28.51 2.80 -18.30
N ALA B 191 -29.43 3.55 -18.91
CA ALA B 191 -30.86 3.32 -18.75
C ALA B 191 -31.27 1.87 -19.02
N GLN B 192 -30.85 1.34 -20.17
CA GLN B 192 -31.24 -0.02 -20.54
C GLN B 192 -30.51 -1.09 -19.72
N GLN B 193 -29.27 -0.80 -19.31
CA GLN B 193 -28.46 -1.75 -18.55
C GLN B 193 -28.90 -1.89 -17.10
N CYS B 194 -29.62 -0.89 -16.59
CA CYS B 194 -30.09 -0.89 -15.20
C CYS B 194 -31.55 -1.27 -14.98
N GLU B 195 -32.28 -1.54 -16.07
CA GLU B 195 -33.71 -1.86 -15.98
C GLU B 195 -33.96 -3.28 -15.46
N GLU B 196 -33.02 -3.76 -14.62
CA GLU B 196 -33.03 -5.12 -14.04
C GLU B 196 -31.60 -5.54 -13.72
N VAL B 198 -32.02 -3.75 -10.56
CA VAL B 198 -31.25 -2.71 -9.87
C VAL B 198 -32.19 -1.81 -9.05
N GLY B 199 -31.74 -1.41 -7.87
CA GLY B 199 -32.40 -0.35 -7.08
C GLY B 199 -32.31 0.95 -7.84
N LEU B 200 -31.24 1.72 -7.61
CA LEU B 200 -30.75 2.77 -8.53
C LEU B 200 -30.24 4.08 -7.91
N SER B 201 -30.76 4.42 -6.73
CA SER B 201 -30.56 5.73 -6.06
C SER B 201 -29.60 6.81 -6.64
N SER B 202 -28.31 6.52 -6.81
CA SER B 202 -27.33 7.57 -7.18
C SER B 202 -26.32 7.22 -8.29
N VAL B 203 -25.83 8.25 -8.97
CA VAL B 203 -24.74 8.12 -9.95
C VAL B 203 -23.61 9.12 -9.63
N VAL B 204 -22.37 8.63 -9.67
CA VAL B 204 -21.19 9.46 -9.38
C VAL B 204 -20.22 9.50 -10.58
N VAL B 205 -19.79 10.70 -10.94
CA VAL B 205 -18.82 10.89 -12.02
C VAL B 205 -17.85 12.03 -11.71
N ALA B 206 -16.61 11.91 -12.20
CA ALA B 206 -15.64 13.01 -12.11
C ALA B 206 -16.06 14.15 -13.02
N SER B 207 -15.97 15.36 -12.52
CA SER B 207 -16.46 16.54 -13.25
C SER B 207 -15.31 17.53 -13.45
N GLY B 208 -14.78 17.60 -14.67
CA GLY B 208 -13.62 18.45 -14.98
C GLY B 208 -13.95 19.54 -15.96
N SER B 209 -13.74 19.25 -17.25
CA SER B 209 -14.15 20.17 -18.32
C SER B 209 -15.67 20.15 -18.52
N ALA B 210 -16.35 19.18 -17.89
CA ALA B 210 -17.81 19.21 -17.67
C ALA B 210 -18.71 18.56 -18.73
N GLY B 211 -18.12 18.11 -19.83
CA GLY B 211 -18.89 17.50 -20.92
C GLY B 211 -19.56 16.20 -20.52
N THR B 212 -18.81 15.35 -19.82
CA THR B 212 -19.32 14.09 -19.31
C THR B 212 -20.48 14.32 -18.32
N HIS B 213 -20.26 15.19 -17.35
CA HIS B 213 -21.26 15.50 -16.33
C HIS B 213 -22.53 16.01 -16.97
N ALA B 214 -22.39 17.06 -17.78
CA ALA B 214 -23.52 17.70 -18.46
C ALA B 214 -24.31 16.73 -19.34
N GLY B 215 -23.59 15.95 -20.14
CA GLY B 215 -24.21 14.98 -21.03
C GLY B 215 -25.03 13.95 -20.28
N LEU B 216 -24.47 13.44 -19.19
CA LEU B 216 -25.21 12.51 -18.34
C LEU B 216 -26.39 13.19 -17.65
N ALA B 217 -26.23 14.47 -17.30
CA ALA B 217 -27.29 15.22 -16.64
C ALA B 217 -28.53 15.27 -17.53
N VAL B 218 -28.34 15.69 -18.78
CA VAL B 218 -29.41 15.76 -19.77
C VAL B 218 -30.02 14.37 -19.99
N GLY B 219 -29.16 13.40 -20.29
CA GLY B 219 -29.60 12.03 -20.57
C GLY B 219 -30.36 11.37 -19.42
N LEU B 220 -29.87 11.56 -18.20
CA LEU B 220 -30.47 10.90 -17.05
C LEU B 220 -31.76 11.57 -16.56
N GLU B 221 -31.85 12.89 -16.74
CA GLU B 221 -33.11 13.59 -16.46
C GLU B 221 -34.28 12.95 -17.22
N HIS B 222 -34.05 12.64 -18.49
CA HIS B 222 -35.11 12.11 -19.34
C HIS B 222 -35.30 10.62 -19.26
N LEU B 223 -34.25 9.90 -18.86
CA LEU B 223 -34.31 8.44 -18.86
C LEU B 223 -34.51 7.84 -17.47
N MET B 224 -33.87 8.43 -16.46
CA MET B 224 -33.97 7.95 -15.07
C MET B 224 -34.11 9.13 -14.10
N PRO B 225 -35.30 9.80 -14.11
CA PRO B 225 -35.45 11.03 -13.32
C PRO B 225 -35.34 10.87 -11.80
N ASP B 226 -35.52 9.64 -11.30
CA ASP B 226 -35.46 9.37 -9.86
C ASP B 226 -34.04 9.29 -9.30
N VAL B 227 -33.06 9.17 -10.20
CA VAL B 227 -31.66 8.99 -9.79
C VAL B 227 -30.97 10.35 -9.63
N GLU B 228 -30.17 10.47 -8.57
CA GLU B 228 -29.35 11.65 -8.28
C GLU B 228 -28.00 11.53 -8.98
N LEU B 229 -27.61 12.57 -9.74
CA LEU B 229 -26.30 12.59 -10.36
C LEU B 229 -25.37 13.52 -9.61
N ILE B 230 -24.26 12.97 -9.11
CA ILE B 230 -23.25 13.76 -8.39
C ILE B 230 -21.96 13.84 -9.20
N GLY B 231 -21.51 15.07 -9.46
CA GLY B 231 -20.23 15.31 -10.08
C GLY B 231 -19.22 15.65 -9.01
N VAL B 232 -18.15 14.87 -8.94
CA VAL B 232 -17.04 15.15 -8.03
C VAL B 232 -15.99 15.93 -8.81
N THR B 233 -15.74 17.16 -8.40
CA THR B 233 -14.85 18.05 -9.16
C THR B 233 -13.39 17.65 -9.01
N VAL B 234 -12.62 17.88 -10.07
CA VAL B 234 -11.22 17.46 -10.09
C VAL B 234 -10.29 18.65 -10.26
N SER B 235 -10.85 19.84 -10.42
CA SER B 235 -10.03 21.03 -10.67
C SER B 235 -10.55 22.33 -10.05
N ARG B 236 -11.82 22.37 -9.66
CA ARG B 236 -12.50 23.61 -9.26
C ARG B 236 -13.47 23.46 -8.10
N SER B 237 -13.70 24.57 -7.40
CA SER B 237 -14.76 24.66 -6.40
C SER B 237 -16.14 24.49 -7.05
N VAL B 238 -17.14 24.16 -6.22
CA VAL B 238 -18.54 24.11 -6.69
C VAL B 238 -18.92 25.42 -7.40
N ALA B 239 -18.44 26.54 -6.87
CA ALA B 239 -18.78 27.87 -7.40
C ALA B 239 -18.21 28.13 -8.80
N GLU B 240 -17.04 27.59 -9.08
CA GLU B 240 -16.41 27.77 -10.39
C GLU B 240 -16.94 26.78 -11.40
N GLN B 241 -17.42 25.64 -10.91
CA GLN B 241 -17.78 24.51 -11.76
C GLN B 241 -19.26 24.49 -12.15
N LYS B 242 -20.15 24.76 -11.20
CA LYS B 242 -21.59 24.71 -11.47
C LYS B 242 -22.01 25.52 -12.71
N PRO B 243 -21.53 26.78 -12.83
CA PRO B 243 -21.87 27.57 -14.03
C PRO B 243 -21.49 26.86 -15.32
N LYS B 244 -20.27 26.31 -15.37
CA LYS B 244 -19.78 25.61 -16.56
C LYS B 244 -20.72 24.47 -16.93
N VAL B 245 -21.06 23.65 -15.94
CA VAL B 245 -21.90 22.48 -16.14
C VAL B 245 -23.32 22.83 -16.57
N ILE B 246 -23.92 23.82 -15.90
CA ILE B 246 -25.26 24.32 -16.27
C ILE B 246 -25.28 24.82 -17.72
N ALA B 247 -24.32 25.69 -18.05
CA ALA B 247 -24.17 26.23 -19.41
C ALA B 247 -24.17 25.13 -20.47
N LEU B 248 -23.36 24.08 -20.26
CA LEU B 248 -23.32 22.96 -21.20
C LEU B 248 -24.62 22.17 -21.21
N GLN B 249 -25.16 21.91 -20.02
CA GLN B 249 -26.42 21.17 -19.88
C GLN B 249 -27.55 21.82 -20.71
N GLN B 250 -27.65 23.15 -20.64
CA GLN B 250 -28.69 23.89 -21.37
C GLN B 250 -28.40 23.88 -22.87
N ALA B 251 -27.12 23.99 -23.24
CA ALA B 251 -26.72 23.97 -24.65
C ALA B 251 -27.07 22.63 -25.30
N ILE B 252 -26.68 21.53 -24.64
CA ILE B 252 -27.04 20.19 -25.08
C ILE B 252 -28.57 20.04 -25.22
N ALA B 253 -29.30 20.49 -24.20
CA ALA B 253 -30.76 20.40 -24.15
C ALA B 253 -31.44 21.08 -25.33
N GLY B 254 -31.02 22.32 -25.62
CA GLY B 254 -31.53 23.07 -26.76
C GLY B 254 -31.31 22.34 -28.07
N GLN B 255 -30.07 21.90 -28.29
CA GLN B 255 -29.67 21.26 -29.54
C GLN B 255 -30.33 19.90 -29.75
N LEU B 256 -30.95 19.37 -28.69
CA LEU B 256 -31.74 18.14 -28.77
C LEU B 256 -33.24 18.42 -28.63
N ALA B 257 -33.62 19.70 -28.68
CA ALA B 257 -35.02 20.13 -28.54
C ALA B 257 -35.68 19.56 -27.29
N LEU B 258 -34.93 19.57 -26.19
CA LEU B 258 -35.43 19.17 -24.89
C LEU B 258 -35.33 20.36 -23.95
N THR B 259 -35.95 20.24 -22.78
CA THR B 259 -35.65 21.13 -21.68
C THR B 259 -34.90 20.36 -20.61
N ALA B 260 -34.02 21.05 -19.89
CA ALA B 260 -33.29 20.46 -18.79
C ALA B 260 -33.53 21.31 -17.55
N THR B 261 -34.28 20.78 -16.60
CA THR B 261 -34.66 21.55 -15.43
C THR B 261 -33.97 21.05 -14.16
N ALA B 262 -33.38 19.86 -14.23
CA ALA B 262 -32.67 19.28 -13.09
C ALA B 262 -31.55 20.18 -12.57
N ASP B 263 -31.45 20.26 -11.25
CA ASP B 263 -30.36 20.98 -10.59
C ASP B 263 -29.06 20.20 -10.75
N ILE B 264 -27.93 20.90 -10.80
CA ILE B 264 -26.61 20.25 -10.90
C ILE B 264 -25.99 20.04 -9.53
N HIS B 265 -25.65 18.79 -9.20
CA HIS B 265 -25.04 18.45 -7.91
C HIS B 265 -23.55 18.27 -8.03
N LEU B 266 -22.81 19.02 -7.21
CA LEU B 266 -21.35 18.96 -7.21
C LEU B 266 -20.77 18.84 -5.81
N TRP B 267 -19.72 18.03 -5.67
CA TRP B 267 -18.91 17.96 -4.45
C TRP B 267 -17.49 18.28 -4.78
N ASP B 268 -16.93 19.28 -4.09
CA ASP B 268 -15.59 19.81 -4.41
C ASP B 268 -14.56 19.55 -3.33
N ASP B 269 -14.81 18.57 -2.48
CA ASP B 269 -14.00 18.37 -1.28
C ASP B 269 -12.80 17.45 -1.54
N TYR B 270 -12.75 16.88 -2.74
CA TYR B 270 -11.95 15.68 -2.96
C TYR B 270 -10.79 15.82 -3.96
N PHE B 271 -10.45 17.06 -4.31
CA PHE B 271 -9.44 17.28 -5.32
C PHE B 271 -8.23 18.10 -4.86
N ALA B 272 -8.27 18.60 -3.63
CA ALA B 272 -7.14 19.38 -3.08
C ALA B 272 -5.84 18.57 -3.18
N PRO B 273 -4.71 19.23 -3.51
CA PRO B 273 -4.53 20.67 -3.62
C PRO B 273 -4.65 21.23 -5.04
N GLY B 274 -5.22 20.47 -5.96
CA GLY B 274 -5.36 20.93 -7.32
C GLY B 274 -5.37 19.88 -8.41
N TYR B 275 -5.86 20.27 -9.58
CA TYR B 275 -5.89 19.42 -10.75
C TYR B 275 -4.54 18.76 -11.01
N GLY B 276 -4.57 17.45 -11.24
CA GLY B 276 -3.36 16.72 -11.66
C GLY B 276 -2.38 16.44 -10.53
N VAL B 277 -2.77 16.78 -9.31
CA VAL B 277 -1.99 16.45 -8.13
C VAL B 277 -2.73 15.36 -7.40
N PRO B 278 -2.07 14.21 -7.18
CA PRO B 278 -2.71 13.15 -6.41
C PRO B 278 -2.88 13.57 -4.96
N ASN B 279 -3.81 12.94 -4.27
CA ASN B 279 -3.94 13.12 -2.83
C ASN B 279 -4.18 11.77 -2.18
N ASP B 280 -4.15 11.73 -0.84
CA ASP B 280 -4.19 10.46 -0.14
C ASP B 280 -5.51 9.68 -0.31
N ALA B 281 -6.64 10.36 -0.13
CA ALA B 281 -7.94 9.72 -0.34
C ALA B 281 -8.06 9.16 -1.76
N GLY B 282 -7.60 9.95 -2.74
CA GLY B 282 -7.56 9.54 -4.14
C GLY B 282 -6.74 8.28 -4.37
N MET B 283 -5.49 8.28 -3.87
CA MET B 283 -4.62 7.12 -4.03
C MET B 283 -5.14 5.91 -3.27
N GLU B 284 -5.75 6.15 -2.10
CA GLU B 284 -6.35 5.06 -1.34
C GLU B 284 -7.57 4.47 -2.05
N ALA B 285 -8.29 5.31 -2.79
CA ALA B 285 -9.41 4.83 -3.61
C ALA B 285 -8.90 3.93 -4.76
N VAL B 286 -7.83 4.38 -5.41
CA VAL B 286 -7.12 3.58 -6.42
C VAL B 286 -6.75 2.21 -5.84
N LYS B 287 -6.10 2.20 -4.67
CA LYS B 287 -5.68 0.96 -4.03
C LYS B 287 -6.85 0.03 -3.66
N LEU B 288 -7.92 0.62 -3.15
CA LEU B 288 -9.11 -0.15 -2.75
C LEU B 288 -9.78 -0.87 -3.93
N LEU B 289 -10.03 -0.13 -5.01
CA LEU B 289 -10.66 -0.69 -6.21
C LEU B 289 -9.80 -1.77 -6.85
N ALA B 290 -8.49 -1.55 -6.83
CA ALA B 290 -7.55 -2.51 -7.41
C ALA B 290 -7.53 -3.80 -6.61
N SER B 291 -7.45 -3.68 -5.30
CA SER B 291 -7.30 -4.84 -4.43
C SER B 291 -8.62 -5.60 -4.21
N LEU B 292 -9.74 -4.88 -4.15
CA LEU B 292 -11.02 -5.55 -3.91
C LEU B 292 -11.66 -6.08 -5.17
N GLU B 293 -11.43 -5.40 -6.30
CA GLU B 293 -12.18 -5.67 -7.52
C GLU B 293 -11.33 -5.91 -8.77
N GLY B 294 -10.02 -5.68 -8.67
CA GLY B 294 -9.15 -5.79 -9.85
C GLY B 294 -9.39 -4.71 -10.90
N VAL B 295 -9.98 -3.60 -10.47
CA VAL B 295 -10.27 -2.44 -11.33
C VAL B 295 -9.22 -1.35 -11.13
N LEU B 296 -8.73 -0.78 -12.24
CA LEU B 296 -7.71 0.27 -12.18
C LEU B 296 -8.32 1.66 -12.38
N LEU B 297 -8.19 2.51 -11.36
CA LEU B 297 -8.56 3.93 -11.43
C LEU B 297 -7.30 4.73 -11.74
N ASP B 298 -7.35 6.04 -11.52
CA ASP B 298 -6.22 6.92 -11.81
C ASP B 298 -6.10 8.02 -10.74
N PRO B 299 -4.90 8.60 -10.58
CA PRO B 299 -4.66 9.60 -9.54
C PRO B 299 -5.25 10.98 -9.82
N VAL B 300 -5.56 11.28 -11.08
CA VAL B 300 -6.00 12.62 -11.45
C VAL B 300 -7.53 12.78 -11.44
N TYR B 301 -8.23 11.74 -11.87
CA TYR B 301 -9.67 11.79 -12.11
C TYR B 301 -10.49 10.81 -11.28
N THR B 302 -10.49 9.55 -11.72
CA THR B 302 -11.39 8.52 -11.16
C THR B 302 -11.12 8.17 -9.69
N GLY B 303 -9.85 8.16 -9.28
CA GLY B 303 -9.49 7.99 -7.86
C GLY B 303 -10.08 9.07 -6.95
N LYS B 304 -10.04 10.32 -7.41
CA LYS B 304 -10.63 11.43 -6.65
C LYS B 304 -12.15 11.34 -6.63
N ALA B 305 -12.74 11.01 -7.78
CA ALA B 305 -14.19 10.82 -7.88
C ALA B 305 -14.66 9.70 -6.97
N MET B 306 -13.94 8.58 -6.97
CA MET B 306 -14.23 7.43 -6.12
C MET B 306 -14.10 7.76 -4.63
N ALA B 307 -13.03 8.47 -4.28
CA ALA B 307 -12.85 8.98 -2.92
C ALA B 307 -14.07 9.81 -2.49
N GLY B 308 -14.62 10.58 -3.42
CA GLY B 308 -15.89 11.29 -3.23
C GLY B 308 -17.07 10.36 -2.96
N LEU B 309 -17.19 9.30 -3.73
CA LEU B 309 -18.22 8.29 -3.51
C LEU B 309 -18.12 7.67 -2.10
N ILE B 310 -16.91 7.21 -1.73
CA ILE B 310 -16.68 6.56 -0.44
C ILE B 310 -17.02 7.48 0.74
N ASP B 311 -16.58 8.73 0.67
CA ASP B 311 -16.84 9.69 1.73
C ASP B 311 -18.34 10.01 1.80
N GLY B 312 -19.00 9.98 0.65
CA GLY B 312 -20.45 10.13 0.58
C GLY B 312 -21.16 9.11 1.44
N ILE B 313 -20.65 7.89 1.45
CA ILE B 313 -21.16 6.85 2.32
C ILE B 313 -20.75 7.13 3.77
N SER B 314 -19.51 7.56 3.98
CA SER B 314 -19.01 7.93 5.31
C SER B 314 -19.89 9.02 5.95
N GLN B 315 -20.20 10.06 5.16
CA GLN B 315 -20.90 11.24 5.64
C GLN B 315 -22.43 11.21 5.46
N LYS B 316 -22.97 10.06 5.05
CA LYS B 316 -24.39 9.90 4.69
C LYS B 316 -24.84 11.04 3.76
N ARG B 317 -24.08 11.24 2.68
CA ARG B 317 -24.23 12.43 1.84
C ARG B 317 -25.19 12.25 0.65
N PHE B 318 -25.46 11.01 0.27
CA PHE B 318 -26.40 10.72 -0.81
C PHE B 318 -27.84 10.94 -0.34
N ASN B 319 -28.75 11.15 -1.29
CA ASN B 319 -30.17 11.41 -1.02
C ASN B 319 -30.87 10.29 -0.23
N ASP B 320 -30.49 9.05 -0.52
CA ASP B 320 -30.88 7.88 0.30
C ASP B 320 -29.86 6.75 0.19
N ASP B 321 -30.11 5.66 0.91
CA ASP B 321 -29.13 4.56 1.06
C ASP B 321 -29.15 3.51 -0.05
N GLY B 322 -29.73 3.83 -1.20
CA GLY B 322 -29.87 2.86 -2.28
C GLY B 322 -28.61 2.72 -3.12
N PRO B 323 -28.58 1.71 -4.00
CA PRO B 323 -27.46 1.40 -4.91
C PRO B 323 -26.84 2.62 -5.61
N ILE B 324 -25.53 2.60 -5.77
CA ILE B 324 -24.78 3.68 -6.42
C ILE B 324 -24.05 3.19 -7.68
N LEU B 325 -24.12 3.98 -8.74
CA LEU B 325 -23.43 3.70 -9.98
C LEU B 325 -22.26 4.67 -10.13
N PHE B 326 -21.06 4.12 -10.24
CA PHE B 326 -19.88 4.95 -10.49
C PHE B 326 -19.56 4.90 -11.98
N ILE B 327 -19.35 6.06 -12.60
CA ILE B 327 -18.95 6.09 -14.01
C ILE B 327 -17.42 6.06 -14.13
N HIS B 328 -16.89 4.93 -14.58
CA HIS B 328 -15.45 4.84 -14.82
C HIS B 328 -15.08 5.47 -16.13
N THR B 329 -14.63 6.72 -16.05
CA THR B 329 -14.28 7.52 -17.22
C THR B 329 -12.87 7.24 -17.77
N GLY B 330 -12.09 6.41 -17.07
CA GLY B 330 -10.77 5.99 -17.56
C GLY B 330 -9.59 6.60 -16.82
N GLY B 331 -8.53 6.89 -17.57
CA GLY B 331 -7.36 7.57 -17.00
C GLY B 331 -6.16 6.73 -16.56
N ALA B 332 -6.33 5.41 -16.50
CA ALA B 332 -5.29 4.53 -15.94
C ALA B 332 -3.85 4.62 -16.50
N PRO B 333 -3.69 4.98 -17.80
CA PRO B 333 -2.29 5.13 -18.26
C PRO B 333 -1.49 6.17 -17.47
N ALA B 334 -2.18 7.09 -16.79
CA ALA B 334 -1.50 8.09 -15.95
C ALA B 334 -0.81 7.47 -14.73
N LEU B 335 -1.20 6.25 -14.37
CA LEU B 335 -0.57 5.55 -13.25
C LEU B 335 0.94 5.42 -13.48
N PHE B 336 1.31 5.20 -14.73
CA PHE B 336 2.71 4.96 -15.10
C PHE B 336 3.51 6.26 -15.19
N ALA B 337 2.80 7.36 -15.38
CA ALA B 337 3.43 8.67 -15.39
C ALA B 337 3.66 9.21 -13.99
N TYR B 338 2.73 8.91 -13.08
CA TYR B 338 2.78 9.46 -11.72
C TYR B 338 3.69 8.68 -10.79
N HIS B 339 4.01 7.46 -11.18
CA HIS B 339 4.95 6.61 -10.45
C HIS B 339 6.35 7.06 -10.75
N PRO B 340 7.22 7.13 -9.71
CA PRO B 340 6.92 6.87 -8.29
C PRO B 340 6.31 8.07 -7.55
N HIS B 341 6.62 9.28 -8.01
CA HIS B 341 6.10 10.52 -7.44
C HIS B 341 6.24 11.61 -8.47
N VAL B 342 5.60 12.76 -8.26
CA VAL B 342 5.73 13.88 -9.20
C VAL B 342 6.38 15.12 -8.59
N LEU C 20 -11.47 -7.77 43.69
CA LEU C 20 -10.64 -7.28 42.55
C LEU C 20 -9.16 -7.60 42.74
N THR C 21 -8.63 -7.29 43.93
CA THR C 21 -7.19 -7.35 44.17
C THR C 21 -6.84 -8.09 45.48
N ARG C 22 -7.26 -9.34 45.59
CA ARG C 22 -6.83 -10.20 46.68
C ARG C 22 -5.43 -10.74 46.37
N PHE C 23 -5.16 -10.92 45.09
CA PHE C 23 -3.90 -11.50 44.62
C PHE C 23 -2.76 -10.48 44.62
N PRO C 24 -1.56 -10.91 45.03
CA PRO C 24 -0.37 -10.07 44.88
C PRO C 24 -0.07 -9.78 43.41
N ARG C 25 0.43 -8.58 43.14
CA ARG C 25 0.76 -8.14 41.78
C ARG C 25 1.91 -7.15 41.79
N LEU C 26 2.86 -7.36 40.88
CA LEU C 26 3.98 -6.41 40.68
C LEU C 26 3.47 -5.24 39.85
N GLU C 27 4.17 -4.11 39.93
CA GLU C 27 3.75 -2.92 39.19
C GLU C 27 4.65 -2.70 37.97
N PHE C 28 4.14 -3.08 36.80
CA PHE C 28 4.89 -2.98 35.55
C PHE C 28 4.42 -1.82 34.66
N ILE C 29 3.18 -1.39 34.86
CA ILE C 29 2.58 -0.43 33.93
C ILE C 29 2.59 1.00 34.46
N GLY C 30 2.10 1.19 35.69
CA GLY C 30 2.04 2.51 36.29
C GLY C 30 0.66 3.13 36.10
N ALA C 31 0.61 4.32 35.53
CA ALA C 31 -0.65 5.00 35.27
C ALA C 31 -1.53 4.18 34.33
N PRO C 32 -2.87 4.37 34.42
CA PRO C 32 -3.74 3.78 33.40
C PRO C 32 -3.23 4.09 31.99
N THR C 33 -3.23 3.10 31.11
CA THR C 33 -2.85 3.33 29.71
C THR C 33 -3.90 4.20 29.03
N PRO C 34 -3.48 5.02 28.05
CA PRO C 34 -4.41 6.01 27.48
C PRO C 34 -5.65 5.38 26.85
N LEU C 35 -6.78 6.08 26.97
CA LEU C 35 -7.96 5.75 26.19
C LEU C 35 -8.27 6.95 25.30
N GLU C 36 -8.15 6.74 24.00
CA GLU C 36 -8.16 7.81 23.04
C GLU C 36 -9.29 7.66 22.04
N TYR C 37 -9.81 8.80 21.60
CA TYR C 37 -10.76 8.87 20.50
C TYR C 37 -9.97 8.87 19.20
N LEU C 38 -10.51 8.22 18.17
CA LEU C 38 -9.86 8.22 16.86
C LEU C 38 -10.70 9.00 15.84
N PRO C 39 -10.52 10.34 15.80
CA PRO C 39 -11.38 11.22 15.03
C PRO C 39 -11.33 11.01 13.52
N ARG C 40 -10.17 10.59 12.99
CA ARG C 40 -10.02 10.35 11.56
C ARG C 40 -10.63 9.02 11.13
N LEU C 41 -10.36 7.95 11.90
CA LEU C 41 -10.97 6.66 11.62
C LEU C 41 -12.49 6.72 11.81
N SER C 42 -12.94 7.45 12.84
CA SER C 42 -14.36 7.62 13.11
C SER C 42 -15.06 8.33 11.95
N ASP C 43 -14.47 9.44 11.49
CA ASP C 43 -14.98 10.21 10.37
C ASP C 43 -15.07 9.34 9.12
N TYR C 44 -14.13 8.41 8.99
CA TYR C 44 -14.07 7.53 7.83
C TYR C 44 -15.08 6.38 7.90
N LEU C 45 -15.20 5.76 9.06
CA LEU C 45 -16.10 4.62 9.22
C LEU C 45 -17.55 5.02 9.47
N GLY C 46 -17.78 6.31 9.75
CA GLY C 46 -19.12 6.83 10.09
C GLY C 46 -19.64 6.35 11.44
N ARG C 47 -18.71 6.07 12.36
CA ARG C 47 -19.02 5.52 13.68
C ARG C 47 -18.00 6.08 14.68
N GLU C 48 -18.40 6.28 15.93
CA GLU C 48 -17.45 6.74 16.96
C GLU C 48 -16.55 5.58 17.40
N ILE C 49 -15.24 5.72 17.16
CA ILE C 49 -14.28 4.69 17.54
C ILE C 49 -13.29 5.23 18.57
N TYR C 50 -13.10 4.44 19.62
CA TYR C 50 -12.18 4.74 20.69
C TYR C 50 -11.13 3.65 20.75
N ILE C 51 -9.96 3.97 21.30
CA ILE C 51 -8.91 2.97 21.42
C ILE C 51 -8.29 2.98 22.81
N LYS C 52 -8.15 1.79 23.38
CA LYS C 52 -7.47 1.57 24.64
C LYS C 52 -6.05 1.16 24.32
N ARG C 53 -5.10 2.01 24.72
CA ARG C 53 -3.70 1.88 24.30
CA ARG C 53 -3.70 1.87 24.29
C ARG C 53 -2.87 0.96 25.19
N ASP C 54 -3.27 -0.30 25.31
CA ASP C 54 -2.49 -1.28 26.06
C ASP C 54 -1.17 -1.64 25.35
N ASP C 55 -0.98 -1.11 24.15
CA ASP C 55 0.28 -1.26 23.43
C ASP C 55 1.34 -0.26 23.94
N VAL C 56 0.89 0.72 24.73
CA VAL C 56 1.73 1.76 25.28
C VAL C 56 2.05 1.48 26.75
N THR C 57 2.96 0.54 26.99
CA THR C 57 3.47 0.30 28.35
C THR C 57 5.00 0.40 28.30
N PRO C 58 5.64 0.67 29.46
CA PRO C 58 7.05 1.01 29.43
C PRO C 58 8.01 -0.17 29.19
N ILE C 59 7.52 -1.40 29.35
CA ILE C 59 8.40 -2.57 29.25
C ILE C 59 8.52 -3.16 27.84
N ALA C 60 9.74 -3.07 27.30
CA ALA C 60 10.15 -3.69 26.04
C ALA C 60 9.08 -3.71 24.95
N MET C 61 8.66 -2.52 24.53
CA MET C 61 7.71 -2.33 23.42
C MET C 61 6.28 -2.75 23.71
N GLY C 62 5.99 -2.96 25.00
CA GLY C 62 4.61 -2.99 25.50
C GLY C 62 3.75 -4.17 25.09
N GLY C 63 2.47 -4.12 25.47
CA GLY C 63 1.51 -5.15 25.13
C GLY C 63 0.58 -5.59 26.24
N ASN C 64 -0.44 -6.36 25.83
CA ASN C 64 -1.40 -6.95 26.75
C ASN C 64 -0.80 -7.95 27.73
N LEU C 66 1.76 -8.06 29.42
CA LEU C 66 2.33 -7.44 30.61
C LEU C 66 1.35 -7.39 31.77
N ARG C 67 0.08 -7.11 31.47
CA ARG C 67 -0.99 -7.08 32.46
C ARG C 67 -1.13 -8.42 33.20
N LYS C 68 -0.96 -9.52 32.46
CA LYS C 68 -1.04 -10.86 33.02
C LYS C 68 0.21 -11.15 33.84
N LEU C 69 1.36 -10.74 33.32
CA LEU C 69 2.65 -10.99 33.96
C LEU C 69 2.78 -10.33 35.33
N GLU C 70 2.11 -9.21 35.54
CA GLU C 70 2.10 -8.59 36.86
C GLU C 70 1.68 -9.59 37.95
N PHE C 71 0.61 -10.34 37.69
CA PHE C 71 0.09 -11.33 38.62
C PHE C 71 0.91 -12.61 38.60
N LEU C 72 1.25 -13.07 37.41
CA LEU C 72 1.98 -14.32 37.25
C LEU C 72 3.37 -14.25 37.84
N VAL C 73 4.05 -13.12 37.64
CA VAL C 73 5.42 -13.00 38.12
C VAL C 73 5.47 -12.72 39.62
N ALA C 74 4.43 -12.06 40.14
CA ALA C 74 4.22 -11.96 41.60
C ALA C 74 4.18 -13.36 42.22
N ASP C 75 3.44 -14.26 41.58
CA ASP C 75 3.30 -15.64 42.04
C ASP C 75 4.65 -16.36 42.03
N ALA C 76 5.41 -16.19 40.96
CA ALA C 76 6.74 -16.77 40.84
C ALA C 76 7.65 -16.41 42.02
N LEU C 77 7.64 -15.13 42.38
CA LEU C 77 8.50 -14.61 43.45
C LEU C 77 8.05 -15.12 44.83
N ARG C 78 6.73 -15.19 45.03
CA ARG C 78 6.13 -15.77 46.23
C ARG C 78 6.59 -17.23 46.42
N GLU C 79 6.71 -17.95 45.31
CA GLU C 79 7.24 -19.32 45.30
C GLU C 79 8.77 -19.36 45.40
N GLY C 80 9.40 -18.19 45.34
CA GLY C 80 10.86 -18.10 45.37
C GLY C 80 11.53 -18.65 44.13
N ALA C 81 10.86 -18.56 42.98
CA ALA C 81 11.43 -19.01 41.71
C ALA C 81 12.60 -18.12 41.27
N ASP C 82 13.56 -18.71 40.57
CA ASP C 82 14.69 -17.95 40.02
C ASP C 82 14.73 -18.03 38.50
N THR C 83 13.72 -18.69 37.92
CA THR C 83 13.65 -18.94 36.48
C THR C 83 12.19 -18.95 36.02
N LEU C 84 11.90 -18.23 34.94
CA LEU C 84 10.58 -18.28 34.31
C LEU C 84 10.61 -19.10 33.04
N ILE C 85 9.63 -19.98 32.89
CA ILE C 85 9.51 -20.81 31.69
C ILE C 85 8.14 -20.62 31.07
N THR C 86 8.14 -20.39 29.77
CA THR C 86 6.91 -20.30 29.00
C THR C 86 7.14 -20.79 27.56
N ALA C 87 6.07 -20.75 26.75
CA ALA C 87 6.12 -21.26 25.39
C ALA C 87 5.29 -20.39 24.47
N GLY C 88 5.55 -20.49 23.17
CA GLY C 88 4.78 -19.78 22.16
C GLY C 88 5.43 -19.91 20.79
N ALA C 89 4.88 -19.20 19.81
CA ALA C 89 5.45 -19.17 18.46
C ALA C 89 6.77 -18.41 18.48
N ILE C 90 7.60 -18.59 17.45
CA ILE C 90 8.89 -17.88 17.38
C ILE C 90 8.69 -16.36 17.58
N GLN C 91 7.59 -15.84 17.03
CA GLN C 91 7.30 -14.41 17.09
C GLN C 91 6.30 -14.04 18.19
N SER C 92 6.14 -14.93 19.16
CA SER C 92 5.31 -14.65 20.33
C SER C 92 5.65 -13.34 21.03
N ASN C 93 4.64 -12.50 21.23
CA ASN C 93 4.77 -11.28 22.02
C ASN C 93 4.87 -11.61 23.50
N HIS C 94 4.10 -12.63 23.91
CA HIS C 94 4.11 -13.10 25.28
C HIS C 94 5.48 -13.49 25.74
N VAL C 95 6.18 -14.29 24.93
CA VAL C 95 7.52 -14.75 25.28
C VAL C 95 8.48 -13.56 25.42
N ARG C 96 8.35 -12.61 24.50
CA ARG C 96 9.18 -11.41 24.51
C ARG C 96 8.96 -10.56 25.78
N GLN C 97 7.70 -10.37 26.16
CA GLN C 97 7.38 -9.62 27.37
C GLN C 97 7.83 -10.37 28.63
N THR C 98 7.66 -11.69 28.64
CA THR C 98 8.14 -12.55 29.75
C THR C 98 9.67 -12.45 29.87
N ALA C 99 10.36 -12.56 28.75
CA ALA C 99 11.82 -12.45 28.73
C ALA C 99 12.28 -11.09 29.26
N ALA C 100 11.58 -10.03 28.86
CA ALA C 100 11.91 -8.67 29.30
C ALA C 100 11.83 -8.53 30.82
N VAL C 101 10.68 -8.94 31.36
CA VAL C 101 10.41 -8.87 32.79
C VAL C 101 11.41 -9.71 33.60
N ALA C 102 11.72 -10.91 33.11
CA ALA C 102 12.70 -11.79 33.75
C ALA C 102 14.07 -11.12 33.82
N ALA C 103 14.48 -10.50 32.71
CA ALA C 103 15.75 -9.78 32.63
C ALA C 103 15.80 -8.66 33.68
N LYS C 104 14.75 -7.86 33.70
CA LYS C 104 14.59 -6.76 34.64
C LYS C 104 14.69 -7.22 36.10
N LEU C 105 14.03 -8.33 36.41
CA LEU C 105 14.01 -8.84 37.78
C LEU C 105 15.17 -9.74 38.14
N GLY C 106 16.07 -9.96 37.19
CA GLY C 106 17.23 -10.83 37.42
C GLY C 106 16.87 -12.30 37.52
N LEU C 107 15.81 -12.69 36.83
CA LEU C 107 15.39 -14.10 36.75
C LEU C 107 15.83 -14.64 35.42
N HIS C 108 16.25 -15.91 35.40
CA HIS C 108 16.49 -16.62 34.16
C HIS C 108 15.20 -16.79 33.39
N CYS C 109 15.31 -16.93 32.07
CA CYS C 109 14.13 -17.18 31.25
C CYS C 109 14.41 -18.29 30.25
N VAL C 110 13.51 -19.26 30.22
CA VAL C 110 13.60 -20.36 29.25
C VAL C 110 12.33 -20.34 28.40
N ALA C 111 12.51 -20.31 27.09
CA ALA C 111 11.37 -20.28 26.19
C ALA C 111 11.32 -21.52 25.31
N LEU C 112 10.14 -22.13 25.25
CA LEU C 112 9.88 -23.21 24.31
C LEU C 112 9.19 -22.63 23.08
N LEU C 113 9.83 -22.76 21.92
CA LEU C 113 9.33 -22.11 20.72
C LEU C 113 9.01 -23.11 19.59
N GLU C 114 7.94 -22.79 18.86
CA GLU C 114 7.55 -23.52 17.67
C GLU C 114 7.45 -22.61 16.45
N ASN C 115 7.63 -23.20 15.28
CA ASN C 115 7.34 -22.54 14.02
C ASN C 115 5.96 -23.01 13.52
N PRO C 116 4.90 -22.23 13.81
CA PRO C 116 3.53 -22.65 13.54
C PRO C 116 3.08 -22.50 12.09
N ILE C 117 3.93 -21.93 11.23
CA ILE C 117 3.51 -21.64 9.86
C ILE C 117 4.41 -22.31 8.81
N GLY C 118 5.45 -22.97 9.30
CA GLY C 118 6.34 -23.75 8.45
C GLY C 118 7.24 -22.92 7.56
N THR C 119 7.51 -21.69 7.97
CA THR C 119 8.25 -20.74 7.15
C THR C 119 9.75 -20.87 7.31
N THR C 120 10.49 -20.55 6.25
CA THR C 120 11.95 -20.40 6.33
C THR C 120 12.37 -18.95 6.10
N ALA C 121 11.39 -18.03 6.10
CA ALA C 121 11.69 -16.60 5.94
C ALA C 121 12.62 -16.11 7.05
N GLU C 122 13.71 -15.48 6.68
CA GLU C 122 14.76 -15.10 7.63
C GLU C 122 14.30 -14.14 8.73
N ASN C 123 13.54 -13.12 8.36
CA ASN C 123 13.03 -12.18 9.34
C ASN C 123 12.05 -12.82 10.30
N TYR C 124 11.28 -13.79 9.82
CA TYR C 124 10.41 -14.53 10.73
C TYR C 124 11.26 -15.32 11.72
N LEU C 125 12.32 -15.94 11.22
CA LEU C 125 13.11 -16.82 12.06
C LEU C 125 14.01 -16.08 13.06
N THR C 126 14.44 -14.86 12.72
CA THR C 126 15.52 -14.20 13.46
C THR C 126 15.27 -12.75 13.86
N ASN C 127 14.34 -12.07 13.19
CA ASN C 127 14.07 -10.66 13.47
C ASN C 127 12.89 -10.49 14.42
N GLY C 128 12.42 -9.25 14.58
CA GLY C 128 11.26 -8.95 15.42
C GLY C 128 11.40 -9.43 16.85
N ASN C 129 10.34 -10.02 17.38
CA ASN C 129 10.34 -10.54 18.76
C ASN C 129 11.46 -11.51 19.05
N ARG C 130 11.81 -12.33 18.06
CA ARG C 130 12.86 -13.33 18.23
C ARG C 130 14.25 -12.71 18.41
N LEU C 131 14.51 -11.59 17.73
CA LEU C 131 15.76 -10.86 17.93
C LEU C 131 15.85 -10.36 19.37
N LEU C 132 14.73 -9.87 19.88
CA LEU C 132 14.67 -9.31 21.23
C LEU C 132 14.97 -10.36 22.28
N LEU C 133 14.49 -11.58 22.06
CA LEU C 133 14.79 -12.71 22.94
C LEU C 133 16.30 -12.90 23.13
N ASP C 134 17.05 -12.82 22.04
CA ASP C 134 18.50 -12.97 22.14
CA ASP C 134 18.51 -12.94 22.09
C ASP C 134 19.10 -11.84 22.98
N LEU C 135 18.60 -10.62 22.80
CA LEU C 135 19.07 -9.49 23.58
C LEU C 135 18.77 -9.67 25.07
N PHE C 136 17.60 -10.23 25.39
CA PHE C 136 17.22 -10.55 26.78
C PHE C 136 17.87 -11.81 27.34
N ASN C 137 18.83 -12.39 26.61
CA ASN C 137 19.50 -13.62 27.01
C ASN C 137 18.54 -14.77 27.37
N THR C 138 17.53 -14.97 26.53
CA THR C 138 16.54 -16.03 26.75
C THR C 138 17.14 -17.37 26.34
N GLN C 139 17.00 -18.38 27.18
CA GLN C 139 17.40 -19.74 26.79
C GLN C 139 16.30 -20.30 25.91
N ILE C 140 16.67 -20.61 24.68
CA ILE C 140 15.69 -20.99 23.66
C ILE C 140 15.68 -22.50 23.45
N GLU C 141 14.50 -23.11 23.61
CA GLU C 141 14.30 -24.51 23.26
C GLU C 141 13.30 -24.63 22.12
N MET C 142 13.75 -25.15 20.99
CA MET C 142 12.89 -25.40 19.84
C MET C 142 12.16 -26.74 19.96
N CYS C 143 10.97 -26.81 19.38
CA CYS C 143 10.21 -28.06 19.31
C CYS C 143 9.43 -28.11 17.99
N ASP C 144 9.10 -29.33 17.55
CA ASP C 144 8.37 -29.54 16.30
C ASP C 144 7.02 -28.83 16.32
N ALA C 145 6.26 -29.02 17.40
CA ALA C 145 4.94 -28.42 17.56
C ALA C 145 4.53 -28.39 19.03
N LEU C 146 3.75 -27.38 19.40
CA LEU C 146 3.17 -27.29 20.75
C LEU C 146 1.80 -27.97 20.79
N THR C 147 1.80 -29.29 20.62
CA THR C 147 0.57 -30.08 20.61
C THR C 147 -0.01 -30.24 22.01
N ASP C 148 0.87 -30.41 22.99
CA ASP C 148 0.48 -30.48 24.40
C ASP C 148 1.34 -29.51 25.21
N PRO C 149 0.92 -28.23 25.27
CA PRO C 149 1.73 -27.13 25.79
C PRO C 149 2.09 -27.27 27.28
N ASP C 150 1.08 -27.45 28.14
CA ASP C 150 1.31 -27.62 29.58
C ASP C 150 2.22 -28.80 29.89
N ALA C 151 1.99 -29.92 29.20
CA ALA C 151 2.80 -31.12 29.37
C ALA C 151 4.25 -30.92 28.93
N GLN C 152 4.45 -30.26 27.79
CA GLN C 152 5.79 -29.99 27.30
C GLN C 152 6.53 -29.00 28.21
N LEU C 153 5.79 -28.06 28.77
CA LEU C 153 6.34 -27.07 29.71
C LEU C 153 6.76 -27.73 31.02
N GLN C 154 5.85 -28.53 31.58
CA GLN C 154 6.13 -29.34 32.77
C GLN C 154 7.43 -30.12 32.64
N THR C 155 7.59 -30.80 31.50
CA THR C 155 8.75 -31.63 31.22
C THR C 155 10.05 -30.82 31.16
N LEU C 156 9.96 -29.64 30.55
CA LEU C 156 11.08 -28.71 30.47
C LEU C 156 11.45 -28.21 31.86
N ALA C 157 10.45 -27.85 32.65
CA ALA C 157 10.64 -27.44 34.04
C ALA C 157 11.49 -28.46 34.81
N THR C 158 11.13 -29.73 34.67
CA THR C 158 11.86 -30.85 35.29
C THR C 158 13.34 -30.83 34.88
N ARG C 159 13.58 -30.74 33.57
CA ARG C 159 14.93 -30.68 33.01
C ARG C 159 15.70 -29.46 33.51
N ILE C 160 14.97 -28.37 33.75
CA ILE C 160 15.55 -27.14 34.25
C ILE C 160 15.82 -27.27 35.75
N GLU C 161 14.86 -27.84 36.48
CA GLU C 161 15.02 -28.08 37.91
C GLU C 161 16.20 -29.00 38.16
N ALA C 162 16.29 -30.06 37.35
CA ALA C 162 17.40 -31.01 37.39
C ALA C 162 18.76 -30.34 37.24
N GLN C 163 18.79 -29.18 36.57
CA GLN C 163 20.02 -28.42 36.36
C GLN C 163 20.37 -27.51 37.55
N GLY C 164 19.47 -27.45 38.53
CA GLY C 164 19.73 -26.77 39.79
C GLY C 164 18.97 -25.46 39.98
N PHE C 165 17.96 -25.23 39.15
CA PHE C 165 17.19 -23.99 39.20
C PHE C 165 15.84 -24.22 39.84
N ARG C 166 15.13 -23.12 40.12
CA ARG C 166 13.77 -23.17 40.63
C ARG C 166 12.82 -22.52 39.63
N PRO C 167 12.30 -23.31 38.66
CA PRO C 167 11.43 -22.81 37.60
C PRO C 167 10.02 -22.43 38.05
N TYR C 168 9.44 -21.45 37.38
CA TYR C 168 8.03 -21.16 37.47
C TYR C 168 7.43 -21.17 36.06
N VAL C 169 6.48 -22.07 35.84
CA VAL C 169 5.86 -22.25 34.54
C VAL C 169 4.76 -21.21 34.33
N ILE C 170 4.84 -20.53 33.19
CA ILE C 170 3.79 -19.63 32.76
C ILE C 170 3.18 -20.22 31.48
N PRO C 171 1.84 -20.38 31.46
CA PRO C 171 1.24 -21.04 30.30
C PRO C 171 1.35 -20.22 29.01
N VAL C 172 1.04 -20.84 27.88
CA VAL C 172 0.93 -20.15 26.59
C VAL C 172 0.03 -18.92 26.74
N GLY C 173 0.53 -17.78 26.27
CA GLY C 173 -0.18 -16.51 26.37
C GLY C 173 -0.31 -15.96 27.79
N GLY C 174 0.28 -16.65 28.76
CA GLY C 174 0.05 -16.35 30.16
C GLY C 174 -1.43 -16.42 30.56
N SER C 175 -2.22 -17.16 29.78
CA SER C 175 -3.67 -17.18 29.96
C SER C 175 -4.16 -18.29 30.89
N SER C 176 -3.73 -18.21 32.16
CA SER C 176 -4.33 -18.97 33.23
C SER C 176 -5.37 -18.06 33.87
N ALA C 177 -6.12 -18.57 34.85
CA ALA C 177 -7.11 -17.76 35.56
C ALA C 177 -6.42 -16.62 36.32
N LEU C 178 -5.26 -16.92 36.89
CA LEU C 178 -4.45 -15.91 37.59
C LEU C 178 -3.96 -14.82 36.63
N GLY C 179 -3.39 -15.24 35.51
CA GLY C 179 -2.91 -14.31 34.48
C GLY C 179 -4.01 -13.37 34.02
N ALA C 180 -5.21 -13.93 33.83
CA ALA C 180 -6.34 -13.18 33.27
C ALA C 180 -6.88 -12.10 34.21
N MET C 181 -6.50 -12.17 35.48
CA MET C 181 -6.88 -11.15 36.47
C MET C 181 -6.46 -9.74 36.05
N GLY C 182 -5.35 -9.63 35.34
CA GLY C 182 -4.89 -8.34 34.80
C GLY C 182 -5.94 -7.68 33.93
N TYR C 183 -6.67 -8.49 33.17
CA TYR C 183 -7.74 -7.93 32.34
C TYR C 183 -9.09 -7.73 33.03
N VAL C 184 -9.31 -8.47 34.12
CA VAL C 184 -10.40 -8.15 35.05
C VAL C 184 -10.19 -6.74 35.59
N GLU C 185 -8.96 -6.46 36.03
CA GLU C 185 -8.59 -5.16 36.60
C GLU C 185 -8.64 -4.06 35.55
N SER C 186 -8.17 -4.37 34.34
CA SER C 186 -8.21 -3.46 33.20
C SER C 186 -9.62 -2.93 32.93
N ALA C 187 -10.63 -3.77 33.16
CA ALA C 187 -12.03 -3.39 32.98
C ALA C 187 -12.44 -2.20 33.86
N LEU C 188 -11.84 -2.13 35.07
CA LEU C 188 -12.06 -1.01 35.99
C LEU C 188 -11.48 0.30 35.45
N GLU C 189 -10.27 0.24 34.89
CA GLU C 189 -9.65 1.39 34.20
C GLU C 189 -10.54 1.93 33.09
N ILE C 190 -10.96 1.02 32.20
CA ILE C 190 -11.83 1.35 31.09
C ILE C 190 -13.12 2.00 31.59
N ALA C 191 -13.75 1.39 32.59
CA ALA C 191 -14.96 1.96 33.20
C ALA C 191 -14.75 3.38 33.70
N GLN C 192 -13.64 3.61 34.39
CA GLN C 192 -13.34 4.93 34.95
C GLN C 192 -13.03 5.95 33.86
N GLN C 193 -12.28 5.52 32.86
CA GLN C 193 -11.90 6.40 31.75
C GLN C 193 -13.07 6.78 30.87
N CYS C 194 -14.05 5.89 30.75
CA CYS C 194 -15.23 6.13 29.89
C CYS C 194 -16.32 6.96 30.55
N GLU C 195 -16.41 6.90 31.88
CA GLU C 195 -17.40 7.67 32.65
C GLU C 195 -17.32 9.16 32.33
N GLU C 196 -18.48 9.73 31.96
CA GLU C 196 -18.60 11.14 31.57
C GLU C 196 -17.71 11.53 30.38
N VAL C 197 -17.43 10.56 29.51
CA VAL C 197 -16.68 10.81 28.27
C VAL C 197 -17.46 10.25 27.08
N VAL C 198 -17.86 8.99 27.19
CA VAL C 198 -18.46 8.26 26.07
C VAL C 198 -19.58 7.32 26.50
N GLY C 199 -20.65 7.28 25.68
CA GLY C 199 -21.74 6.32 25.87
C GLY C 199 -21.45 5.02 25.14
N LEU C 200 -20.55 4.23 25.73
CA LEU C 200 -20.05 2.95 25.20
C LEU C 200 -21.12 1.90 24.81
N SER C 201 -20.99 1.35 23.60
CA SER C 201 -21.90 0.31 23.11
C SER C 201 -21.20 -1.04 22.98
N SER C 202 -19.99 -1.03 22.40
CA SER C 202 -19.28 -2.26 22.08
C SER C 202 -17.78 -2.16 22.40
N VAL C 203 -17.18 -3.32 22.70
CA VAL C 203 -15.75 -3.42 22.88
C VAL C 203 -15.25 -4.52 21.97
N VAL C 204 -14.13 -4.27 21.30
CA VAL C 204 -13.55 -5.25 20.38
C VAL C 204 -12.14 -5.61 20.82
N VAL C 205 -11.86 -6.92 20.90
CA VAL C 205 -10.55 -7.44 21.28
C VAL C 205 -10.19 -8.75 20.56
N ALA C 206 -8.90 -8.93 20.28
CA ALA C 206 -8.40 -10.17 19.70
C ALA C 206 -8.51 -11.32 20.71
N SER C 207 -9.07 -12.44 20.26
CA SER C 207 -9.28 -13.58 21.14
C SER C 207 -8.43 -14.78 20.71
N GLY C 208 -7.37 -15.04 21.48
CA GLY C 208 -6.42 -16.10 21.15
C GLY C 208 -6.35 -17.13 22.24
N SER C 209 -5.25 -17.11 23.01
CA SER C 209 -5.10 -17.99 24.18
C SER C 209 -6.18 -17.71 25.24
N ALA C 210 -6.88 -16.60 25.09
CA ALA C 210 -8.20 -16.34 25.72
C ALA C 210 -8.24 -15.61 27.06
N GLY C 211 -7.08 -15.41 27.69
CA GLY C 211 -7.00 -14.68 28.96
C GLY C 211 -7.55 -13.27 28.90
N THR C 212 -7.20 -12.54 27.84
CA THR C 212 -7.61 -11.14 27.68
C THR C 212 -9.12 -11.05 27.54
N HIS C 213 -9.67 -11.86 26.64
CA HIS C 213 -11.12 -11.94 26.38
C HIS C 213 -11.89 -12.29 27.62
N ALA C 214 -11.54 -13.41 28.24
CA ALA C 214 -12.23 -13.92 29.44
C ALA C 214 -12.09 -12.97 30.62
N GLY C 215 -10.87 -12.48 30.83
CA GLY C 215 -10.62 -11.46 31.86
C GLY C 215 -11.51 -10.24 31.69
N LEU C 216 -11.60 -9.72 30.47
CA LEU C 216 -12.46 -8.59 30.19
C LEU C 216 -13.94 -8.95 30.32
N ALA C 217 -14.29 -10.18 29.97
CA ALA C 217 -15.68 -10.65 30.05
C ALA C 217 -16.17 -10.60 31.50
N VAL C 218 -15.35 -11.14 32.40
CA VAL C 218 -15.67 -11.15 33.84
C VAL C 218 -15.74 -9.73 34.38
N GLY C 219 -14.67 -8.97 34.18
CA GLY C 219 -14.64 -7.57 34.58
C GLY C 219 -15.77 -6.72 34.02
N LEU C 220 -16.05 -6.88 32.73
CA LEU C 220 -17.06 -6.03 32.09
C LEU C 220 -18.52 -6.42 32.41
N GLU C 221 -18.79 -7.70 32.61
CA GLU C 221 -20.11 -8.15 33.07
C GLU C 221 -20.49 -7.46 34.39
N HIS C 222 -19.53 -7.42 35.33
CA HIS C 222 -19.72 -6.77 36.62
C HIS C 222 -19.74 -5.25 36.55
N LEU C 223 -18.85 -4.66 35.75
CA LEU C 223 -18.66 -3.21 35.79
C LEU C 223 -19.35 -2.40 34.69
N MET C 224 -19.44 -2.98 33.50
CA MET C 224 -20.13 -2.33 32.37
C MET C 224 -21.07 -3.35 31.71
N PRO C 225 -22.21 -3.64 32.37
CA PRO C 225 -23.06 -4.75 31.94
C PRO C 225 -23.84 -4.48 30.65
N ASP C 226 -24.03 -3.20 30.31
CA ASP C 226 -24.74 -2.79 29.09
C ASP C 226 -23.89 -2.85 27.81
N VAL C 227 -22.61 -3.17 27.94
CA VAL C 227 -21.67 -3.15 26.81
C VAL C 227 -21.49 -4.53 26.22
N GLU C 228 -21.56 -4.64 24.90
CA GLU C 228 -21.34 -5.90 24.21
C GLU C 228 -19.85 -6.12 23.95
N LEU C 229 -19.32 -7.24 24.44
CA LEU C 229 -17.92 -7.56 24.20
C LEU C 229 -17.77 -8.60 23.10
N ILE C 230 -17.10 -8.20 22.03
CA ILE C 230 -16.84 -9.09 20.88
C ILE C 230 -15.37 -9.49 20.82
N GLY C 231 -15.15 -10.81 20.82
CA GLY C 231 -13.82 -11.37 20.61
C GLY C 231 -13.67 -11.81 19.16
N VAL C 232 -12.67 -11.26 18.49
CA VAL C 232 -12.35 -11.65 17.11
C VAL C 232 -11.26 -12.70 17.22
N THR C 233 -11.57 -13.93 16.82
CA THR C 233 -10.62 -15.02 16.99
C THR C 233 -9.43 -14.83 16.06
N VAL C 234 -8.28 -15.33 16.47
CA VAL C 234 -7.05 -15.18 15.72
C VAL C 234 -6.42 -16.52 15.36
N SER C 235 -7.01 -17.60 15.88
CA SER C 235 -6.45 -18.95 15.71
C SER C 235 -7.47 -20.07 15.52
N ARG C 236 -8.71 -19.86 15.95
CA ARG C 236 -9.72 -20.93 16.00
C ARG C 236 -11.11 -20.50 15.56
N SER C 237 -11.95 -21.48 15.20
CA SER C 237 -13.36 -21.23 14.90
C SER C 237 -14.15 -20.90 16.17
N VAL C 238 -15.33 -20.33 15.99
CA VAL C 238 -16.27 -20.04 17.09
C VAL C 238 -16.50 -21.26 17.99
N ALA C 239 -16.66 -22.43 17.37
CA ALA C 239 -16.96 -23.69 18.08
C ALA C 239 -15.76 -24.24 18.84
N GLU C 240 -14.57 -23.94 18.36
CA GLU C 240 -13.34 -24.36 19.04
C GLU C 240 -12.98 -23.39 20.17
N GLN C 241 -13.25 -22.11 19.97
CA GLN C 241 -12.83 -21.06 20.90
C GLN C 241 -13.80 -20.83 22.04
N LYS C 242 -15.11 -20.90 21.75
CA LYS C 242 -16.14 -20.64 22.77
C LYS C 242 -16.00 -21.44 24.08
N PRO C 243 -15.70 -22.77 24.00
CA PRO C 243 -15.50 -23.52 25.24
C PRO C 243 -14.26 -23.10 26.03
N LYS C 244 -13.17 -22.78 25.32
CA LYS C 244 -11.95 -22.28 25.97
C LYS C 244 -12.21 -20.98 26.74
N VAL C 245 -12.94 -20.06 26.11
CA VAL C 245 -13.24 -18.75 26.68
C VAL C 245 -14.26 -18.82 27.82
N ILE C 246 -15.27 -19.70 27.66
CA ILE C 246 -16.25 -19.93 28.74
C ILE C 246 -15.55 -20.60 29.93
N ALA C 247 -14.76 -21.63 29.65
CA ALA C 247 -14.01 -22.36 30.69
C ALA C 247 -13.08 -21.46 31.51
N LEU C 248 -12.44 -20.49 30.87
CA LEU C 248 -11.61 -19.52 31.58
C LEU C 248 -12.46 -18.51 32.36
N GLN C 249 -13.49 -17.99 31.71
CA GLN C 249 -14.45 -17.08 32.35
C GLN C 249 -14.96 -17.69 33.67
N GLN C 250 -15.25 -18.99 33.65
CA GLN C 250 -15.76 -19.69 34.84
C GLN C 250 -14.66 -20.00 35.84
N ALA C 251 -13.46 -20.29 35.34
CA ALA C 251 -12.28 -20.49 36.20
C ALA C 251 -11.96 -19.19 36.94
N ILE C 252 -11.94 -18.08 36.21
CA ILE C 252 -11.75 -16.75 36.78
C ILE C 252 -12.83 -16.48 37.83
N ALA C 253 -14.09 -16.64 37.43
CA ALA C 253 -15.25 -16.45 38.33
C ALA C 253 -15.04 -17.18 39.67
N GLY C 254 -14.60 -18.43 39.58
CA GLY C 254 -14.33 -19.29 40.73
C GLY C 254 -13.25 -18.76 41.68
N GLN C 255 -12.19 -18.19 41.11
CA GLN C 255 -11.11 -17.59 41.90
C GLN C 255 -11.57 -16.34 42.63
N LEU C 256 -12.39 -15.54 41.95
CA LEU C 256 -12.94 -14.32 42.52
C LEU C 256 -14.16 -14.60 43.40
N ALA C 257 -14.54 -15.88 43.51
CA ALA C 257 -15.80 -16.30 44.13
C ALA C 257 -16.95 -15.41 43.65
N LEU C 258 -17.12 -15.40 42.33
CA LEU C 258 -18.13 -14.61 41.64
C LEU C 258 -18.89 -15.52 40.68
N THR C 259 -19.99 -15.03 40.13
CA THR C 259 -20.72 -15.78 39.09
C THR C 259 -20.78 -15.01 37.77
N ALA C 260 -20.23 -15.61 36.72
CA ALA C 260 -20.22 -15.02 35.39
C ALA C 260 -21.26 -15.68 34.48
N THR C 261 -22.36 -14.98 34.22
CA THR C 261 -23.45 -15.53 33.41
C THR C 261 -23.45 -15.07 31.94
N ALA C 262 -22.94 -13.85 31.70
CA ALA C 262 -22.92 -13.24 30.36
C ALA C 262 -22.42 -14.18 29.27
N ASP C 263 -23.01 -14.05 28.10
CA ASP C 263 -22.68 -14.85 26.94
C ASP C 263 -21.33 -14.41 26.36
N ILE C 264 -20.56 -15.37 25.87
CA ILE C 264 -19.34 -15.07 25.15
C ILE C 264 -19.72 -14.84 23.68
N HIS C 265 -19.26 -13.73 23.12
CA HIS C 265 -19.49 -13.41 21.71
C HIS C 265 -18.21 -13.49 20.94
N LEU C 266 -18.24 -14.22 19.84
CA LEU C 266 -17.04 -14.44 19.02
C LEU C 266 -17.33 -14.31 17.53
N TRP C 267 -16.39 -13.75 16.79
CA TRP C 267 -16.42 -13.77 15.32
C TRP C 267 -15.18 -14.40 14.80
N ASP C 268 -15.34 -15.44 13.99
CA ASP C 268 -14.22 -16.23 13.52
C ASP C 268 -13.92 -16.04 12.04
N ASP C 269 -14.47 -14.98 11.46
CA ASP C 269 -14.42 -14.75 10.01
C ASP C 269 -13.12 -14.11 9.53
N TYR C 270 -12.27 -13.69 10.46
CA TYR C 270 -11.19 -12.74 10.11
C TYR C 270 -9.78 -13.23 10.40
N PHE C 271 -9.59 -14.55 10.49
CA PHE C 271 -8.24 -15.05 10.81
C PHE C 271 -7.68 -16.02 9.77
N ALA C 272 -8.52 -16.48 8.84
CA ALA C 272 -8.07 -17.37 7.78
C ALA C 272 -6.79 -16.82 7.13
N PRO C 273 -5.87 -17.71 6.72
CA PRO C 273 -5.94 -19.17 6.77
C PRO C 273 -5.42 -19.78 8.06
N GLY C 274 -5.18 -18.98 9.10
CA GLY C 274 -4.69 -19.53 10.36
C GLY C 274 -3.96 -18.56 11.28
N TYR C 275 -3.60 -19.07 12.46
CA TYR C 275 -2.82 -18.29 13.43
C TYR C 275 -1.45 -17.94 12.85
N GLY C 276 -1.06 -16.68 12.99
CA GLY C 276 0.28 -16.25 12.61
C GLY C 276 0.50 -16.08 11.12
N VAL C 277 -0.57 -16.22 10.33
CA VAL C 277 -0.50 -15.95 8.90
C VAL C 277 -1.27 -14.66 8.65
N PRO C 278 -0.61 -13.64 8.07
CA PRO C 278 -1.33 -12.41 7.78
C PRO C 278 -2.36 -12.64 6.68
N ASN C 279 -3.35 -11.77 6.60
CA ASN C 279 -4.31 -11.82 5.52
C ASN C 279 -4.59 -10.41 5.02
N ASP C 280 -5.23 -10.30 3.87
CA ASP C 280 -5.36 -9.02 3.23
C ASP C 280 -6.17 -8.01 4.02
N ALA C 281 -7.29 -8.44 4.61
CA ALA C 281 -8.12 -7.54 5.42
C ALA C 281 -7.35 -7.00 6.63
N GLY C 282 -6.56 -7.86 7.24
CA GLY C 282 -5.79 -7.50 8.43
C GLY C 282 -4.68 -6.52 8.08
N MET C 283 -3.91 -6.84 7.05
CA MET C 283 -2.87 -5.93 6.55
C MET C 283 -3.45 -4.58 6.11
N GLU C 284 -4.60 -4.61 5.46
CA GLU C 284 -5.30 -3.37 5.10
C GLU C 284 -5.80 -2.61 6.33
N ALA C 285 -6.15 -3.33 7.41
CA ALA C 285 -6.47 -2.66 8.68
C ALA C 285 -5.23 -1.97 9.26
N VAL C 286 -4.09 -2.68 9.28
CA VAL C 286 -2.79 -2.08 9.66
C VAL C 286 -2.54 -0.77 8.90
N LYS C 287 -2.64 -0.83 7.58
CA LYS C 287 -2.41 0.32 6.73
C LYS C 287 -3.38 1.46 7.06
N LEU C 288 -4.64 1.12 7.26
CA LEU C 288 -5.67 2.12 7.56
C LEU C 288 -5.37 2.87 8.87
N LEU C 289 -5.04 2.12 9.93
CA LEU C 289 -4.77 2.74 11.22
C LEU C 289 -3.49 3.57 11.20
N ALA C 290 -2.48 3.08 10.48
CA ALA C 290 -1.20 3.78 10.40
C ALA C 290 -1.34 5.09 9.62
N SER C 291 -2.00 5.03 8.46
CA SER C 291 -2.16 6.23 7.63
C SER C 291 -3.17 7.25 8.14
N LEU C 292 -4.23 6.79 8.79
CA LEU C 292 -5.26 7.71 9.31
C LEU C 292 -4.95 8.25 10.69
N GLU C 293 -4.35 7.42 11.54
CA GLU C 293 -4.18 7.75 12.97
C GLU C 293 -2.73 7.68 13.48
N GLY C 294 -1.80 7.24 12.63
CA GLY C 294 -0.41 7.10 13.06
C GLY C 294 -0.26 6.04 14.13
N VAL C 295 -1.22 5.12 14.18
CA VAL C 295 -1.24 4.03 15.14
C VAL C 295 -0.78 2.74 14.48
N LEU C 296 0.05 1.97 15.18
CA LEU C 296 0.64 0.78 14.62
C LEU C 296 0.03 -0.50 15.15
N LEU C 297 -0.71 -1.20 14.28
CA LEU C 297 -1.29 -2.51 14.59
C LEU C 297 -0.30 -3.60 14.22
N ASP C 298 -0.76 -4.85 14.18
CA ASP C 298 0.13 -5.95 13.81
C ASP C 298 -0.58 -6.98 12.96
N PRO C 299 0.17 -7.80 12.20
CA PRO C 299 -0.47 -8.74 11.27
C PRO C 299 -1.10 -9.98 11.90
N VAL C 300 -0.67 -10.34 13.12
CA VAL C 300 -1.14 -11.58 13.74
C VAL C 300 -2.42 -11.36 14.56
N TYR C 301 -2.43 -10.31 15.37
CA TYR C 301 -3.48 -10.11 16.34
C TYR C 301 -4.38 -8.92 16.04
N THR C 302 -3.84 -7.71 16.24
CA THR C 302 -4.64 -6.48 16.21
C THR C 302 -5.17 -6.09 14.83
N GLY C 303 -4.39 -6.36 13.79
CA GLY C 303 -4.85 -6.15 12.41
C GLY C 303 -6.07 -6.99 12.07
N LYS C 304 -6.02 -8.28 12.40
CA LYS C 304 -7.16 -9.18 12.21
C LYS C 304 -8.36 -8.74 13.05
N ALA C 305 -8.11 -8.44 14.33
CA ALA C 305 -9.14 -7.94 15.23
C ALA C 305 -9.78 -6.64 14.73
N MET C 306 -8.97 -5.73 14.19
CA MET C 306 -9.48 -4.46 13.64
C MET C 306 -10.22 -4.63 12.32
N ALA C 307 -9.76 -5.57 11.49
CA ALA C 307 -10.48 -5.93 10.28
C ALA C 307 -11.89 -6.41 10.68
N GLY C 308 -11.96 -7.20 11.75
CA GLY C 308 -13.24 -7.65 12.31
C GLY C 308 -14.15 -6.49 12.71
N LEU C 309 -13.57 -5.48 13.33
CA LEU C 309 -14.31 -4.28 13.72
C LEU C 309 -14.88 -3.58 12.50
N ILE C 310 -14.03 -3.42 11.50
CA ILE C 310 -14.40 -2.72 10.27
C ILE C 310 -15.53 -3.47 9.56
N ASP C 311 -15.37 -4.78 9.40
CA ASP C 311 -16.41 -5.58 8.79
C ASP C 311 -17.69 -5.58 9.63
N GLY C 312 -17.52 -5.57 10.95
CA GLY C 312 -18.66 -5.48 11.88
C GLY C 312 -19.54 -4.30 11.56
N ILE C 313 -18.90 -3.19 11.19
CA ILE C 313 -19.60 -1.99 10.77
C ILE C 313 -20.19 -2.19 9.38
N SER C 314 -19.41 -2.74 8.46
CA SER C 314 -19.87 -3.06 7.11
C SER C 314 -21.17 -3.88 7.14
N GLN C 315 -21.22 -4.88 8.01
CA GLN C 315 -22.32 -5.85 8.04
C GLN C 315 -23.36 -5.57 9.12
N LYS C 316 -23.37 -4.36 9.68
CA LYS C 316 -24.24 -4.01 10.81
C LYS C 316 -24.30 -5.16 11.82
N ARG C 317 -23.13 -5.70 12.13
CA ARG C 317 -23.02 -6.91 12.91
C ARG C 317 -23.03 -6.67 14.43
N PHE C 318 -22.90 -5.40 14.83
CA PHE C 318 -22.91 -5.05 16.25
C PHE C 318 -24.34 -4.99 16.78
N ASN C 319 -24.50 -4.93 18.10
CA ASN C 319 -25.81 -4.79 18.73
C ASN C 319 -26.54 -3.51 18.31
N ASP C 320 -25.81 -2.41 18.16
CA ASP C 320 -26.36 -1.18 17.58
C ASP C 320 -25.28 -0.23 17.01
N ASP C 321 -25.70 0.98 16.63
CA ASP C 321 -24.84 1.97 15.97
C ASP C 321 -23.95 2.78 16.93
N GLY C 322 -23.88 2.37 18.19
CA GLY C 322 -23.20 3.16 19.22
C GLY C 322 -21.67 3.03 19.23
N PRO C 323 -21.00 3.87 20.02
CA PRO C 323 -19.53 3.94 20.10
C PRO C 323 -18.87 2.61 20.40
N ILE C 324 -17.77 2.35 19.70
CA ILE C 324 -17.00 1.13 19.88
C ILE C 324 -15.63 1.47 20.44
N LEU C 325 -15.16 0.64 21.37
CA LEU C 325 -13.83 0.73 21.93
C LEU C 325 -12.99 -0.42 21.44
N PHE C 326 -11.88 -0.11 20.79
CA PHE C 326 -10.95 -1.14 20.34
C PHE C 326 -9.86 -1.32 21.40
N ILE C 327 -9.60 -2.56 21.79
CA ILE C 327 -8.54 -2.82 22.76
C ILE C 327 -7.25 -3.12 22.01
N HIS C 328 -6.35 -2.13 21.95
CA HIS C 328 -5.05 -2.35 21.33
C HIS C 328 -4.13 -3.11 22.22
N THR C 329 -4.07 -4.41 21.96
CA THR C 329 -3.32 -5.34 22.79
C THR C 329 -1.82 -5.40 22.44
N GLY C 330 -1.40 -4.70 21.39
CA GLY C 330 0.02 -4.59 21.02
C GLY C 330 0.41 -5.28 19.72
N GLY C 331 1.58 -5.93 19.74
CA GLY C 331 2.00 -6.81 18.66
C GLY C 331 2.91 -6.22 17.59
N ALA C 332 3.02 -4.90 17.57
CA ALA C 332 3.76 -4.17 16.52
C ALA C 332 5.16 -4.68 16.18
N PRO C 333 5.95 -5.19 17.18
CA PRO C 333 7.29 -5.65 16.77
C PRO C 333 7.26 -6.79 15.74
N ALA C 334 6.13 -7.49 15.63
CA ALA C 334 5.97 -8.51 14.59
C ALA C 334 5.97 -7.96 13.16
N LEU C 335 5.65 -6.68 13.01
CA LEU C 335 5.69 -6.05 11.69
C LEU C 335 7.06 -6.26 11.03
N PHE C 336 8.12 -6.15 11.80
CA PHE C 336 9.49 -6.25 11.30
C PHE C 336 9.91 -7.69 11.04
N ALA C 337 9.23 -8.63 11.68
CA ALA C 337 9.48 -10.04 11.43
C ALA C 337 8.75 -10.53 10.20
N TYR C 338 7.53 -10.04 9.98
CA TYR C 338 6.69 -10.46 8.86
C TYR C 338 7.06 -9.82 7.52
N HIS C 339 7.84 -8.75 7.58
CA HIS C 339 8.30 -8.05 6.39
C HIS C 339 9.51 -8.76 5.83
N PRO C 340 9.59 -8.91 4.48
CA PRO C 340 8.63 -8.50 3.46
C PRO C 340 7.49 -9.51 3.23
N HIS C 341 7.76 -10.78 3.56
CA HIS C 341 6.77 -11.85 3.44
C HIS C 341 7.17 -13.03 4.26
N VAL C 342 6.15 -13.85 4.56
N VAL C 342 6.22 -13.93 4.50
CA VAL C 342 6.26 -15.14 5.21
CA VAL C 342 6.49 -15.15 5.23
C VAL C 342 7.06 -15.14 6.51
C VAL C 342 6.08 -16.36 4.41
N MET D 15 9.19 29.86 37.58
CA MET D 15 10.05 31.07 37.69
C MET D 15 11.03 31.18 36.51
N PRO D 16 12.20 30.51 36.59
CA PRO D 16 13.28 30.90 35.67
C PRO D 16 12.98 30.65 34.19
N LEU D 17 12.13 29.66 33.91
CA LEU D 17 11.80 29.28 32.54
C LEU D 17 10.37 29.62 32.16
N HIS D 18 9.80 30.67 32.75
CA HIS D 18 8.40 31.04 32.53
C HIS D 18 8.05 31.38 31.11
N HIS D 19 8.99 32.00 30.38
CA HIS D 19 8.80 32.37 28.97
C HIS D 19 8.59 31.19 28.05
N LEU D 20 8.81 29.99 28.56
CA LEU D 20 8.54 28.77 27.80
C LEU D 20 7.07 28.68 27.40
N THR D 21 6.18 29.15 28.29
CA THR D 21 4.74 29.08 28.08
C THR D 21 4.22 30.06 27.02
N ARG D 22 5.10 30.88 26.46
CA ARG D 22 4.74 31.78 25.37
C ARG D 22 4.54 31.01 24.06
N PHE D 23 5.23 29.86 23.95
CA PHE D 23 5.20 29.07 22.73
C PHE D 23 3.99 28.13 22.71
N PRO D 24 3.20 28.19 21.62
CA PRO D 24 2.14 27.21 21.45
C PRO D 24 2.76 25.84 21.24
N ARG D 25 2.11 24.81 21.75
CA ARG D 25 2.61 23.44 21.64
C ARG D 25 1.43 22.49 21.61
N LEU D 26 1.57 21.43 20.82
CA LEU D 26 0.59 20.35 20.81
C LEU D 26 0.90 19.37 21.94
N GLU D 27 -0.09 18.56 22.31
CA GLU D 27 0.09 17.55 23.34
C GLU D 27 0.19 16.15 22.73
N PHE D 28 1.41 15.66 22.56
CA PHE D 28 1.65 14.31 22.02
C PHE D 28 2.07 13.33 23.11
N ILE D 29 2.50 13.84 24.25
CA ILE D 29 3.02 13.00 25.31
C ILE D 29 2.04 12.89 26.48
N GLY D 30 1.63 14.03 27.02
CA GLY D 30 0.75 14.06 28.20
C GLY D 30 1.58 14.14 29.48
N ALA D 31 1.43 13.15 30.34
CA ALA D 31 2.17 13.06 31.61
C ALA D 31 3.70 13.08 31.39
N PRO D 32 4.45 13.51 32.42
CA PRO D 32 5.90 13.35 32.37
C PRO D 32 6.27 11.88 32.20
N THR D 33 7.28 11.61 31.36
CA THR D 33 7.75 10.24 31.13
C THR D 33 8.45 9.71 32.40
N PRO D 34 8.48 8.37 32.58
CA PRO D 34 9.08 7.81 33.79
C PRO D 34 10.55 8.19 34.00
N LEU D 35 10.95 8.40 35.25
CA LEU D 35 12.36 8.45 35.63
C LEU D 35 12.60 7.32 36.62
N GLU D 36 13.38 6.33 36.19
CA GLU D 36 13.48 5.05 36.89
C GLU D 36 14.89 4.77 37.37
N TYR D 37 14.99 4.15 38.54
CA TYR D 37 16.26 3.59 39.00
C TYR D 37 16.58 2.29 38.26
N LEU D 38 17.85 2.08 37.92
CA LEU D 38 18.28 0.83 37.31
C LEU D 38 19.15 0.03 38.28
N PRO D 39 18.51 -0.75 39.17
CA PRO D 39 19.26 -1.42 40.26
C PRO D 39 20.29 -2.44 39.79
N ARG D 40 19.97 -3.21 38.75
CA ARG D 40 20.86 -4.28 38.29
C ARG D 40 22.05 -3.70 37.53
N LEU D 41 21.79 -2.70 36.70
CA LEU D 41 22.87 -1.98 36.02
C LEU D 41 23.76 -1.25 37.03
N SER D 42 23.14 -0.60 38.01
CA SER D 42 23.87 0.12 39.07
C SER D 42 24.78 -0.82 39.88
N ASP D 43 24.24 -1.98 40.23
CA ASP D 43 24.99 -3.01 40.95
C ASP D 43 26.19 -3.45 40.11
N TYR D 44 25.98 -3.64 38.81
CA TYR D 44 27.04 -4.04 37.91
C TYR D 44 28.11 -2.95 37.73
N LEU D 45 27.68 -1.71 37.51
CA LEU D 45 28.60 -0.60 37.25
C LEU D 45 29.27 -0.02 38.49
N GLY D 46 28.67 -0.28 39.66
CA GLY D 46 29.20 0.17 40.95
C GLY D 46 28.92 1.64 41.24
N ARG D 47 27.86 2.15 40.63
CA ARG D 47 27.52 3.57 40.65
C ARG D 47 26.01 3.65 40.41
N GLU D 48 25.32 4.58 41.08
CA GLU D 48 23.87 4.69 40.92
C GLU D 48 23.53 5.24 39.54
N ILE D 49 22.71 4.49 38.79
CA ILE D 49 22.27 4.90 37.47
C ILE D 49 20.75 4.99 37.40
N TYR D 50 20.28 6.13 36.92
CA TYR D 50 18.87 6.39 36.67
C TYR D 50 18.66 6.59 35.19
N ILE D 51 17.41 6.45 34.74
CA ILE D 51 17.12 6.58 33.32
C ILE D 51 15.85 7.39 33.10
N LYS D 52 15.92 8.38 32.21
CA LYS D 52 14.73 9.13 31.83
C LYS D 52 14.20 8.45 30.58
N ARG D 53 12.95 8.02 30.65
CA ARG D 53 12.38 7.12 29.65
C ARG D 53 11.60 7.87 28.59
N ASP D 54 12.32 8.67 27.79
CA ASP D 54 11.68 9.41 26.71
C ASP D 54 11.44 8.51 25.52
N ASP D 55 11.85 7.25 25.65
CA ASP D 55 11.59 6.22 24.64
C ASP D 55 10.16 5.69 24.76
N VAL D 56 9.52 5.99 25.89
CA VAL D 56 8.19 5.49 26.24
C VAL D 56 7.18 6.61 26.04
N THR D 57 6.84 6.84 24.78
CA THR D 57 5.83 7.83 24.41
C THR D 57 4.78 7.16 23.53
N PRO D 58 3.53 7.70 23.52
CA PRO D 58 2.43 6.95 22.90
C PRO D 58 2.41 6.93 21.38
N ILE D 59 3.17 7.79 20.72
CA ILE D 59 3.11 7.89 19.25
C ILE D 59 4.16 7.07 18.50
N ALA D 60 3.68 6.08 17.73
CA ALA D 60 4.50 5.29 16.80
C ALA D 60 5.89 4.93 17.32
N MET D 61 5.91 4.23 18.46
CA MET D 61 7.13 3.70 19.07
C MET D 61 8.05 4.73 19.74
N GLY D 62 7.59 5.98 19.82
CA GLY D 62 8.18 6.98 20.70
C GLY D 62 9.56 7.52 20.36
N GLY D 63 10.08 8.36 21.26
CA GLY D 63 11.41 8.91 21.11
C GLY D 63 11.48 10.40 21.39
N ASN D 64 12.71 10.90 21.45
CA ASN D 64 12.99 12.28 21.81
C ASN D 64 12.42 13.31 20.84
N LEU D 66 9.68 13.46 19.38
CA LEU D 66 8.30 13.81 19.69
C LEU D 66 8.19 15.10 20.52
N ARG D 67 9.10 15.27 21.47
CA ARG D 67 9.15 16.50 22.28
C ARG D 67 9.36 17.75 21.43
N LYS D 68 10.26 17.64 20.44
CA LYS D 68 10.50 18.73 19.51
C LYS D 68 9.29 18.99 18.63
N LEU D 69 8.67 17.90 18.16
CA LEU D 69 7.55 17.97 17.23
C LEU D 69 6.35 18.67 17.83
N GLU D 70 6.14 18.51 19.13
CA GLU D 70 5.09 19.24 19.86
C GLU D 70 5.13 20.75 19.57
N PHE D 71 6.33 21.33 19.57
CA PHE D 71 6.49 22.76 19.28
C PHE D 71 6.49 23.07 17.78
N LEU D 72 7.26 22.29 17.01
CA LEU D 72 7.38 22.49 15.57
C LEU D 72 6.04 22.38 14.83
N VAL D 73 5.24 21.38 15.18
CA VAL D 73 4.00 21.12 14.47
C VAL D 73 2.91 22.12 14.88
N ALA D 74 2.95 22.56 16.13
CA ALA D 74 2.09 23.65 16.59
C ALA D 74 2.35 24.88 15.72
N ASP D 75 3.63 25.16 15.48
CA ASP D 75 4.08 26.24 14.61
C ASP D 75 3.58 26.06 13.18
N ALA D 76 3.68 24.83 12.66
CA ALA D 76 3.20 24.54 11.31
C ALA D 76 1.71 24.87 11.17
N LEU D 77 0.90 24.36 12.09
CA LEU D 77 -0.55 24.62 12.10
C LEU D 77 -0.88 26.11 12.19
N ARG D 78 -0.19 26.82 13.08
CA ARG D 78 -0.34 28.27 13.22
C ARG D 78 -0.05 29.00 11.90
N GLU D 79 0.89 28.49 11.11
CA GLU D 79 1.17 29.03 9.79
C GLU D 79 0.17 28.58 8.72
N GLY D 80 -0.72 27.66 9.07
CA GLY D 80 -1.71 27.13 8.13
C GLY D 80 -1.14 26.09 7.18
N ALA D 81 -0.07 25.42 7.60
CA ALA D 81 0.59 24.39 6.78
C ALA D 81 -0.24 23.13 6.71
N ASP D 82 -0.16 22.44 5.57
CA ASP D 82 -0.85 21.16 5.41
C ASP D 82 0.13 20.03 5.10
N THR D 83 1.41 20.35 5.02
CA THR D 83 2.44 19.38 4.64
C THR D 83 3.72 19.59 5.44
N LEU D 84 4.21 18.53 6.07
CA LEU D 84 5.48 18.59 6.78
C LEU D 84 6.59 18.05 5.89
N ILE D 85 7.66 18.81 5.74
CA ILE D 85 8.84 18.35 5.00
C ILE D 85 10.05 18.28 5.91
N THR D 86 10.70 17.11 5.91
CA THR D 86 11.93 16.93 6.66
C THR D 86 12.88 15.94 5.95
N ALA D 87 14.03 15.68 6.56
CA ALA D 87 15.09 14.89 5.94
C ALA D 87 15.83 14.06 6.98
N GLY D 88 16.52 13.01 6.53
CA GLY D 88 17.32 12.19 7.44
C GLY D 88 17.86 10.94 6.78
N ALA D 89 18.56 10.11 7.56
CA ALA D 89 18.94 8.77 7.09
C ALA D 89 17.68 7.95 6.84
N ILE D 90 17.81 6.95 5.98
CA ILE D 90 16.72 5.98 5.74
C ILE D 90 16.15 5.44 7.05
N GLN D 91 17.00 5.28 8.06
CA GLN D 91 16.56 4.75 9.36
C GLN D 91 16.31 5.82 10.43
N SER D 92 16.14 7.07 9.98
CA SER D 92 15.91 8.19 10.89
C SER D 92 14.71 7.93 11.79
N ASN D 93 14.90 8.11 13.09
CA ASN D 93 13.78 8.09 14.02
C ASN D 93 12.95 9.36 13.85
N HIS D 94 13.64 10.46 13.56
CA HIS D 94 12.99 11.76 13.39
C HIS D 94 11.97 11.75 12.28
N VAL D 95 12.36 11.19 11.14
CA VAL D 95 11.49 11.08 9.98
C VAL D 95 10.27 10.23 10.30
N ARG D 96 10.50 9.10 10.98
CA ARG D 96 9.43 8.17 11.37
C ARG D 96 8.44 8.82 12.31
N GLN D 97 8.95 9.56 13.30
CA GLN D 97 8.09 10.27 14.25
C GLN D 97 7.31 11.42 13.58
N THR D 98 7.99 12.17 12.70
CA THR D 98 7.36 13.22 11.90
C THR D 98 6.23 12.66 11.04
N ALA D 99 6.48 11.54 10.37
CA ALA D 99 5.50 10.87 9.52
C ALA D 99 4.26 10.42 10.31
N ALA D 100 4.48 9.89 11.51
CA ALA D 100 3.39 9.42 12.35
C ALA D 100 2.50 10.57 12.80
N VAL D 101 3.12 11.66 13.22
CA VAL D 101 2.40 12.86 13.65
C VAL D 101 1.61 13.45 12.46
N ALA D 102 2.25 13.47 11.29
CA ALA D 102 1.61 13.92 10.07
C ALA D 102 0.34 13.10 9.78
N ALA D 103 0.45 11.78 9.88
CA ALA D 103 -0.69 10.89 9.67
C ALA D 103 -1.82 11.12 10.69
N LYS D 104 -1.45 11.28 11.96
CA LYS D 104 -2.41 11.50 13.03
C LYS D 104 -3.20 12.79 12.82
N LEU D 105 -2.50 13.81 12.32
CA LEU D 105 -3.10 15.13 12.16
C LEU D 105 -3.65 15.41 10.77
N GLY D 106 -3.62 14.40 9.90
CA GLY D 106 -4.12 14.54 8.54
C GLY D 106 -3.30 15.50 7.70
N LEU D 107 -2.01 15.64 8.03
CA LEU D 107 -1.10 16.44 7.23
C LEU D 107 -0.37 15.55 6.24
N HIS D 108 0.03 16.10 5.11
CA HIS D 108 0.89 15.39 4.18
C HIS D 108 2.30 15.39 4.72
N CYS D 109 3.10 14.44 4.27
CA CYS D 109 4.49 14.36 4.71
C CYS D 109 5.40 13.94 3.57
N VAL D 110 6.47 14.70 3.38
CA VAL D 110 7.47 14.40 2.37
C VAL D 110 8.84 14.35 3.05
N ALA D 111 9.56 13.26 2.82
CA ALA D 111 10.82 13.00 3.49
C ALA D 111 11.93 12.85 2.48
N LEU D 112 12.99 13.63 2.66
CA LEU D 112 14.20 13.48 1.86
C LEU D 112 15.15 12.54 2.61
N LEU D 113 15.46 11.41 2.01
CA LEU D 113 16.27 10.38 2.67
C LEU D 113 17.62 10.14 1.99
N GLU D 114 18.61 9.75 2.80
CA GLU D 114 19.91 9.35 2.32
C GLU D 114 20.33 8.04 2.95
N ASN D 115 21.24 7.35 2.27
CA ASN D 115 21.88 6.17 2.82
C ASN D 115 23.25 6.61 3.34
N PRO D 116 23.38 6.81 4.66
CA PRO D 116 24.59 7.42 5.21
C PRO D 116 25.75 6.45 5.39
N ILE D 117 25.54 5.15 5.18
CA ILE D 117 26.59 4.16 5.44
C ILE D 117 26.98 3.30 4.23
N GLY D 118 26.35 3.58 3.08
CA GLY D 118 26.67 2.88 1.83
C GLY D 118 26.30 1.40 1.83
N THR D 119 25.31 1.04 2.63
CA THR D 119 24.93 -0.36 2.78
C THR D 119 23.95 -0.81 1.69
N THR D 120 24.02 -2.09 1.34
CA THR D 120 23.07 -2.70 0.42
C THR D 120 22.22 -3.75 1.15
N ALA D 121 22.40 -3.87 2.47
CA ALA D 121 21.65 -4.83 3.28
C ALA D 121 20.16 -4.54 3.25
N GLU D 122 19.36 -5.56 2.98
CA GLU D 122 17.91 -5.39 2.76
C GLU D 122 17.11 -4.87 3.94
N ASN D 123 17.45 -5.30 5.14
CA ASN D 123 16.73 -4.83 6.32
C ASN D 123 17.00 -3.33 6.58
N TYR D 124 18.24 -2.88 6.34
CA TYR D 124 18.51 -1.45 6.47
C TYR D 124 17.70 -0.64 5.44
N LEU D 125 17.66 -1.13 4.21
CA LEU D 125 16.99 -0.43 3.12
C LEU D 125 15.47 -0.43 3.21
N THR D 126 14.89 -1.47 3.83
CA THR D 126 13.43 -1.64 3.73
C THR D 126 12.68 -1.92 5.04
N ASN D 127 13.39 -2.30 6.10
CA ASN D 127 12.74 -2.69 7.36
C ASN D 127 12.77 -1.55 8.40
N GLY D 128 12.44 -1.86 9.65
CA GLY D 128 12.54 -0.89 10.75
C GLY D 128 11.79 0.41 10.52
N ASN D 129 12.46 1.54 10.76
CA ASN D 129 11.84 2.84 10.58
C ASN D 129 11.35 3.08 9.16
N ARG D 130 12.12 2.63 8.17
CA ARG D 130 11.77 2.79 6.75
C ARG D 130 10.47 2.07 6.38
N LEU D 131 10.29 0.88 6.95
CA LEU D 131 9.06 0.12 6.78
C LEU D 131 7.87 0.92 7.31
N LEU D 132 8.06 1.57 8.46
CA LEU D 132 7.00 2.35 9.09
C LEU D 132 6.61 3.57 8.26
N LEU D 133 7.56 4.15 7.54
CA LEU D 133 7.28 5.31 6.71
C LEU D 133 6.23 5.00 5.64
N ASP D 134 6.27 3.80 5.09
CA ASP D 134 5.30 3.40 4.08
C ASP D 134 3.90 3.20 4.68
N LEU D 135 3.84 2.71 5.91
CA LEU D 135 2.54 2.54 6.56
C LEU D 135 1.90 3.90 6.81
N PHE D 136 2.73 4.92 7.02
CA PHE D 136 2.27 6.29 7.26
C PHE D 136 2.02 7.11 5.98
N ASN D 137 2.13 6.48 4.81
CA ASN D 137 1.96 7.17 3.52
C ASN D 137 2.92 8.33 3.30
N THR D 138 4.15 8.20 3.81
CA THR D 138 5.15 9.23 3.61
C THR D 138 5.57 9.25 2.14
N GLN D 139 5.62 10.44 1.55
CA GLN D 139 6.21 10.58 0.22
C GLN D 139 7.74 10.60 0.38
N ILE D 140 8.40 9.60 -0.22
CA ILE D 140 9.84 9.40 -0.05
C ILE D 140 10.59 9.95 -1.25
N GLU D 141 11.56 10.81 -0.97
CA GLU D 141 12.50 11.22 -2.00
C GLU D 141 13.93 10.91 -1.59
N MET D 142 14.61 10.14 -2.44
CA MET D 142 15.98 9.74 -2.19
C MET D 142 16.96 10.77 -2.72
N CYS D 143 18.07 10.94 -2.00
CA CYS D 143 19.19 11.73 -2.50
C CYS D 143 20.48 11.00 -2.23
N ASP D 144 21.49 11.28 -3.06
CA ASP D 144 22.81 10.70 -2.90
C ASP D 144 23.39 10.99 -1.53
N ALA D 145 23.26 12.24 -1.08
CA ALA D 145 23.74 12.65 0.23
C ALA D 145 23.07 13.92 0.69
N LEU D 146 22.90 14.05 2.00
CA LEU D 146 22.46 15.30 2.59
C LEU D 146 23.66 16.22 2.83
N THR D 147 24.27 16.67 1.73
CA THR D 147 25.45 17.53 1.76
C THR D 147 25.12 18.96 2.22
N ASP D 148 23.95 19.47 1.83
CA ASP D 148 23.48 20.76 2.32
C ASP D 148 21.98 20.67 2.68
N PRO D 149 21.66 20.06 3.83
CA PRO D 149 20.28 19.67 4.18
C PRO D 149 19.29 20.84 4.10
N ASP D 150 19.67 22.00 4.62
CA ASP D 150 18.81 23.19 4.61
C ASP D 150 18.44 23.66 3.21
N ALA D 151 19.44 23.73 2.32
CA ALA D 151 19.23 24.14 0.93
C ALA D 151 18.46 23.08 0.15
N GLN D 152 18.80 21.81 0.41
CA GLN D 152 18.12 20.68 -0.23
C GLN D 152 16.64 20.59 0.16
N LEU D 153 16.35 20.86 1.43
CA LEU D 153 14.97 20.89 1.91
C LEU D 153 14.21 22.06 1.28
N GLN D 154 14.91 23.16 1.03
CA GLN D 154 14.30 24.33 0.40
C GLN D 154 13.86 24.06 -1.04
N THR D 155 14.75 23.42 -1.80
CA THR D 155 14.47 23.01 -3.18
C THR D 155 13.27 22.08 -3.25
N LEU D 156 13.19 21.13 -2.32
CA LEU D 156 12.05 20.20 -2.26
C LEU D 156 10.75 20.91 -1.91
N ALA D 157 10.83 21.87 -0.99
CA ALA D 157 9.66 22.66 -0.57
C ALA D 157 9.08 23.50 -1.71
N THR D 158 9.97 23.98 -2.59
CA THR D 158 9.58 24.73 -3.78
C THR D 158 8.77 23.87 -4.75
N ARG D 159 9.27 22.68 -5.07
CA ARG D 159 8.54 21.72 -5.90
C ARG D 159 7.16 21.40 -5.30
N ILE D 160 7.15 21.07 -4.01
CA ILE D 160 5.94 20.68 -3.31
C ILE D 160 4.91 21.82 -3.31
N GLU D 161 5.39 23.04 -3.07
CA GLU D 161 4.52 24.21 -3.04
C GLU D 161 3.93 24.50 -4.42
N ALA D 162 4.72 24.24 -5.47
CA ALA D 162 4.26 24.41 -6.86
C ALA D 162 3.09 23.49 -7.21
N GLN D 163 2.98 22.37 -6.51
CA GLN D 163 1.82 21.47 -6.64
C GLN D 163 0.60 22.00 -5.89
N GLY D 164 0.81 23.07 -5.13
CA GLY D 164 -0.30 23.71 -4.42
C GLY D 164 -0.38 23.38 -2.94
N PHE D 165 0.49 22.48 -2.47
CA PHE D 165 0.60 22.22 -1.03
C PHE D 165 1.14 23.44 -0.29
N ARG D 166 0.92 23.48 1.02
CA ARG D 166 1.46 24.52 1.89
C ARG D 166 2.48 23.91 2.85
N PRO D 167 3.74 23.77 2.41
CA PRO D 167 4.73 23.02 3.19
C PRO D 167 5.29 23.76 4.40
N TYR D 168 5.64 23.01 5.44
CA TYR D 168 6.41 23.54 6.58
C TYR D 168 7.65 22.68 6.72
N VAL D 169 8.80 23.33 6.69
CA VAL D 169 10.07 22.62 6.67
C VAL D 169 10.61 22.44 8.08
N ILE D 170 10.83 21.20 8.45
CA ILE D 170 11.45 20.85 9.72
C ILE D 170 12.89 20.43 9.43
N PRO D 171 13.87 21.07 10.09
CA PRO D 171 15.28 20.73 9.81
C PRO D 171 15.64 19.31 10.28
N VAL D 172 16.79 18.81 9.83
CA VAL D 172 17.29 17.50 10.24
C VAL D 172 17.18 17.37 11.76
N GLY D 173 16.67 16.23 12.22
CA GLY D 173 16.53 15.95 13.64
C GLY D 173 15.53 16.82 14.38
N GLY D 174 14.88 17.74 13.66
CA GLY D 174 13.98 18.71 14.29
C GLY D 174 14.68 19.74 15.14
N SER D 175 16.00 19.82 14.99
CA SER D 175 16.83 20.66 15.85
C SER D 175 16.93 22.12 15.42
N SER D 176 15.90 22.89 15.74
CA SER D 176 15.95 24.34 15.70
C SER D 176 15.78 24.79 17.14
N ALA D 177 15.90 26.09 17.40
CA ALA D 177 15.74 26.63 18.74
C ALA D 177 14.32 26.38 19.24
N LEU D 178 13.35 26.49 18.35
CA LEU D 178 11.95 26.19 18.68
C LEU D 178 11.76 24.71 19.02
N GLY D 179 12.31 23.83 18.20
CA GLY D 179 12.21 22.40 18.44
C GLY D 179 12.82 22.02 19.78
N ALA D 180 13.98 22.61 20.07
CA ALA D 180 14.73 22.33 21.30
C ALA D 180 14.00 22.72 22.59
N MET D 181 12.96 23.54 22.48
CA MET D 181 12.13 23.90 23.64
C MET D 181 11.56 22.65 24.32
N GLY D 182 11.38 21.60 23.52
CA GLY D 182 10.93 20.32 24.02
C GLY D 182 11.84 19.78 25.10
N TYR D 183 13.14 19.98 24.92
CA TYR D 183 14.12 19.50 25.89
C TYR D 183 14.42 20.46 27.04
N VAL D 184 14.07 21.73 26.85
CA VAL D 184 14.01 22.66 27.96
C VAL D 184 12.88 22.21 28.87
N GLU D 185 11.72 21.86 28.27
CA GLU D 185 10.58 21.31 29.02
C GLU D 185 10.93 19.99 29.71
N SER D 186 11.65 19.12 29.00
CA SER D 186 12.13 17.86 29.58
C SER D 186 12.97 18.11 30.85
N ALA D 187 13.80 19.15 30.81
CA ALA D 187 14.63 19.54 31.97
C ALA D 187 13.78 19.88 33.20
N LEU D 188 12.69 20.62 33.00
CA LEU D 188 11.74 20.90 34.09
C LEU D 188 11.22 19.61 34.71
N GLU D 189 10.85 18.65 33.86
CA GLU D 189 10.37 17.36 34.32
C GLU D 189 11.40 16.66 35.20
N ILE D 190 12.64 16.67 34.72
CA ILE D 190 13.76 15.99 35.38
C ILE D 190 14.04 16.60 36.75
N ALA D 191 14.12 17.93 36.81
CA ALA D 191 14.32 18.66 38.06
C ALA D 191 13.27 18.23 39.08
N GLN D 192 12.01 18.24 38.66
CA GLN D 192 10.88 17.89 39.51
C GLN D 192 10.92 16.45 39.98
N GLN D 193 11.33 15.54 39.09
CA GLN D 193 11.39 14.12 39.41
C GLN D 193 12.61 13.77 40.27
N CYS D 194 13.63 14.61 40.23
CA CYS D 194 14.85 14.39 41.02
C CYS D 194 14.81 15.00 42.42
N GLU D 195 13.79 15.80 42.71
CA GLU D 195 13.59 16.37 44.04
C GLU D 195 13.24 15.28 45.05
N GLU D 196 14.24 14.45 45.36
CA GLU D 196 14.17 13.27 46.23
C GLU D 196 14.41 12.02 45.38
N VAL D 197 15.70 11.79 45.11
CA VAL D 197 16.19 10.65 44.33
C VAL D 197 17.55 11.11 43.75
N VAL D 198 18.33 11.71 44.65
CA VAL D 198 19.51 12.51 44.36
C VAL D 198 20.49 12.24 45.55
N GLY D 199 21.76 12.65 45.53
CA GLY D 199 22.31 13.75 44.73
C GLY D 199 22.87 13.47 43.35
N LEU D 200 22.11 13.82 42.33
CA LEU D 200 22.49 13.66 40.93
C LEU D 200 23.76 14.43 40.60
N SER D 201 24.78 13.73 40.09
CA SER D 201 26.02 14.38 39.68
C SER D 201 26.09 14.70 38.19
N SER D 202 25.59 13.78 37.37
CA SER D 202 25.83 13.82 35.94
C SER D 202 24.59 13.42 35.13
N VAL D 203 24.50 13.99 33.93
CA VAL D 203 23.48 13.60 32.97
C VAL D 203 24.18 13.26 31.66
N VAL D 204 23.81 12.13 31.07
CA VAL D 204 24.36 11.67 29.80
C VAL D 204 23.26 11.59 28.73
N VAL D 205 23.54 12.16 27.57
CA VAL D 205 22.63 12.12 26.43
C VAL D 205 23.43 12.01 25.13
N ALA D 206 22.90 11.24 24.17
CA ALA D 206 23.43 11.23 22.82
C ALA D 206 23.31 12.64 22.23
N SER D 207 24.33 13.04 21.49
CA SER D 207 24.39 14.38 20.91
C SER D 207 24.57 14.27 19.40
N GLY D 208 23.50 14.56 18.66
CA GLY D 208 23.47 14.41 17.19
C GLY D 208 23.21 15.73 16.49
N SER D 209 21.98 15.94 16.03
CA SER D 209 21.62 17.23 15.41
C SER D 209 21.61 18.34 16.45
N ALA D 210 21.75 17.94 17.72
CA ALA D 210 22.13 18.80 18.87
C ALA D 210 20.99 19.52 19.62
N GLY D 211 19.78 19.46 19.09
CA GLY D 211 18.62 20.07 19.76
C GLY D 211 18.36 19.56 21.16
N THR D 212 18.48 18.24 21.35
CA THR D 212 18.24 17.61 22.66
C THR D 212 19.25 18.10 23.70
N HIS D 213 20.54 18.01 23.36
CA HIS D 213 21.65 18.41 24.20
C HIS D 213 21.53 19.88 24.55
N ALA D 214 21.25 20.71 23.55
CA ALA D 214 21.18 22.16 23.75
C ALA D 214 20.00 22.57 24.63
N GLY D 215 18.84 21.97 24.38
CA GLY D 215 17.63 22.23 25.20
C GLY D 215 17.83 21.81 26.65
N LEU D 216 18.38 20.63 26.85
CA LEU D 216 18.78 20.17 28.18
C LEU D 216 19.81 21.12 28.82
N ALA D 217 20.82 21.50 28.06
CA ALA D 217 21.87 22.37 28.59
C ALA D 217 21.29 23.64 29.20
N VAL D 218 20.36 24.27 28.49
CA VAL D 218 19.76 25.54 28.95
C VAL D 218 18.89 25.29 30.18
N GLY D 219 18.00 24.31 30.09
CA GLY D 219 17.12 23.94 31.20
C GLY D 219 17.88 23.56 32.45
N LEU D 220 18.90 22.71 32.30
CA LEU D 220 19.72 22.25 33.43
C LEU D 220 20.58 23.36 34.03
N GLU D 221 21.10 24.26 33.20
CA GLU D 221 21.90 25.38 33.74
C GLU D 221 21.08 26.19 34.76
N HIS D 222 19.79 26.32 34.50
CA HIS D 222 18.93 27.16 35.32
C HIS D 222 18.22 26.46 36.43
N LEU D 223 18.10 25.13 36.34
CA LEU D 223 17.33 24.36 37.32
C LEU D 223 18.22 23.47 38.20
N MET D 224 19.32 22.99 37.63
CA MET D 224 20.22 22.08 38.35
C MET D 224 21.66 22.46 38.03
N PRO D 225 22.10 23.68 38.45
CA PRO D 225 23.36 24.22 37.94
C PRO D 225 24.64 23.46 38.34
N ASP D 226 24.55 22.61 39.36
CA ASP D 226 25.69 21.80 39.81
C ASP D 226 25.87 20.50 39.01
N VAL D 227 24.80 20.08 38.32
CA VAL D 227 24.82 18.84 37.55
C VAL D 227 25.66 18.99 36.29
N GLU D 228 26.52 18.00 36.05
CA GLU D 228 27.35 17.96 34.85
C GLU D 228 26.60 17.30 33.67
N LEU D 229 26.34 18.04 32.61
CA LEU D 229 25.72 17.48 31.39
C LEU D 229 26.75 17.07 30.35
N ILE D 230 26.77 15.78 30.03
CA ILE D 230 27.68 15.21 29.03
C ILE D 230 26.89 14.78 27.79
N GLY D 231 27.28 15.33 26.65
CA GLY D 231 26.76 14.86 25.38
C GLY D 231 27.73 13.85 24.80
N VAL D 232 27.23 12.68 24.41
CA VAL D 232 28.07 11.70 23.71
C VAL D 232 27.76 11.83 22.23
N THR D 233 28.76 12.21 21.44
CA THR D 233 28.50 12.47 20.02
C THR D 233 28.22 11.18 19.28
N VAL D 234 27.32 11.25 18.30
CA VAL D 234 26.98 10.08 17.51
C VAL D 234 27.41 10.23 16.05
N SER D 235 27.84 11.43 15.67
CA SER D 235 28.17 11.70 14.26
C SER D 235 29.43 12.55 14.02
N ARG D 236 29.89 13.27 15.04
CA ARG D 236 30.97 14.26 14.85
C ARG D 236 31.97 14.32 15.97
N SER D 237 33.15 14.84 15.68
CA SER D 237 34.13 15.17 16.71
C SER D 237 33.62 16.32 17.59
N VAL D 238 34.20 16.46 18.77
CA VAL D 238 33.92 17.60 19.64
C VAL D 238 34.06 18.94 18.89
N ALA D 239 35.16 19.10 18.14
CA ALA D 239 35.43 20.33 17.41
C ALA D 239 34.33 20.72 16.43
N GLU D 240 33.76 19.72 15.76
CA GLU D 240 32.70 19.99 14.78
C GLU D 240 31.33 20.09 15.44
N GLN D 241 31.13 19.36 16.53
CA GLN D 241 29.83 19.30 17.19
C GLN D 241 29.58 20.47 18.14
N LYS D 242 30.62 20.85 18.89
CA LYS D 242 30.47 21.88 19.92
C LYS D 242 29.84 23.20 19.43
N PRO D 243 30.28 23.74 18.27
CA PRO D 243 29.64 24.98 17.83
C PRO D 243 28.15 24.84 17.53
N LYS D 244 27.71 23.66 17.07
CA LYS D 244 26.27 23.44 16.77
C LYS D 244 25.46 23.44 18.05
N VAL D 245 25.98 22.79 19.10
CA VAL D 245 25.27 22.78 20.37
C VAL D 245 25.23 24.19 20.98
N ILE D 246 26.36 24.88 20.94
CA ILE D 246 26.46 26.24 21.49
C ILE D 246 25.51 27.20 20.76
N ALA D 247 25.53 27.16 19.43
CA ALA D 247 24.65 28.02 18.61
C ALA D 247 23.21 27.90 19.07
N LEU D 248 22.77 26.65 19.26
CA LEU D 248 21.40 26.37 19.69
C LEU D 248 21.16 26.82 21.13
N GLN D 249 22.08 26.47 22.02
CA GLN D 249 22.04 26.90 23.43
C GLN D 249 21.82 28.42 23.55
N GLN D 250 22.60 29.20 22.83
CA GLN D 250 22.49 30.66 22.88
C GLN D 250 21.15 31.14 22.30
N ALA D 251 20.72 30.55 21.20
CA ALA D 251 19.44 30.92 20.58
C ALA D 251 18.25 30.60 21.50
N ILE D 252 18.23 29.38 22.03
CA ILE D 252 17.24 28.98 23.01
C ILE D 252 17.22 29.97 24.19
N ALA D 253 18.39 30.25 24.75
CA ALA D 253 18.50 31.17 25.88
C ALA D 253 17.87 32.53 25.57
N GLY D 254 18.25 33.12 24.44
CA GLY D 254 17.70 34.39 23.98
C GLY D 254 16.19 34.37 23.85
N GLN D 255 15.64 33.34 23.22
CA GLN D 255 14.20 33.18 23.04
C GLN D 255 13.46 33.13 24.37
N LEU D 256 14.17 32.76 25.43
CA LEU D 256 13.59 32.67 26.77
C LEU D 256 14.00 33.83 27.66
N ALA D 257 14.65 34.85 27.08
CA ALA D 257 15.16 36.01 27.83
C ALA D 257 16.08 35.59 28.97
N LEU D 258 16.95 34.62 28.66
CA LEU D 258 17.89 34.13 29.64
C LEU D 258 19.29 34.20 29.07
N THR D 259 20.27 34.17 29.95
CA THR D 259 21.65 33.99 29.55
C THR D 259 22.02 32.53 29.80
N ALA D 260 23.02 32.05 29.08
CA ALA D 260 23.50 30.71 29.30
C ALA D 260 25.01 30.76 29.24
N THR D 261 25.66 30.65 30.40
CA THR D 261 27.10 30.78 30.52
C THR D 261 27.81 29.43 30.61
N ALA D 262 27.02 28.36 30.78
CA ALA D 262 27.59 27.02 30.93
C ALA D 262 28.43 26.61 29.72
N ASP D 263 29.54 25.94 29.99
CA ASP D 263 30.34 25.31 28.96
C ASP D 263 29.63 24.03 28.53
N ILE D 264 29.66 23.75 27.23
CA ILE D 264 29.10 22.51 26.70
C ILE D 264 30.16 21.43 26.82
N HIS D 265 29.74 20.23 27.26
CA HIS D 265 30.66 19.10 27.41
C HIS D 265 30.30 18.01 26.44
N LEU D 266 31.30 17.53 25.72
CA LEU D 266 31.10 16.51 24.69
C LEU D 266 32.21 15.46 24.74
N TRP D 267 31.82 14.18 24.62
CA TRP D 267 32.79 13.10 24.44
C TRP D 267 32.59 12.50 23.08
N ASP D 268 33.64 12.50 22.26
CA ASP D 268 33.53 12.01 20.88
C ASP D 268 34.20 10.65 20.66
N ASP D 269 34.51 9.97 21.76
CA ASP D 269 35.29 8.73 21.70
C ASP D 269 34.46 7.49 21.37
N TYR D 270 33.15 7.64 21.16
CA TYR D 270 32.25 6.48 21.18
C TYR D 270 31.39 6.23 19.93
N PHE D 271 31.68 6.94 18.83
CA PHE D 271 30.83 6.82 17.63
C PHE D 271 31.52 6.23 16.39
N ALA D 272 32.86 6.13 16.45
CA ALA D 272 33.63 5.59 15.33
C ALA D 272 33.17 4.17 14.97
N PRO D 273 33.18 3.82 13.67
CA PRO D 273 33.73 4.60 12.56
C PRO D 273 32.82 5.65 11.91
N GLY D 274 31.63 5.89 12.46
CA GLY D 274 30.80 7.00 11.96
C GLY D 274 29.33 6.92 12.26
N TYR D 275 28.61 8.00 11.93
CA TYR D 275 27.16 8.01 12.15
C TYR D 275 26.48 6.82 11.48
N GLY D 276 25.68 6.09 12.25
CA GLY D 276 24.90 5.00 11.70
C GLY D 276 25.64 3.68 11.54
N VAL D 277 26.93 3.68 11.84
CA VAL D 277 27.72 2.45 11.82
C VAL D 277 27.81 1.90 13.24
N PRO D 278 27.33 0.65 13.45
CA PRO D 278 27.44 0.06 14.79
C PRO D 278 28.89 -0.16 15.17
N ASN D 279 29.19 -0.10 16.45
CA ASN D 279 30.51 -0.52 16.92
C ASN D 279 30.37 -1.52 18.08
N ASP D 280 31.49 -2.13 18.46
CA ASP D 280 31.48 -3.18 19.50
C ASP D 280 31.00 -2.72 20.88
N ALA D 281 31.47 -1.56 21.33
CA ALA D 281 31.06 -1.06 22.63
C ALA D 281 29.57 -0.71 22.65
N GLY D 282 29.08 -0.13 21.55
CA GLY D 282 27.65 0.12 21.39
C GLY D 282 26.82 -1.15 21.48
N MET D 283 27.26 -2.18 20.75
CA MET D 283 26.59 -3.48 20.77
C MET D 283 26.52 -4.04 22.17
N GLU D 284 27.66 -3.99 22.86
CA GLU D 284 27.77 -4.52 24.21
C GLU D 284 26.85 -3.77 25.18
N ALA D 285 26.78 -2.45 25.04
CA ALA D 285 25.89 -1.61 25.84
C ALA D 285 24.44 -2.01 25.62
N VAL D 286 24.07 -2.24 24.36
CA VAL D 286 22.73 -2.72 24.00
C VAL D 286 22.44 -4.06 24.70
N LYS D 287 23.37 -5.01 24.55
CA LYS D 287 23.25 -6.33 25.20
C LYS D 287 23.16 -6.20 26.73
N LEU D 288 23.93 -5.29 27.31
CA LEU D 288 23.95 -5.13 28.77
C LEU D 288 22.62 -4.64 29.33
N LEU D 289 22.08 -3.58 28.73
CA LEU D 289 20.85 -2.95 29.20
C LEU D 289 19.64 -3.86 29.01
N ALA D 290 19.59 -4.55 27.89
CA ALA D 290 18.55 -5.55 27.63
C ALA D 290 18.60 -6.70 28.65
N SER D 291 19.77 -7.30 28.83
CA SER D 291 19.93 -8.47 29.69
C SER D 291 19.89 -8.17 31.18
N LEU D 292 20.33 -6.97 31.59
CA LEU D 292 20.26 -6.60 33.00
C LEU D 292 18.96 -5.91 33.38
N GLU D 293 18.40 -5.13 32.47
CA GLU D 293 17.25 -4.29 32.84
C GLU D 293 16.01 -4.49 31.99
N GLY D 294 16.11 -5.32 30.95
CA GLY D 294 15.01 -5.45 29.98
C GLY D 294 14.73 -4.15 29.25
N VAL D 295 15.74 -3.29 29.14
CA VAL D 295 15.62 -2.01 28.44
C VAL D 295 16.26 -2.11 27.04
N LEU D 296 15.54 -1.64 26.03
CA LEU D 296 16.04 -1.67 24.65
C LEU D 296 16.64 -0.35 24.20
N LEU D 297 17.94 -0.39 23.89
CA LEU D 297 18.66 0.73 23.29
C LEU D 297 18.76 0.52 21.79
N ASP D 298 19.64 1.27 21.11
CA ASP D 298 19.76 1.15 19.64
C ASP D 298 21.21 1.29 19.17
N PRO D 299 21.53 0.76 17.97
CA PRO D 299 22.95 0.77 17.55
C PRO D 299 23.50 2.12 17.11
N VAL D 300 22.61 3.07 16.79
CA VAL D 300 22.99 4.36 16.21
C VAL D 300 23.21 5.44 17.27
N TYR D 301 22.28 5.57 18.21
CA TYR D 301 22.33 6.62 19.23
C TYR D 301 22.58 6.14 20.66
N THR D 302 21.57 5.54 21.27
CA THR D 302 21.59 5.26 22.70
C THR D 302 22.58 4.15 23.10
N GLY D 303 22.78 3.16 22.22
CA GLY D 303 23.85 2.19 22.46
C GLY D 303 25.21 2.86 22.56
N LYS D 304 25.44 3.85 21.70
CA LYS D 304 26.69 4.60 21.70
C LYS D 304 26.81 5.54 22.91
N ALA D 305 25.73 6.26 23.23
CA ALA D 305 25.72 7.12 24.42
C ALA D 305 25.95 6.30 25.71
N MET D 306 25.27 5.16 25.82
CA MET D 306 25.43 4.28 26.99
C MET D 306 26.85 3.73 27.07
N ALA D 307 27.43 3.39 25.92
CA ALA D 307 28.82 2.96 25.87
C ALA D 307 29.75 4.05 26.41
N GLY D 308 29.40 5.31 26.15
CA GLY D 308 30.15 6.45 26.66
C GLY D 308 30.02 6.60 28.18
N LEU D 309 28.79 6.47 28.67
CA LEU D 309 28.52 6.44 30.10
C LEU D 309 29.36 5.38 30.81
N ILE D 310 29.34 4.15 30.28
CA ILE D 310 30.03 3.00 30.90
C ILE D 310 31.54 3.25 30.94
N ASP D 311 32.09 3.73 29.84
CA ASP D 311 33.52 4.04 29.76
C ASP D 311 33.89 5.22 30.67
N GLY D 312 32.98 6.18 30.76
CA GLY D 312 33.16 7.32 31.64
C GLY D 312 33.35 6.88 33.09
N ILE D 313 32.53 5.92 33.52
CA ILE D 313 32.68 5.32 34.85
C ILE D 313 33.99 4.56 34.94
N SER D 314 34.24 3.69 33.96
CA SER D 314 35.47 2.91 33.90
C SER D 314 36.73 3.77 34.03
N GLN D 315 36.73 4.94 33.40
CA GLN D 315 37.92 5.77 33.30
C GLN D 315 37.91 6.98 34.23
N LYS D 316 36.91 7.05 35.13
CA LYS D 316 36.72 8.20 36.02
C LYS D 316 36.67 9.54 35.26
N ARG D 317 35.89 9.55 34.18
CA ARG D 317 35.76 10.72 33.32
C ARG D 317 34.84 11.78 33.89
N PHE D 318 33.87 11.38 34.69
CA PHE D 318 32.88 12.32 35.22
C PHE D 318 33.48 13.26 36.25
N ASN D 319 32.82 14.40 36.49
CA ASN D 319 33.29 15.38 37.47
C ASN D 319 33.50 14.78 38.85
N ASP D 320 32.54 13.95 39.29
CA ASP D 320 32.68 13.17 40.52
C ASP D 320 31.89 11.86 40.45
N ASP D 321 31.86 11.14 41.57
CA ASP D 321 31.37 9.77 41.64
C ASP D 321 29.87 9.58 41.86
N GLY D 322 29.11 10.67 41.88
CA GLY D 322 27.69 10.59 42.23
C GLY D 322 26.79 9.95 41.18
N PRO D 323 25.49 9.88 41.47
CA PRO D 323 24.52 9.26 40.56
C PRO D 323 24.52 9.88 39.17
N ILE D 324 24.32 9.05 38.16
CA ILE D 324 24.20 9.49 36.78
C ILE D 324 22.80 9.22 36.23
N LEU D 325 22.25 10.20 35.53
CA LEU D 325 21.01 10.05 34.79
C LEU D 325 21.27 9.90 33.30
N PHE D 326 20.88 8.76 32.75
CA PHE D 326 20.90 8.52 31.31
C PHE D 326 19.59 8.98 30.67
N ILE D 327 19.69 9.78 29.62
CA ILE D 327 18.48 10.20 28.90
C ILE D 327 18.24 9.17 27.79
N HIS D 328 17.17 8.40 27.95
CA HIS D 328 16.82 7.45 26.91
C HIS D 328 15.98 8.12 25.87
N THR D 329 16.64 8.47 24.77
CA THR D 329 16.05 9.20 23.66
C THR D 329 15.35 8.30 22.64
N GLY D 330 15.47 6.98 22.83
CA GLY D 330 14.72 6.01 22.03
C GLY D 330 15.55 5.26 21.02
N GLY D 331 15.00 5.09 19.82
CA GLY D 331 15.75 4.53 18.69
C GLY D 331 15.57 3.05 18.42
N ALA D 332 14.91 2.34 19.34
CA ALA D 332 14.78 0.87 19.28
C ALA D 332 14.31 0.27 17.95
N PRO D 333 13.43 0.97 17.19
CA PRO D 333 13.04 0.37 15.93
C PRO D 333 14.20 0.07 14.96
N ALA D 334 15.33 0.77 15.11
CA ALA D 334 16.51 0.52 14.26
C ALA D 334 17.15 -0.85 14.47
N LEU D 335 16.89 -1.44 15.64
CA LEU D 335 17.39 -2.80 15.94
C LEU D 335 17.01 -3.74 14.81
N PHE D 336 15.75 -3.67 14.38
CA PHE D 336 15.22 -4.56 13.36
C PHE D 336 15.75 -4.28 11.97
N ALA D 337 16.18 -3.05 11.72
CA ALA D 337 16.78 -2.69 10.44
C ALA D 337 18.25 -3.11 10.36
N TYR D 338 18.95 -3.03 11.49
CA TYR D 338 20.37 -3.30 11.53
C TYR D 338 20.71 -4.79 11.57
N HIS D 339 19.71 -5.59 11.94
CA HIS D 339 19.85 -7.04 12.00
C HIS D 339 19.66 -7.64 10.63
N PRO D 340 20.49 -8.64 10.25
CA PRO D 340 21.58 -9.24 11.02
C PRO D 340 22.90 -8.49 10.91
N HIS D 341 23.09 -7.75 9.82
CA HIS D 341 24.28 -6.91 9.65
C HIS D 341 24.05 -5.76 8.71
N VAL D 342 24.90 -4.75 8.87
CA VAL D 342 25.11 -3.66 7.92
C VAL D 342 23.82 -2.92 7.51
#